data_5HDP
#
_entry.id   5HDP
#
_cell.length_a   83.256
_cell.length_b   92.847
_cell.length_c   104.037
_cell.angle_alpha   115.06
_cell.angle_beta   106.09
_cell.angle_gamma   97.69
#
_symmetry.space_group_name_H-M   'P 1'
#
loop_
_entity.id
_entity.type
_entity.pdbx_description
1 polymer Hydrolase
2 non-polymer 'methyl 5-amino-6-(7-amino-6-methoxy-5,8-dioxo-5,8-dihydroquinolin-2-yl)-4-(2-hydroxy-3-methoxyphenyl)-3-methylpyridine-2-carboxylate'
3 water water
#
_entity_poly.entity_id   1
_entity_poly.type   'polypeptide(L)'
_entity_poly.pdbx_seq_one_letter_code
;VTALSRLGEPPSGHDGNSEVRRIAMKRATVPVLRRVAAVCAAALLVTVGTGGPASATGTRSAICRATTVEVTLGKGTGKM
WGELCRPAGSSPDTVVTMVHGATYNHNYWDFPYQPDKYSFRKMLNGAGYATFVVDRLGTGNSTVPPSSELNLTVEARQMH
EVVQGLRTGRIGGTGFGKVVLAGYALGSAVTSIEASTFHDVDAVLITALGHYNNPAGTQAIIDNGLSPNDDPVLKDRHHY
DDGYATTKPGSRKHVFYADRPMDPGVLATDELTKDANVFTEAADPLVIDPAVSRAIDVPVMFALGDRDPLMCGDGYEDCS
SQAALRAQEAPFWTSAPSFDVILVEDAGHGLNLVPNTRVYQDASRDWLDRVVGHGLEHHHHHH
;
_entity_poly.pdbx_strand_id   D,A,B,C,E,F,G
#
# COMPACT_ATOMS: atom_id res chain seq x y z
N SER A 61 -14.50 -3.61 -49.84
CA SER A 61 -14.30 -4.24 -51.17
C SER A 61 -13.10 -5.18 -51.14
N ALA A 62 -13.20 -6.24 -50.34
CA ALA A 62 -12.24 -7.37 -50.39
C ALA A 62 -12.93 -8.66 -49.95
N ILE A 63 -12.77 -9.71 -50.75
CA ILE A 63 -13.45 -10.98 -50.50
C ILE A 63 -12.58 -11.75 -49.51
N CYS A 64 -13.14 -12.18 -48.38
CA CYS A 64 -12.38 -12.95 -47.36
C CYS A 64 -13.11 -14.21 -46.85
N ARG A 65 -12.47 -15.37 -47.02
CA ARG A 65 -13.04 -16.64 -46.59
C ARG A 65 -12.16 -17.34 -45.57
N ALA A 66 -12.66 -17.42 -44.34
CA ALA A 66 -11.96 -18.11 -43.26
C ALA A 66 -12.05 -19.62 -43.49
N THR A 67 -11.00 -20.34 -43.13
CA THR A 67 -10.90 -21.77 -43.41
C THR A 67 -9.97 -22.38 -42.40
N THR A 68 -9.95 -23.71 -42.36
CA THR A 68 -9.01 -24.47 -41.52
C THR A 68 -8.17 -25.39 -42.41
N VAL A 69 -6.91 -25.63 -42.00
CA VAL A 69 -5.98 -26.49 -42.74
C VAL A 69 -5.49 -27.63 -41.85
N GLU A 70 -5.67 -28.86 -42.34
CA GLU A 70 -5.09 -30.07 -41.74
C GLU A 70 -3.56 -29.98 -41.80
N VAL A 71 -2.91 -30.08 -40.64
CA VAL A 71 -1.48 -29.80 -40.52
C VAL A 71 -0.79 -30.87 -39.67
N THR A 72 0.44 -31.25 -40.07
CA THR A 72 1.26 -32.24 -39.33
C THR A 72 1.58 -31.80 -37.90
N LEU A 73 1.48 -32.75 -36.96
CA LEU A 73 1.65 -32.51 -35.53
C LEU A 73 2.07 -33.82 -34.82
N GLY A 74 3.38 -34.11 -34.90
CA GLY A 74 3.97 -35.34 -34.36
C GLY A 74 3.58 -36.57 -35.16
N LYS A 75 2.53 -37.24 -34.72
CA LYS A 75 1.88 -38.30 -35.49
C LYS A 75 1.17 -37.70 -36.71
N GLY A 76 0.55 -36.54 -36.51
CA GLY A 76 -0.47 -36.01 -37.40
C GLY A 76 -1.75 -36.24 -36.61
N THR A 77 -2.77 -35.39 -36.72
CA THR A 77 -2.75 -34.07 -37.37
C THR A 77 -3.33 -33.03 -36.41
N GLY A 78 -3.17 -31.75 -36.75
CA GLY A 78 -3.76 -30.64 -36.00
C GLY A 78 -4.27 -29.54 -36.93
N LYS A 79 -5.18 -28.73 -36.41
CA LYS A 79 -5.85 -27.71 -37.21
C LYS A 79 -5.17 -26.33 -37.08
N MET A 80 -4.80 -25.77 -38.23
CA MET A 80 -4.28 -24.43 -38.33
C MET A 80 -5.35 -23.57 -38.95
N TRP A 81 -5.69 -22.50 -38.28
CA TRP A 81 -6.71 -21.60 -38.78
C TRP A 81 -6.04 -20.59 -39.67
N GLY A 82 -6.73 -20.19 -40.73
CA GLY A 82 -6.25 -19.11 -41.62
C GLY A 82 -7.33 -18.43 -42.42
N GLU A 83 -7.07 -17.19 -42.83
CA GLU A 83 -8.00 -16.43 -43.66
C GLU A 83 -7.36 -16.11 -45.00
N LEU A 84 -8.04 -16.46 -46.08
CA LEU A 84 -7.61 -16.18 -47.43
C LEU A 84 -8.43 -15.00 -47.92
N CYS A 85 -7.78 -13.96 -48.43
CA CYS A 85 -8.45 -12.77 -48.95
C CYS A 85 -7.94 -12.45 -50.34
N ARG A 86 -8.89 -12.11 -51.21
CA ARG A 86 -8.62 -11.68 -52.56
C ARG A 86 -9.19 -10.29 -52.75
N PRO A 87 -8.50 -9.44 -53.53
CA PRO A 87 -9.10 -8.16 -53.89
C PRO A 87 -10.42 -8.37 -54.64
N ALA A 88 -11.43 -7.57 -54.34
CA ALA A 88 -12.73 -7.68 -55.02
C ALA A 88 -12.58 -7.46 -56.52
N GLY A 89 -13.20 -8.34 -57.30
CA GLY A 89 -13.16 -8.27 -58.75
C GLY A 89 -11.77 -8.46 -59.32
N SER A 90 -11.09 -9.51 -58.82
CA SER A 90 -9.70 -9.78 -59.20
C SER A 90 -9.27 -11.17 -58.70
N SER A 91 -8.39 -11.82 -59.46
CA SER A 91 -7.93 -13.18 -59.18
C SER A 91 -6.41 -13.27 -59.37
N PRO A 92 -5.62 -12.94 -58.33
CA PRO A 92 -4.17 -12.83 -58.49
C PRO A 92 -3.47 -14.17 -58.48
N ASP A 93 -2.32 -14.22 -59.16
CA ASP A 93 -1.46 -15.39 -59.22
C ASP A 93 -0.59 -15.43 -57.98
N THR A 94 -0.31 -14.28 -57.36
CA THR A 94 0.50 -14.21 -56.14
C THR A 94 -0.28 -14.09 -54.83
N VAL A 95 0.05 -14.99 -53.89
CA VAL A 95 -0.44 -14.93 -52.51
C VAL A 95 0.71 -14.67 -51.52
N VAL A 96 0.48 -13.77 -50.56
CA VAL A 96 1.43 -13.45 -49.49
C VAL A 96 0.94 -14.11 -48.20
N THR A 97 1.70 -15.11 -47.74
CA THR A 97 1.38 -15.85 -46.51
C THR A 97 2.09 -15.21 -45.31
N MET A 98 1.29 -14.85 -44.29
CA MET A 98 1.75 -13.99 -43.22
C MET A 98 1.78 -14.69 -41.88
N VAL A 99 2.98 -14.96 -41.38
CA VAL A 99 3.17 -15.71 -40.13
C VAL A 99 3.45 -14.73 -39.01
N HIS A 100 2.59 -14.68 -38.01
CA HIS A 100 2.75 -13.74 -36.88
C HIS A 100 3.85 -14.16 -35.90
N GLY A 101 4.14 -13.28 -34.96
CA GLY A 101 5.17 -13.50 -33.97
C GLY A 101 4.65 -13.91 -32.60
N ALA A 102 5.58 -14.01 -31.65
CA ALA A 102 5.27 -14.56 -30.31
C ALA A 102 4.46 -13.63 -29.42
N THR A 103 3.40 -14.21 -28.88
CA THR A 103 2.45 -13.54 -28.02
C THR A 103 1.41 -12.78 -28.85
N TYR A 104 1.63 -12.69 -30.16
CA TYR A 104 0.63 -12.22 -31.10
C TYR A 104 -0.09 -13.39 -31.80
N ASN A 105 -1.11 -13.03 -32.56
CA ASN A 105 -1.84 -13.95 -33.41
C ASN A 105 -2.08 -13.28 -34.78
N HIS A 106 -3.03 -13.79 -35.57
CA HIS A 106 -3.26 -13.30 -36.94
C HIS A 106 -3.56 -11.79 -37.03
N ASN A 107 -4.28 -11.27 -36.04
CA ASN A 107 -4.51 -9.84 -35.90
C ASN A 107 -3.29 -8.94 -36.11
N TYR A 108 -2.09 -9.36 -35.76
CA TYR A 108 -0.90 -8.54 -36.05
C TYR A 108 -0.81 -8.15 -37.53
N TRP A 109 -0.98 -9.13 -38.41
CA TRP A 109 -0.97 -8.91 -39.86
C TRP A 109 -2.30 -8.43 -40.49
N ASP A 110 -3.40 -8.53 -39.74
CA ASP A 110 -4.69 -7.94 -40.13
C ASP A 110 -5.33 -7.23 -38.93
N PHE A 111 -4.67 -6.18 -38.52
CA PHE A 111 -5.01 -5.43 -37.33
C PHE A 111 -6.38 -4.75 -37.53
N PRO A 112 -7.30 -4.90 -36.55
CA PRO A 112 -8.68 -4.45 -36.64
C PRO A 112 -9.00 -3.00 -36.20
N TYR A 113 -8.03 -2.26 -35.68
CA TYR A 113 -8.24 -0.85 -35.35
C TYR A 113 -7.62 0.03 -36.46
N GLN A 114 -8.40 0.97 -37.00
CA GLN A 114 -7.99 1.80 -38.15
C GLN A 114 -7.31 0.98 -39.27
N PRO A 115 -7.94 -0.12 -39.72
CA PRO A 115 -7.29 -1.05 -40.68
C PRO A 115 -6.77 -0.37 -41.94
N ASP A 116 -7.47 0.66 -42.41
CA ASP A 116 -6.99 1.50 -43.51
C ASP A 116 -5.53 1.91 -43.32
N LYS A 117 -5.15 2.20 -42.08
CA LYS A 117 -3.79 2.59 -41.74
C LYS A 117 -2.93 1.40 -41.29
N TYR A 118 -3.41 0.57 -40.38
CA TYR A 118 -2.55 -0.41 -39.70
C TYR A 118 -2.62 -1.86 -40.17
N SER A 119 -3.68 -2.26 -40.88
CA SER A 119 -3.77 -3.62 -41.42
C SER A 119 -2.88 -3.81 -42.63
N PHE A 120 -1.81 -4.55 -42.45
CA PHE A 120 -0.90 -4.91 -43.55
C PHE A 120 -1.54 -5.77 -44.64
N ARG A 121 -2.39 -6.71 -44.23
CA ARG A 121 -3.17 -7.53 -45.15
C ARG A 121 -3.93 -6.70 -46.13
N LYS A 122 -4.63 -5.70 -45.59
CA LYS A 122 -5.53 -4.86 -46.36
C LYS A 122 -4.73 -4.06 -47.36
N MET A 123 -3.70 -3.37 -46.90
CA MET A 123 -2.74 -2.73 -47.80
C MET A 123 -2.35 -3.66 -48.97
N LEU A 124 -2.04 -4.92 -48.66
CA LEU A 124 -1.67 -5.89 -49.69
C LEU A 124 -2.78 -6.17 -50.71
N ASN A 125 -3.99 -6.36 -50.22
CA ASN A 125 -5.15 -6.58 -51.10
C ASN A 125 -5.39 -5.38 -52.01
N GLY A 126 -5.31 -4.17 -51.44
CA GLY A 126 -5.36 -2.94 -52.21
C GLY A 126 -4.27 -2.80 -53.25
N ALA A 127 -3.13 -3.44 -53.03
CA ALA A 127 -2.06 -3.52 -54.04
C ALA A 127 -2.29 -4.58 -55.13
N GLY A 128 -3.35 -5.38 -55.01
CA GLY A 128 -3.68 -6.43 -55.98
C GLY A 128 -3.36 -7.85 -55.55
N TYR A 129 -2.64 -8.01 -54.46
CA TYR A 129 -2.18 -9.30 -54.01
C TYR A 129 -3.25 -10.08 -53.25
N ALA A 130 -3.21 -11.41 -53.38
CA ALA A 130 -3.98 -12.29 -52.48
C ALA A 130 -3.16 -12.45 -51.23
N THR A 131 -3.81 -12.75 -50.12
CA THR A 131 -3.14 -12.84 -48.84
C THR A 131 -3.69 -13.98 -48.04
N PHE A 132 -2.82 -14.63 -47.27
CA PHE A 132 -3.20 -15.70 -46.34
C PHE A 132 -2.58 -15.52 -44.95
N VAL A 133 -3.31 -14.84 -44.07
CA VAL A 133 -2.85 -14.61 -42.70
C VAL A 133 -3.30 -15.81 -41.90
N VAL A 134 -2.44 -16.33 -41.03
CA VAL A 134 -2.72 -17.58 -40.28
C VAL A 134 -2.69 -17.34 -38.78
N ASP A 135 -3.31 -18.28 -38.06
CA ASP A 135 -3.12 -18.47 -36.63
C ASP A 135 -2.17 -19.68 -36.46
N ARG A 136 -0.91 -19.42 -36.14
CA ARG A 136 0.01 -20.44 -35.64
C ARG A 136 -0.65 -21.33 -34.59
N LEU A 137 -0.38 -22.64 -34.63
CA LEU A 137 -0.90 -23.55 -33.62
C LEU A 137 -0.48 -23.09 -32.23
N GLY A 138 -1.41 -23.20 -31.28
CA GLY A 138 -1.28 -22.64 -29.92
C GLY A 138 -1.99 -21.31 -29.71
N THR A 139 -2.41 -20.67 -30.81
CA THR A 139 -2.92 -19.29 -30.76
C THR A 139 -4.26 -19.16 -31.48
N GLY A 140 -5.10 -18.25 -31.00
CA GLY A 140 -6.34 -17.89 -31.67
C GLY A 140 -7.29 -19.05 -31.94
N ASN A 141 -7.72 -19.20 -33.20
CA ASN A 141 -8.67 -20.25 -33.64
C ASN A 141 -8.00 -21.58 -34.04
N SER A 142 -6.67 -21.64 -34.05
CA SER A 142 -5.98 -22.88 -34.36
C SER A 142 -5.98 -23.84 -33.17
N THR A 143 -5.67 -25.11 -33.43
CA THR A 143 -5.50 -26.11 -32.38
C THR A 143 -4.47 -25.64 -31.37
N VAL A 144 -4.76 -25.88 -30.10
CA VAL A 144 -3.86 -25.58 -28.99
C VAL A 144 -3.40 -26.91 -28.37
N PRO A 145 -2.31 -27.49 -28.90
CA PRO A 145 -1.86 -28.78 -28.41
C PRO A 145 -1.05 -28.62 -27.12
N PRO A 146 -0.57 -29.75 -26.56
CA PRO A 146 0.49 -29.71 -25.54
C PRO A 146 1.74 -29.00 -26.07
N SER A 147 2.29 -28.10 -25.26
CA SER A 147 3.48 -27.33 -25.63
C SER A 147 4.65 -28.21 -26.10
N SER A 148 4.82 -29.39 -25.52
CA SER A 148 5.90 -30.32 -25.92
C SER A 148 5.85 -30.73 -27.41
N GLU A 149 4.63 -30.88 -27.94
CA GLU A 149 4.43 -31.23 -29.35
C GLU A 149 4.88 -30.16 -30.35
N LEU A 150 5.02 -28.89 -29.91
CA LEU A 150 5.33 -27.74 -30.79
C LEU A 150 6.73 -27.19 -30.65
N ASN A 151 7.37 -26.92 -31.78
CA ASN A 151 8.65 -26.20 -31.80
C ASN A 151 8.83 -25.57 -33.18
N LEU A 152 9.86 -24.73 -33.35
CA LEU A 152 10.04 -24.00 -34.61
C LEU A 152 10.09 -24.89 -35.85
N THR A 153 10.85 -25.97 -35.78
CA THR A 153 11.05 -26.88 -36.92
C THR A 153 9.77 -27.64 -37.31
N VAL A 154 9.06 -28.13 -36.30
CA VAL A 154 7.71 -28.66 -36.47
C VAL A 154 6.81 -27.59 -37.12
N GLU A 155 6.81 -26.38 -36.56
CA GLU A 155 5.97 -25.28 -37.07
C GLU A 155 6.31 -24.90 -38.51
N ALA A 156 7.59 -24.96 -38.89
CA ALA A 156 8.00 -24.67 -40.27
C ALA A 156 7.45 -25.71 -41.24
N ARG A 157 7.44 -26.96 -40.83
CA ARG A 157 6.82 -28.02 -41.62
C ARG A 157 5.33 -27.76 -41.82
N GLN A 158 4.69 -27.14 -40.82
CA GLN A 158 3.27 -26.79 -40.91
C GLN A 158 3.08 -25.70 -41.98
N MET A 159 3.98 -24.73 -41.96
CA MET A 159 3.99 -23.62 -42.94
C MET A 159 4.29 -24.07 -44.34
N HIS A 160 5.18 -25.05 -44.45
CA HIS A 160 5.43 -25.73 -45.72
C HIS A 160 4.16 -26.33 -46.26
N GLU A 161 3.39 -26.98 -45.41
CA GLU A 161 2.09 -27.54 -45.78
C GLU A 161 1.05 -26.49 -46.21
N VAL A 162 1.05 -25.33 -45.58
CA VAL A 162 0.16 -24.22 -45.98
C VAL A 162 0.54 -23.67 -47.36
N VAL A 163 1.84 -23.52 -47.61
CA VAL A 163 2.36 -23.08 -48.91
C VAL A 163 1.95 -24.07 -49.99
N GLN A 164 2.40 -25.30 -49.78
CA GLN A 164 2.03 -26.49 -50.54
C GLN A 164 0.56 -26.47 -50.95
N GLY A 165 -0.31 -26.21 -49.96
CA GLY A 165 -1.75 -26.19 -50.18
C GLY A 165 -2.28 -24.97 -50.92
N LEU A 166 -1.56 -23.85 -50.82
CA LEU A 166 -1.89 -22.63 -51.57
C LEU A 166 -1.46 -22.76 -53.03
N ARG A 167 -0.35 -23.44 -53.28
CA ARG A 167 0.12 -23.66 -54.65
C ARG A 167 -0.82 -24.62 -55.40
N THR A 168 -1.13 -25.76 -54.79
CA THR A 168 -1.96 -26.79 -55.45
C THR A 168 -3.44 -26.43 -55.54
N GLY A 169 -3.91 -25.52 -54.69
CA GLY A 169 -5.33 -25.12 -54.68
C GLY A 169 -6.18 -25.79 -53.60
N ARG A 170 -5.61 -26.74 -52.86
CA ARG A 170 -6.29 -27.30 -51.68
C ARG A 170 -6.86 -26.21 -50.80
N ILE A 171 -6.05 -25.18 -50.55
CA ILE A 171 -6.51 -23.99 -49.84
C ILE A 171 -6.89 -22.95 -50.89
N GLY A 172 -8.15 -22.53 -50.87
CA GLY A 172 -8.63 -21.46 -51.75
C GLY A 172 -9.29 -21.85 -53.07
N GLY A 173 -9.00 -23.04 -53.57
CA GLY A 173 -9.60 -23.51 -54.82
C GLY A 173 -8.84 -23.18 -56.09
N THR A 174 -8.51 -21.91 -56.29
CA THR A 174 -7.86 -21.45 -57.55
C THR A 174 -6.43 -21.95 -57.72
N GLY A 175 -5.64 -21.94 -56.64
CA GLY A 175 -4.26 -22.40 -56.70
C GLY A 175 -3.33 -21.35 -57.29
N PHE A 176 -2.34 -20.94 -56.50
CA PHE A 176 -1.51 -19.77 -56.78
C PHE A 176 -0.21 -20.17 -57.42
N GLY A 177 0.29 -19.31 -58.32
CA GLY A 177 1.54 -19.57 -59.04
C GLY A 177 2.78 -19.15 -58.26
N LYS A 178 2.72 -17.97 -57.67
CA LYS A 178 3.79 -17.50 -56.82
C LYS A 178 3.30 -17.41 -55.36
N VAL A 179 4.17 -17.77 -54.41
CA VAL A 179 3.89 -17.65 -52.96
C VAL A 179 4.98 -16.86 -52.28
N VAL A 180 4.58 -15.82 -51.54
CA VAL A 180 5.50 -15.08 -50.71
C VAL A 180 5.22 -15.44 -49.25
N LEU A 181 6.30 -15.63 -48.49
CA LEU A 181 6.26 -15.84 -47.03
C LEU A 181 6.66 -14.56 -46.33
N ALA A 182 5.81 -14.11 -45.43
CA ALA A 182 6.03 -12.92 -44.62
C ALA A 182 6.05 -13.31 -43.15
N GLY A 183 7.02 -12.77 -42.43
CA GLY A 183 7.28 -13.19 -41.08
C GLY A 183 7.48 -12.01 -40.16
N TYR A 184 6.91 -12.15 -38.96
CA TYR A 184 7.12 -11.17 -37.93
C TYR A 184 7.69 -11.85 -36.72
N ALA A 185 8.86 -11.41 -36.32
CA ALA A 185 9.47 -11.81 -35.08
C ALA A 185 9.79 -13.29 -35.14
N LEU A 186 9.37 -14.11 -34.17
CA LEU A 186 9.63 -15.55 -34.22
C LEU A 186 8.94 -16.23 -35.39
N GLY A 187 7.93 -15.56 -35.97
CA GLY A 187 7.38 -15.95 -37.25
C GLY A 187 8.36 -15.83 -38.40
N SER A 188 9.24 -14.84 -38.33
CA SER A 188 10.37 -14.75 -39.27
C SER A 188 11.37 -15.92 -39.14
N ALA A 189 11.56 -16.44 -37.92
CA ALA A 189 12.38 -17.63 -37.73
C ALA A 189 11.70 -18.87 -38.33
N VAL A 190 10.40 -18.97 -38.14
CA VAL A 190 9.59 -20.02 -38.75
C VAL A 190 9.74 -19.90 -40.28
N THR A 191 9.57 -18.68 -40.77
CA THR A 191 9.68 -18.35 -42.18
C THR A 191 11.05 -18.75 -42.76
N SER A 192 12.11 -18.36 -42.07
CA SER A 192 13.45 -18.65 -42.52
C SER A 192 13.68 -20.16 -42.65
N ILE A 193 13.35 -20.90 -41.61
CA ILE A 193 13.52 -22.37 -41.60
C ILE A 193 12.73 -23.00 -42.77
N GLU A 194 11.47 -22.59 -42.94
CA GLU A 194 10.63 -23.05 -44.06
C GLU A 194 11.34 -22.79 -45.39
N ALA A 195 11.71 -21.54 -45.62
CA ALA A 195 12.43 -21.17 -46.84
C ALA A 195 13.69 -22.01 -47.02
N SER A 196 14.40 -22.30 -45.92
CA SER A 196 15.69 -22.96 -45.99
C SER A 196 15.60 -24.43 -46.22
N THR A 197 14.60 -25.03 -45.60
CA THR A 197 14.42 -26.45 -45.66
C THR A 197 13.84 -26.90 -47.02
N PHE A 198 12.76 -26.25 -47.43
CA PHE A 198 11.93 -26.69 -48.54
C PHE A 198 12.09 -25.93 -49.86
N HIS A 199 12.55 -24.69 -49.81
CA HIS A 199 12.82 -23.93 -51.03
C HIS A 199 11.60 -23.84 -51.95
N ASP A 200 10.43 -23.69 -51.34
CA ASP A 200 9.16 -23.68 -52.09
C ASP A 200 8.45 -22.33 -52.02
N VAL A 201 9.22 -21.26 -51.85
CA VAL A 201 8.66 -19.92 -51.80
C VAL A 201 9.50 -19.00 -52.65
N ASP A 202 8.84 -18.01 -53.26
CA ASP A 202 9.45 -17.19 -54.30
C ASP A 202 10.17 -15.93 -53.78
N ALA A 203 9.85 -15.54 -52.56
CA ALA A 203 10.51 -14.45 -51.86
C ALA A 203 10.10 -14.49 -50.40
N VAL A 204 10.90 -13.84 -49.56
CA VAL A 204 10.78 -13.93 -48.11
C VAL A 204 10.81 -12.52 -47.54
N LEU A 205 9.87 -12.20 -46.68
CA LEU A 205 9.84 -10.90 -46.01
C LEU A 205 10.10 -11.12 -44.54
N ILE A 206 11.26 -10.68 -44.07
CA ILE A 206 11.71 -10.85 -42.69
C ILE A 206 11.48 -9.55 -41.94
N THR A 207 10.79 -9.61 -40.80
CA THR A 207 10.52 -8.43 -39.98
C THR A 207 10.75 -8.73 -38.51
N ALA A 208 11.29 -7.73 -37.81
CA ALA A 208 11.45 -7.75 -36.36
C ALA A 208 12.27 -8.90 -35.79
N LEU A 209 13.27 -9.37 -36.53
CA LEU A 209 14.11 -10.45 -36.06
C LEU A 209 15.45 -10.27 -36.68
N GLY A 210 16.44 -9.98 -35.85
CA GLY A 210 17.82 -9.81 -36.30
C GLY A 210 18.67 -10.95 -35.79
N HIS A 211 19.84 -11.07 -36.39
CA HIS A 211 20.81 -12.10 -35.98
C HIS A 211 21.51 -11.73 -34.66
N TYR A 212 21.75 -10.44 -34.44
CA TYR A 212 22.19 -9.94 -33.14
C TYR A 212 20.97 -9.44 -32.39
N ASN A 213 21.12 -9.31 -31.07
CA ASN A 213 20.02 -9.03 -30.17
C ASN A 213 20.47 -8.50 -28.81
N ASN A 214 19.49 -8.09 -28.01
CA ASN A 214 19.72 -7.47 -26.71
C ASN A 214 19.21 -8.40 -25.59
N PRO A 215 20.14 -8.93 -24.75
CA PRO A 215 19.75 -9.81 -23.63
C PRO A 215 18.77 -9.17 -22.68
N ALA A 216 18.99 -7.89 -22.38
CA ALA A 216 18.14 -7.13 -21.46
C ALA A 216 16.73 -6.91 -21.99
N GLY A 217 16.61 -6.72 -23.30
CA GLY A 217 15.30 -6.70 -23.96
C GLY A 217 14.56 -8.00 -23.71
N THR A 218 15.24 -9.12 -24.01
CA THR A 218 14.68 -10.47 -23.82
C THR A 218 14.32 -10.75 -22.36
N GLN A 219 15.19 -10.32 -21.45
CA GLN A 219 14.97 -10.48 -20.03
C GLN A 219 13.73 -9.72 -19.51
N ALA A 220 13.48 -8.53 -20.06
CA ALA A 220 12.28 -7.74 -19.72
C ALA A 220 10.99 -8.47 -20.05
N ILE A 221 11.00 -9.21 -21.15
CA ILE A 221 9.88 -10.10 -21.49
C ILE A 221 9.72 -11.16 -20.40
N ILE A 222 10.82 -11.84 -20.04
CA ILE A 222 10.81 -12.82 -18.95
C ILE A 222 10.34 -12.21 -17.60
N ASP A 223 10.75 -10.98 -17.30
CA ASP A 223 10.33 -10.31 -16.04
C ASP A 223 8.87 -9.85 -16.07
N ASN A 224 8.29 -9.76 -17.27
CA ASN A 224 6.87 -9.43 -17.47
C ASN A 224 6.01 -10.60 -17.95
N GLY A 225 6.55 -11.81 -17.90
CA GLY A 225 5.80 -12.98 -18.33
C GLY A 225 4.79 -13.43 -17.29
N LEU A 226 3.77 -14.15 -17.75
CA LEU A 226 2.90 -14.90 -16.84
C LEU A 226 2.20 -15.99 -17.59
N SER A 227 1.47 -16.85 -16.89
CA SER A 227 0.76 -17.96 -17.53
C SER A 227 -0.61 -17.51 -18.03
N PRO A 228 -0.98 -17.89 -19.27
CA PRO A 228 -2.29 -17.52 -19.82
C PRO A 228 -3.56 -17.98 -19.06
N ASN A 229 -3.42 -18.85 -18.06
CA ASN A 229 -4.57 -19.19 -17.19
C ASN A 229 -4.86 -18.10 -16.15
N ASP A 230 -3.89 -17.24 -15.90
CA ASP A 230 -4.02 -16.14 -14.94
C ASP A 230 -4.36 -14.80 -15.63
N ASP A 231 -4.41 -14.81 -16.98
CA ASP A 231 -4.64 -13.61 -17.78
C ASP A 231 -6.12 -13.44 -18.13
N PRO A 232 -6.74 -12.30 -17.74
CA PRO A 232 -8.19 -12.08 -17.96
C PRO A 232 -8.68 -12.25 -19.41
N VAL A 233 -7.87 -11.82 -20.38
CA VAL A 233 -8.20 -11.93 -21.81
C VAL A 233 -8.22 -13.40 -22.31
N LEU A 234 -7.30 -14.23 -21.81
CA LEU A 234 -7.06 -15.60 -22.30
C LEU A 234 -7.60 -16.75 -21.39
N LYS A 235 -8.00 -16.42 -20.14
CA LYS A 235 -8.51 -17.41 -19.12
C LYS A 235 -9.53 -18.42 -19.63
N ASP A 236 -10.56 -17.89 -20.28
CA ASP A 236 -11.77 -18.65 -20.60
C ASP A 236 -11.59 -19.62 -21.79
N ARG A 237 -10.63 -19.34 -22.68
CA ARG A 237 -10.52 -20.06 -23.96
C ARG A 237 -10.08 -21.52 -23.79
N HIS A 238 -8.96 -21.72 -23.09
CA HIS A 238 -8.36 -23.04 -22.95
C HIS A 238 -7.79 -23.19 -21.57
N HIS A 239 -7.33 -24.40 -21.27
CA HIS A 239 -6.52 -24.66 -20.08
C HIS A 239 -5.13 -24.95 -20.63
N TYR A 240 -4.27 -23.94 -20.57
CA TYR A 240 -2.95 -24.04 -21.16
C TYR A 240 -1.99 -24.75 -20.22
N ASP A 241 -1.11 -25.60 -20.75
CA ASP A 241 -0.15 -26.31 -19.92
C ASP A 241 1.00 -25.39 -19.50
N ASP A 242 1.96 -25.91 -18.74
CA ASP A 242 2.99 -25.04 -18.13
C ASP A 242 4.07 -24.51 -19.09
N GLY A 243 4.04 -24.86 -20.37
CA GLY A 243 5.00 -24.33 -21.37
C GLY A 243 4.41 -23.24 -22.29
N TYR A 244 3.15 -22.90 -22.10
CA TYR A 244 2.56 -21.68 -22.71
C TYR A 244 2.72 -20.47 -21.82
N ALA A 245 3.01 -19.34 -22.44
CA ALA A 245 3.11 -18.06 -21.75
C ALA A 245 2.42 -16.94 -22.54
N THR A 246 2.29 -15.80 -21.89
CA THR A 246 1.87 -14.59 -22.52
C THR A 246 2.54 -13.47 -21.74
N THR A 247 2.20 -12.21 -22.05
CA THR A 247 2.72 -11.03 -21.31
C THR A 247 1.73 -10.53 -20.28
N LYS A 248 2.22 -9.85 -19.24
CA LYS A 248 1.34 -9.21 -18.25
C LYS A 248 0.52 -8.12 -18.91
N PRO A 249 -0.66 -7.80 -18.33
CA PRO A 249 -1.40 -6.57 -18.70
C PRO A 249 -0.56 -5.29 -18.52
N GLY A 250 -0.69 -4.38 -19.49
CA GLY A 250 0.03 -3.12 -19.45
C GLY A 250 1.53 -3.18 -19.69
N SER A 251 2.10 -4.33 -19.97
CA SER A 251 3.52 -4.45 -20.09
C SER A 251 3.98 -4.24 -21.52
N ARG A 252 3.16 -4.65 -22.49
CA ARG A 252 3.53 -4.61 -23.92
C ARG A 252 4.09 -3.29 -24.38
N LYS A 253 3.42 -2.22 -23.97
CA LYS A 253 3.89 -0.86 -24.20
C LYS A 253 5.42 -0.69 -24.09
N HIS A 254 5.99 -1.20 -23.01
CA HIS A 254 7.41 -1.11 -22.77
C HIS A 254 8.20 -2.25 -23.43
N VAL A 255 7.82 -3.49 -23.16
CA VAL A 255 8.65 -4.65 -23.57
C VAL A 255 8.78 -4.85 -25.07
N PHE A 256 7.71 -4.54 -25.81
CA PHE A 256 7.73 -4.59 -27.28
C PHE A 256 7.93 -3.21 -27.89
N TYR A 257 7.11 -2.23 -27.52
CA TYR A 257 7.06 -0.97 -28.27
C TYR A 257 8.00 0.10 -27.78
N ALA A 258 8.67 -0.17 -26.67
CA ALA A 258 9.79 0.65 -26.22
C ALA A 258 9.32 1.97 -25.65
N ASP A 259 8.04 2.09 -25.33
CA ASP A 259 7.44 3.34 -24.89
C ASP A 259 7.40 4.43 -25.93
N ARG A 260 7.39 4.08 -27.22
CA ARG A 260 7.39 5.11 -28.25
C ARG A 260 5.99 5.56 -28.51
N PRO A 261 5.85 6.77 -29.10
CA PRO A 261 4.52 7.30 -29.38
C PRO A 261 3.68 6.35 -30.20
N MET A 262 2.47 6.09 -29.70
CA MET A 262 1.48 5.26 -30.37
C MET A 262 0.09 5.86 -30.16
N ASP A 263 -0.84 5.44 -31.00
CA ASP A 263 -2.24 5.76 -30.84
C ASP A 263 -2.68 4.96 -29.59
N PRO A 264 -3.42 5.59 -28.66
CA PRO A 264 -3.94 4.86 -27.49
C PRO A 264 -4.83 3.68 -27.85
N GLY A 265 -5.55 3.79 -28.97
CA GLY A 265 -6.45 2.75 -29.46
C GLY A 265 -5.69 1.56 -30.01
N VAL A 266 -4.54 1.82 -30.59
CA VAL A 266 -3.65 0.74 -31.03
C VAL A 266 -3.15 -0.12 -29.83
N LEU A 267 -2.61 0.51 -28.78
CA LEU A 267 -2.18 -0.21 -27.56
C LEU A 267 -3.31 -1.00 -26.90
N ALA A 268 -4.50 -0.41 -26.85
CA ALA A 268 -5.64 -1.08 -26.25
C ALA A 268 -6.07 -2.29 -27.09
N THR A 269 -5.97 -2.16 -28.41
CA THR A 269 -6.36 -3.20 -29.34
C THR A 269 -5.36 -4.32 -29.32
N ASP A 270 -4.11 -3.96 -29.14
CA ASP A 270 -3.06 -4.93 -29.03
C ASP A 270 -3.24 -5.79 -27.77
N GLU A 271 -3.47 -5.17 -26.63
CA GLU A 271 -3.72 -5.92 -25.39
C GLU A 271 -5.00 -6.73 -25.42
N LEU A 272 -5.98 -6.36 -26.24
CA LEU A 272 -7.23 -7.12 -26.33
C LEU A 272 -7.19 -8.26 -27.35
N THR A 273 -6.24 -8.21 -28.27
CA THR A 273 -6.00 -9.24 -29.30
C THR A 273 -4.67 -9.99 -29.09
N LYS A 274 -4.07 -9.86 -27.92
CA LYS A 274 -2.85 -10.58 -27.61
C LYS A 274 -3.11 -12.08 -27.51
N ASP A 275 -2.04 -12.87 -27.48
CA ASP A 275 -2.21 -14.31 -27.36
C ASP A 275 -1.13 -14.99 -26.52
N ALA A 276 -1.29 -16.31 -26.37
CA ALA A 276 -0.31 -17.15 -25.74
C ALA A 276 0.82 -17.50 -26.70
N ASN A 277 1.83 -18.18 -26.17
CA ASN A 277 2.94 -18.70 -26.97
C ASN A 277 3.74 -19.78 -26.22
N VAL A 278 4.46 -20.60 -26.98
CA VAL A 278 5.31 -21.63 -26.42
C VAL A 278 6.70 -21.00 -26.26
N PHE A 279 7.11 -20.75 -25.03
CA PHE A 279 8.26 -19.88 -24.77
C PHE A 279 9.64 -20.53 -24.93
N THR A 280 9.69 -21.85 -25.05
CA THR A 280 10.95 -22.56 -25.32
C THR A 280 11.49 -22.27 -26.76
N GLU A 281 10.56 -22.01 -27.69
CA GLU A 281 10.90 -21.63 -29.06
C GLU A 281 11.77 -20.36 -29.12
N ALA A 282 11.61 -19.45 -28.15
CA ALA A 282 12.42 -18.23 -28.10
C ALA A 282 13.91 -18.52 -27.84
N ALA A 283 14.17 -19.56 -27.05
CA ALA A 283 15.54 -19.96 -26.67
C ALA A 283 16.17 -20.91 -27.66
N ASP A 284 15.38 -21.46 -28.57
CA ASP A 284 15.90 -22.24 -29.71
C ASP A 284 17.15 -21.56 -30.35
N PRO A 285 18.24 -22.33 -30.58
CA PRO A 285 19.38 -21.77 -31.32
C PRO A 285 19.09 -21.52 -32.80
N LEU A 286 18.09 -22.21 -33.36
CA LEU A 286 17.66 -22.01 -34.77
C LEU A 286 17.18 -20.60 -35.12
N VAL A 287 16.71 -19.87 -34.11
CA VAL A 287 16.23 -18.48 -34.26
C VAL A 287 17.33 -17.59 -34.83
N ILE A 288 18.56 -17.75 -34.35
CA ILE A 288 19.69 -16.92 -34.81
C ILE A 288 20.75 -17.69 -35.63
N ASP A 289 20.51 -18.97 -35.95
CA ASP A 289 21.49 -19.77 -36.69
C ASP A 289 21.84 -19.15 -38.07
N PRO A 290 23.14 -18.87 -38.32
CA PRO A 290 23.55 -18.35 -39.63
C PRO A 290 23.40 -19.35 -40.77
N ALA A 291 23.56 -20.62 -40.46
CA ALA A 291 23.38 -21.69 -41.45
C ALA A 291 22.00 -21.68 -42.12
N VAL A 292 20.97 -21.30 -41.35
CA VAL A 292 19.58 -21.31 -41.85
C VAL A 292 19.38 -20.18 -42.82
N SER A 293 19.59 -18.94 -42.39
CA SER A 293 19.41 -17.77 -43.27
C SER A 293 20.35 -17.75 -44.50
N ARG A 294 21.61 -18.14 -44.33
CA ARG A 294 22.57 -18.31 -45.47
C ARG A 294 22.16 -19.29 -46.58
N ALA A 295 21.35 -20.29 -46.25
CA ALA A 295 20.82 -21.24 -47.22
C ALA A 295 19.66 -20.72 -48.09
N ILE A 296 19.04 -19.60 -47.70
CA ILE A 296 17.90 -18.98 -48.44
C ILE A 296 18.32 -18.40 -49.81
N ASP A 297 17.82 -19.03 -50.88
CA ASP A 297 18.22 -18.73 -52.28
C ASP A 297 17.17 -17.94 -53.10
N VAL A 298 16.30 -17.20 -52.40
CA VAL A 298 15.31 -16.29 -53.02
C VAL A 298 15.33 -14.89 -52.42
N PRO A 299 14.76 -13.89 -53.14
CA PRO A 299 14.78 -12.48 -52.71
C PRO A 299 14.23 -12.22 -51.30
N VAL A 300 14.97 -11.46 -50.50
CA VAL A 300 14.60 -11.25 -49.10
C VAL A 300 14.61 -9.76 -48.74
N MET A 301 13.54 -9.33 -48.08
CA MET A 301 13.39 -7.98 -47.53
C MET A 301 13.53 -8.14 -46.04
N PHE A 302 14.33 -7.27 -45.43
CA PHE A 302 14.66 -7.37 -44.01
C PHE A 302 14.25 -6.07 -43.36
N ALA A 303 13.28 -6.13 -42.45
CA ALA A 303 12.71 -4.91 -41.90
C ALA A 303 12.87 -4.85 -40.41
N LEU A 304 13.24 -3.68 -39.89
CA LEU A 304 13.60 -3.54 -38.48
C LEU A 304 13.36 -2.14 -38.00
N GLY A 305 12.86 -2.01 -36.77
CA GLY A 305 12.59 -0.72 -36.15
C GLY A 305 13.82 -0.25 -35.40
N ASP A 306 14.17 1.02 -35.59
CA ASP A 306 15.40 1.59 -35.03
C ASP A 306 15.44 1.75 -33.49
N ARG A 307 14.29 1.58 -32.83
CA ARG A 307 14.24 1.55 -31.37
C ARG A 307 13.68 0.24 -30.88
N ASP A 308 13.93 -0.83 -31.62
CA ASP A 308 13.45 -2.17 -31.22
C ASP A 308 14.19 -2.62 -29.97
N PRO A 309 13.49 -2.77 -28.84
CA PRO A 309 14.17 -3.10 -27.58
C PRO A 309 14.71 -4.52 -27.48
N LEU A 310 14.34 -5.41 -28.39
CA LEU A 310 14.87 -6.77 -28.40
C LEU A 310 16.09 -6.95 -29.28
N MET A 311 16.32 -6.05 -30.23
CA MET A 311 17.51 -6.11 -31.09
C MET A 311 18.53 -5.01 -30.87
N CYS A 312 18.05 -3.77 -30.91
CA CYS A 312 18.93 -2.62 -31.06
C CYS A 312 19.69 -2.28 -29.83
N GLY A 313 20.93 -1.84 -30.03
CA GLY A 313 21.80 -1.40 -28.96
C GLY A 313 23.27 -1.39 -29.38
N ASP A 314 24.08 -0.67 -28.62
CA ASP A 314 25.52 -0.70 -28.87
C ASP A 314 26.03 -2.09 -28.52
N GLY A 315 26.88 -2.65 -29.39
CA GLY A 315 27.38 -4.03 -29.27
C GLY A 315 26.38 -5.13 -29.62
N TYR A 316 25.21 -4.77 -30.13
CA TYR A 316 24.18 -5.72 -30.54
C TYR A 316 23.79 -5.41 -32.00
N GLU A 317 22.49 -5.43 -32.33
CA GLU A 317 22.02 -5.10 -33.65
C GLU A 317 22.22 -3.61 -33.92
N ASP A 318 22.87 -3.28 -35.03
CA ASP A 318 23.29 -1.93 -35.30
C ASP A 318 22.15 -1.18 -35.98
N CYS A 319 21.42 -0.43 -35.16
CA CYS A 319 20.25 0.32 -35.60
C CYS A 319 20.55 1.81 -35.76
N SER A 320 21.84 2.18 -35.91
CA SER A 320 22.25 3.59 -36.03
C SER A 320 21.89 4.22 -37.39
N SER A 321 21.85 3.40 -38.44
CA SER A 321 21.45 3.82 -39.78
C SER A 321 21.05 2.61 -40.59
N GLN A 322 20.34 2.84 -41.68
CA GLN A 322 19.97 1.73 -42.56
C GLN A 322 21.19 1.07 -43.21
N ALA A 323 22.17 1.87 -43.61
CA ALA A 323 23.39 1.36 -44.26
C ALA A 323 24.24 0.49 -43.31
N ALA A 324 24.23 0.87 -42.03
CA ALA A 324 24.93 0.14 -40.99
C ALA A 324 24.28 -1.19 -40.69
N LEU A 325 22.95 -1.18 -40.60
CA LEU A 325 22.16 -2.38 -40.43
C LEU A 325 22.42 -3.33 -41.59
N ARG A 326 22.36 -2.79 -42.80
CA ARG A 326 22.61 -3.56 -44.01
C ARG A 326 23.99 -4.21 -43.96
N ALA A 327 25.00 -3.40 -43.62
CA ALA A 327 26.38 -3.87 -43.47
C ALA A 327 26.47 -5.09 -42.54
N GLN A 328 25.93 -4.92 -41.33
CA GLN A 328 25.97 -5.93 -40.27
C GLN A 328 25.20 -7.23 -40.55
N GLU A 329 24.11 -7.16 -41.32
CA GLU A 329 23.30 -8.37 -41.61
C GLU A 329 23.72 -9.13 -42.90
N ALA A 330 24.35 -8.43 -43.85
CA ALA A 330 24.69 -9.02 -45.16
C ALA A 330 25.43 -10.37 -45.10
N PRO A 331 26.40 -10.54 -44.18
CA PRO A 331 27.05 -11.86 -44.04
C PRO A 331 26.15 -13.04 -43.68
N PHE A 332 24.88 -12.77 -43.35
CA PHE A 332 23.91 -13.79 -43.03
C PHE A 332 22.90 -14.12 -44.15
N TRP A 333 23.02 -13.47 -45.31
CA TRP A 333 22.08 -13.67 -46.42
C TRP A 333 22.78 -13.85 -47.80
N THR A 334 23.84 -14.65 -47.82
CA THR A 334 24.73 -14.72 -48.98
C THR A 334 24.19 -15.50 -50.18
N SER A 335 23.30 -16.47 -49.95
CA SER A 335 22.63 -17.15 -51.08
C SER A 335 21.51 -16.31 -51.72
N ALA A 336 21.00 -15.29 -51.02
CA ALA A 336 19.92 -14.45 -51.58
C ALA A 336 20.42 -13.70 -52.80
N PRO A 337 19.72 -13.80 -53.94
CA PRO A 337 20.14 -13.00 -55.10
C PRO A 337 19.99 -11.48 -54.89
N SER A 338 19.08 -11.06 -54.03
CA SER A 338 18.93 -9.64 -53.66
C SER A 338 18.61 -9.59 -52.19
N PHE A 339 19.23 -8.66 -51.48
CA PHE A 339 18.99 -8.47 -50.05
C PHE A 339 18.71 -7.00 -49.80
N ASP A 340 17.46 -6.69 -49.51
CA ASP A 340 17.04 -5.33 -49.28
C ASP A 340 16.68 -5.14 -47.82
N VAL A 341 16.79 -3.89 -47.35
CA VAL A 341 16.75 -3.56 -45.93
C VAL A 341 16.00 -2.26 -45.68
N ILE A 342 14.97 -2.31 -44.82
CA ILE A 342 14.31 -1.09 -44.35
C ILE A 342 14.44 -0.95 -42.84
N LEU A 343 14.77 0.26 -42.41
CA LEU A 343 14.97 0.58 -41.01
C LEU A 343 14.00 1.69 -40.60
N VAL A 344 13.06 1.34 -39.73
CA VAL A 344 11.89 2.16 -39.46
C VAL A 344 12.16 3.14 -38.33
N GLU A 345 12.26 4.43 -38.67
CA GLU A 345 12.54 5.54 -37.70
C GLU A 345 11.54 5.71 -36.52
N ASP A 346 12.10 5.96 -35.34
CA ASP A 346 11.34 6.09 -34.08
C ASP A 346 10.40 4.91 -33.81
N ALA A 347 10.69 3.73 -34.35
CA ALA A 347 9.78 2.58 -34.23
C ALA A 347 10.33 1.54 -33.28
N GLY A 348 9.42 0.91 -32.56
CA GLY A 348 9.77 -0.18 -31.68
C GLY A 348 9.81 -1.48 -32.47
N HIS A 349 9.17 -2.49 -31.91
CA HIS A 349 9.31 -3.87 -32.36
C HIS A 349 8.15 -4.31 -33.26
N GLY A 350 6.92 -3.96 -32.92
CA GLY A 350 5.78 -4.18 -33.82
C GLY A 350 5.70 -3.10 -34.90
N LEU A 351 6.36 -3.35 -36.03
CA LEU A 351 6.37 -2.45 -37.19
C LEU A 351 5.01 -2.14 -37.82
N ASN A 352 4.08 -3.10 -37.88
CA ASN A 352 2.74 -2.82 -38.42
C ASN A 352 1.92 -1.84 -37.57
N LEU A 353 2.27 -1.69 -36.29
CA LEU A 353 1.44 -0.96 -35.33
C LEU A 353 1.97 0.41 -34.92
N VAL A 354 3.03 0.91 -35.55
CA VAL A 354 3.59 2.24 -35.26
C VAL A 354 2.97 3.38 -36.10
N PRO A 355 3.10 4.65 -35.64
CA PRO A 355 2.45 5.78 -36.32
C PRO A 355 2.96 6.12 -37.72
N ASN A 356 4.22 5.83 -37.99
CA ASN A 356 4.77 6.00 -39.35
C ASN A 356 4.95 4.65 -40.12
N THR A 357 4.13 3.65 -39.76
CA THR A 357 4.10 2.34 -40.41
C THR A 357 3.91 2.40 -41.94
N ARG A 358 3.21 3.42 -42.46
CA ARG A 358 2.96 3.52 -43.91
C ARG A 358 4.24 3.60 -44.76
N VAL A 359 5.30 4.18 -44.18
CA VAL A 359 6.64 4.18 -44.78
C VAL A 359 7.14 2.76 -44.98
N TYR A 360 6.89 1.94 -43.98
CA TYR A 360 7.24 0.53 -43.99
C TYR A 360 6.37 -0.34 -44.96
N GLN A 361 5.10 0.02 -45.02
CA GLN A 361 4.15 -0.61 -45.91
C GLN A 361 4.46 -0.33 -47.39
N ASP A 362 4.74 0.91 -47.70
CA ASP A 362 5.03 1.30 -49.08
C ASP A 362 6.28 0.62 -49.62
N ALA A 363 7.33 0.63 -48.82
CA ALA A 363 8.58 -0.05 -49.13
C ALA A 363 8.41 -1.56 -49.36
N SER A 364 7.68 -2.22 -48.47
CA SER A 364 7.37 -3.65 -48.61
C SER A 364 6.62 -3.92 -49.89
N ARG A 365 5.61 -3.09 -50.15
CA ARG A 365 4.82 -3.21 -51.37
C ARG A 365 5.69 -3.04 -52.62
N ASP A 366 6.48 -1.97 -52.65
CA ASP A 366 7.33 -1.64 -53.80
C ASP A 366 8.32 -2.76 -54.08
N TRP A 367 8.89 -3.32 -53.00
CA TRP A 367 9.72 -4.53 -53.06
C TRP A 367 8.99 -5.72 -53.72
N LEU A 368 7.82 -6.09 -53.21
CA LEU A 368 7.00 -7.15 -53.83
C LEU A 368 6.83 -6.93 -55.30
N ASP A 369 6.41 -5.72 -55.68
CA ASP A 369 6.18 -5.41 -57.07
C ASP A 369 7.47 -5.68 -57.84
N ARG A 370 8.60 -5.29 -57.25
CA ARG A 370 9.92 -5.47 -57.87
C ARG A 370 10.38 -6.94 -57.99
N VAL A 371 10.21 -7.76 -56.94
CA VAL A 371 10.82 -9.11 -56.91
C VAL A 371 9.90 -10.27 -57.30
N VAL A 372 8.58 -10.08 -57.22
CA VAL A 372 7.61 -11.13 -57.60
C VAL A 372 6.47 -10.68 -58.55
N GLY A 373 5.85 -9.52 -58.27
CA GLY A 373 4.67 -9.07 -59.01
C GLY A 373 3.43 -9.86 -58.64
N HIS A 374 2.25 -9.27 -58.84
CA HIS A 374 0.99 -9.94 -58.42
C HIS A 374 0.31 -10.78 -59.52
N GLY A 375 0.95 -10.93 -60.68
CA GLY A 375 0.46 -11.84 -61.73
C GLY A 375 -0.80 -11.35 -62.44
N LEU A 376 -1.61 -12.28 -62.92
CA LEU A 376 -2.78 -11.95 -63.76
C LEU A 376 -3.92 -13.00 -63.69
N SER B 61 -36.64 29.76 19.86
CA SER B 61 -35.83 29.68 21.11
C SER B 61 -34.32 29.75 20.82
N ALA B 62 -33.89 30.80 20.11
CA ALA B 62 -32.46 30.96 19.78
C ALA B 62 -32.11 32.43 19.52
N ILE B 63 -31.03 32.92 20.12
CA ILE B 63 -30.65 34.34 20.01
C ILE B 63 -29.64 34.58 18.88
N CYS B 64 -30.09 35.28 17.84
CA CYS B 64 -29.34 35.40 16.61
C CYS B 64 -29.12 36.85 16.27
N ARG B 65 -27.87 37.18 15.97
CA ARG B 65 -27.50 38.54 15.59
C ARG B 65 -26.67 38.48 14.33
N ALA B 66 -27.16 39.12 13.28
CA ALA B 66 -26.42 39.27 12.02
C ALA B 66 -25.39 40.39 12.14
N THR B 67 -24.21 40.18 11.56
CA THR B 67 -23.11 41.17 11.62
C THR B 67 -22.22 41.15 10.39
N THR B 68 -21.49 42.25 10.19
CA THR B 68 -20.47 42.35 9.12
C THR B 68 -19.04 42.38 9.72
N VAL B 69 -18.12 41.68 9.08
CA VAL B 69 -16.73 41.55 9.57
C VAL B 69 -15.78 42.13 8.53
N GLU B 70 -14.84 42.96 8.98
CA GLU B 70 -13.87 43.62 8.11
C GLU B 70 -12.86 42.54 7.78
N VAL B 71 -12.63 42.29 6.49
CA VAL B 71 -11.88 41.11 6.07
C VAL B 71 -10.97 41.40 4.88
N THR B 72 -9.74 40.89 4.98
CA THR B 72 -8.66 41.26 4.08
C THR B 72 -9.01 40.92 2.63
N LEU B 73 -8.58 41.77 1.71
CA LEU B 73 -8.97 41.70 0.30
C LEU B 73 -7.90 42.41 -0.51
N GLY B 74 -6.85 41.67 -0.83
CA GLY B 74 -5.66 42.26 -1.42
C GLY B 74 -4.95 43.09 -0.37
N LYS B 75 -4.91 44.40 -0.58
CA LYS B 75 -4.36 45.31 0.43
C LYS B 75 -5.43 45.81 1.40
N GLY B 76 -6.58 45.12 1.45
CA GLY B 76 -7.65 45.41 2.39
C GLY B 76 -8.57 46.46 1.79
N THR B 77 -9.88 46.43 2.06
CA THR B 77 -10.58 45.33 2.73
C THR B 77 -11.90 45.06 1.97
N GLY B 78 -12.57 44.02 2.42
CA GLY B 78 -13.94 43.71 2.00
C GLY B 78 -14.80 43.46 3.23
N LYS B 79 -16.11 43.39 3.04
CA LYS B 79 -17.03 43.06 4.12
C LYS B 79 -17.66 41.67 3.93
N MET B 80 -17.42 40.80 4.91
CA MET B 80 -18.02 39.47 4.98
C MET B 80 -19.18 39.44 5.97
N TRP B 81 -20.38 39.18 5.48
CA TRP B 81 -21.54 39.05 6.35
C TRP B 81 -21.58 37.65 6.99
N GLY B 82 -21.96 37.62 8.26
CA GLY B 82 -22.17 36.36 8.98
C GLY B 82 -23.20 36.53 10.07
N GLU B 83 -23.86 35.43 10.45
CA GLU B 83 -24.83 35.44 11.53
C GLU B 83 -24.29 34.64 12.69
N LEU B 84 -24.19 35.28 13.84
CA LEU B 84 -23.84 34.60 15.08
C LEU B 84 -25.12 34.29 15.82
N CYS B 85 -25.20 33.08 16.37
CA CYS B 85 -26.40 32.60 17.07
C CYS B 85 -25.98 31.77 18.26
N ARG B 86 -26.62 32.06 19.40
CA ARG B 86 -26.44 31.31 20.63
C ARG B 86 -27.76 30.63 21.00
N PRO B 87 -27.67 29.51 21.73
CA PRO B 87 -28.88 29.01 22.34
C PRO B 87 -29.44 30.04 23.31
N ALA B 88 -30.76 30.13 23.40
CA ALA B 88 -31.42 30.96 24.41
C ALA B 88 -31.11 30.46 25.84
N GLY B 89 -30.89 31.41 26.75
CA GLY B 89 -30.62 31.09 28.14
C GLY B 89 -29.38 30.23 28.32
N SER B 90 -28.31 30.65 27.65
CA SER B 90 -27.01 29.97 27.73
C SER B 90 -25.92 30.85 27.13
N SER B 91 -24.67 30.55 27.43
CA SER B 91 -23.52 31.25 26.82
C SER B 91 -22.37 30.26 26.62
N PRO B 92 -22.32 29.60 25.44
CA PRO B 92 -21.38 28.48 25.25
C PRO B 92 -19.94 28.92 24.95
N ASP B 93 -18.98 28.04 25.25
CA ASP B 93 -17.56 28.34 24.97
C ASP B 93 -17.16 27.89 23.56
N THR B 94 -17.88 26.92 22.97
CA THR B 94 -17.58 26.47 21.62
C THR B 94 -18.46 27.18 20.59
N VAL B 95 -17.85 27.60 19.49
CA VAL B 95 -18.59 28.12 18.34
C VAL B 95 -18.24 27.24 17.13
N VAL B 96 -19.24 27.00 16.28
CA VAL B 96 -19.05 26.23 15.07
C VAL B 96 -19.25 27.19 13.91
N THR B 97 -18.14 27.58 13.29
CA THR B 97 -18.17 28.43 12.11
C THR B 97 -18.36 27.59 10.83
N MET B 98 -19.32 28.01 10.00
CA MET B 98 -19.75 27.25 8.85
C MET B 98 -19.49 27.97 7.52
N VAL B 99 -18.68 27.33 6.68
CA VAL B 99 -18.30 27.82 5.36
C VAL B 99 -19.07 27.02 4.28
N HIS B 100 -19.87 27.73 3.49
CA HIS B 100 -20.70 27.12 2.45
C HIS B 100 -19.88 26.82 1.21
N GLY B 101 -20.52 26.14 0.29
CA GLY B 101 -19.86 25.68 -0.91
C GLY B 101 -20.22 26.49 -2.12
N ALA B 102 -19.69 26.10 -3.26
CA ALA B 102 -19.86 26.83 -4.51
C ALA B 102 -21.31 26.81 -4.97
N THR B 103 -21.78 27.99 -5.36
CA THR B 103 -23.12 28.24 -5.89
C THR B 103 -24.27 28.16 -4.83
N TYR B 104 -23.86 27.96 -3.57
CA TYR B 104 -24.70 28.12 -2.40
C TYR B 104 -24.22 29.38 -1.66
N ASN B 105 -24.99 29.75 -0.63
CA ASN B 105 -24.60 30.77 0.34
C ASN B 105 -24.88 30.23 1.76
N HIS B 106 -25.01 31.13 2.73
CA HIS B 106 -25.20 30.75 4.15
C HIS B 106 -26.44 29.90 4.41
N ASN B 107 -27.48 30.08 3.61
CA ASN B 107 -28.66 29.20 3.65
C ASN B 107 -28.38 27.68 3.68
N TYR B 108 -27.34 27.21 3.00
CA TYR B 108 -27.02 25.80 3.06
C TYR B 108 -26.88 25.32 4.51
N TRP B 109 -26.21 26.10 5.36
CA TRP B 109 -25.96 25.71 6.77
C TRP B 109 -27.06 26.11 7.78
N ASP B 110 -28.07 26.84 7.30
CA ASP B 110 -29.21 27.26 8.09
C ASP B 110 -30.43 27.36 7.17
N PHE B 111 -30.81 26.22 6.66
CA PHE B 111 -31.77 26.11 5.56
C PHE B 111 -33.19 26.45 6.09
N PRO B 112 -33.93 27.37 5.43
CA PRO B 112 -35.17 27.98 5.97
C PRO B 112 -36.48 27.23 5.73
N TYR B 113 -36.46 26.14 4.98
CA TYR B 113 -37.62 25.28 4.83
C TYR B 113 -37.46 24.08 5.76
N GLN B 114 -38.46 23.91 6.63
CA GLN B 114 -38.48 22.87 7.65
C GLN B 114 -37.21 22.87 8.49
N PRO B 115 -36.87 24.03 9.11
CA PRO B 115 -35.59 24.17 9.82
C PRO B 115 -35.37 23.13 10.93
N ASP B 116 -36.46 22.72 11.58
CA ASP B 116 -36.45 21.64 12.59
C ASP B 116 -35.79 20.36 12.08
N LYS B 117 -35.89 20.10 10.76
CA LYS B 117 -35.21 18.96 10.16
C LYS B 117 -33.91 19.37 9.50
N TYR B 118 -33.96 20.36 8.62
CA TYR B 118 -32.87 20.57 7.66
C TYR B 118 -31.86 21.60 8.04
N SER B 119 -32.15 22.45 9.02
CA SER B 119 -31.19 23.49 9.39
C SER B 119 -30.07 22.97 10.30
N PHE B 120 -28.91 22.68 9.71
CA PHE B 120 -27.76 22.24 10.48
C PHE B 120 -27.39 23.17 11.64
N ARG B 121 -27.49 24.47 11.42
CA ARG B 121 -27.26 25.44 12.49
C ARG B 121 -28.22 25.25 13.67
N LYS B 122 -29.49 25.13 13.37
CA LYS B 122 -30.51 25.02 14.41
C LYS B 122 -30.32 23.75 15.22
N MET B 123 -29.90 22.68 14.57
CA MET B 123 -29.54 21.47 15.28
C MET B 123 -28.41 21.76 16.29
N LEU B 124 -27.38 22.48 15.86
CA LEU B 124 -26.22 22.77 16.71
C LEU B 124 -26.52 23.60 17.95
N ASN B 125 -27.29 24.68 17.76
CA ASN B 125 -27.83 25.49 18.88
C ASN B 125 -28.71 24.70 19.83
N GLY B 126 -29.53 23.81 19.27
CA GLY B 126 -30.23 22.81 20.04
C GLY B 126 -29.34 21.88 20.85
N ALA B 127 -28.11 21.62 20.38
CA ALA B 127 -27.11 20.80 21.08
C ALA B 127 -26.20 21.61 22.01
N GLY B 128 -26.45 22.93 22.10
CA GLY B 128 -25.77 23.82 23.03
C GLY B 128 -24.54 24.48 22.46
N TYR B 129 -24.38 24.46 21.13
CA TYR B 129 -23.24 25.10 20.47
C TYR B 129 -23.63 26.46 19.92
N ALA B 130 -22.71 27.42 20.02
CA ALA B 130 -22.85 28.65 19.27
C ALA B 130 -22.45 28.36 17.83
N THR B 131 -22.99 29.13 16.89
CA THR B 131 -22.73 28.92 15.47
C THR B 131 -22.50 30.22 14.76
N PHE B 132 -21.61 30.19 13.77
CA PHE B 132 -21.36 31.34 12.93
C PHE B 132 -21.38 30.95 11.43
N VAL B 133 -22.57 31.02 10.83
CA VAL B 133 -22.72 30.83 9.38
C VAL B 133 -22.38 32.13 8.66
N VAL B 134 -21.49 32.04 7.66
CA VAL B 134 -21.02 33.20 6.89
C VAL B 134 -21.56 33.17 5.47
N ASP B 135 -21.60 34.36 4.86
CA ASP B 135 -21.65 34.52 3.41
C ASP B 135 -20.21 34.77 2.97
N ARG B 136 -19.61 33.79 2.32
CA ARG B 136 -18.35 34.01 1.59
C ARG B 136 -18.41 35.22 0.66
N LEU B 137 -17.27 35.83 0.38
CA LEU B 137 -17.27 36.99 -0.49
C LEU B 137 -17.62 36.55 -1.90
N GLY B 138 -18.37 37.42 -2.58
CA GLY B 138 -18.98 37.10 -3.86
C GLY B 138 -20.38 36.52 -3.77
N THR B 139 -20.92 36.34 -2.55
CA THR B 139 -22.22 35.68 -2.37
C THR B 139 -23.04 36.40 -1.32
N GLY B 140 -24.38 36.39 -1.47
CA GLY B 140 -25.32 36.86 -0.47
C GLY B 140 -25.13 38.30 0.01
N ASN B 141 -25.19 38.51 1.32
CA ASN B 141 -25.12 39.86 1.88
C ASN B 141 -23.68 40.39 2.03
N SER B 142 -22.68 39.58 1.69
CA SER B 142 -21.29 39.99 1.68
C SER B 142 -20.94 40.89 0.49
N THR B 143 -19.74 41.48 0.54
CA THR B 143 -19.19 42.21 -0.58
C THR B 143 -19.08 41.30 -1.80
N VAL B 144 -19.31 41.86 -2.98
CA VAL B 144 -19.10 41.16 -4.25
C VAL B 144 -18.02 41.93 -5.03
N PRO B 145 -16.77 41.49 -4.92
CA PRO B 145 -15.71 42.21 -5.58
C PRO B 145 -15.60 41.81 -7.04
N PRO B 146 -14.59 42.32 -7.74
CA PRO B 146 -14.12 41.71 -8.97
C PRO B 146 -13.54 40.32 -8.69
N SER B 147 -13.81 39.37 -9.58
CA SER B 147 -13.49 37.96 -9.35
C SER B 147 -11.99 37.70 -9.29
N SER B 148 -11.21 38.49 -10.02
CA SER B 148 -9.75 38.40 -9.98
C SER B 148 -9.17 38.55 -8.56
N GLU B 149 -9.87 39.28 -7.70
CA GLU B 149 -9.43 39.48 -6.31
C GLU B 149 -9.66 38.26 -5.42
N LEU B 150 -10.56 37.38 -5.82
CA LEU B 150 -10.91 36.24 -4.98
C LEU B 150 -10.29 34.94 -5.45
N ASN B 151 -9.67 34.22 -4.52
CA ASN B 151 -9.24 32.84 -4.73
C ASN B 151 -9.19 32.12 -3.39
N LEU B 152 -9.13 30.78 -3.46
CA LEU B 152 -9.18 29.94 -2.26
C LEU B 152 -8.23 30.37 -1.13
N THR B 153 -6.97 30.58 -1.48
CA THR B 153 -5.96 31.03 -0.50
C THR B 153 -6.33 32.38 0.16
N VAL B 154 -6.64 33.39 -0.67
CA VAL B 154 -7.14 34.67 -0.15
C VAL B 154 -8.33 34.41 0.78
N GLU B 155 -9.23 33.56 0.34
CA GLU B 155 -10.47 33.29 1.05
C GLU B 155 -10.29 32.50 2.34
N ALA B 156 -9.25 31.66 2.42
CA ALA B 156 -8.89 30.99 3.70
C ALA B 156 -8.38 31.96 4.75
N ARG B 157 -7.68 33.01 4.32
CA ARG B 157 -7.17 34.04 5.23
C ARG B 157 -8.31 34.88 5.78
N GLN B 158 -9.37 35.01 4.98
CA GLN B 158 -10.55 35.72 5.40
C GLN B 158 -11.20 34.99 6.57
N MET B 159 -11.24 33.66 6.46
CA MET B 159 -11.80 32.77 7.48
C MET B 159 -10.94 32.70 8.71
N HIS B 160 -9.64 32.75 8.52
CA HIS B 160 -8.68 32.92 9.58
C HIS B 160 -8.95 34.19 10.39
N GLU B 161 -9.26 35.28 9.68
CA GLU B 161 -9.61 36.55 10.34
C GLU B 161 -10.96 36.50 11.05
N VAL B 162 -11.92 35.76 10.49
CA VAL B 162 -13.19 35.48 11.18
C VAL B 162 -12.93 34.68 12.48
N VAL B 163 -12.13 33.64 12.38
CA VAL B 163 -11.80 32.80 13.55
C VAL B 163 -11.19 33.64 14.66
N GLN B 164 -10.14 34.40 14.31
CA GLN B 164 -9.47 35.28 15.27
C GLN B 164 -10.50 36.15 15.97
N GLY B 165 -11.30 36.85 15.17
CA GLY B 165 -12.37 37.73 15.67
C GLY B 165 -13.40 37.09 16.61
N LEU B 166 -13.66 35.80 16.42
CA LEU B 166 -14.48 35.02 17.32
C LEU B 166 -13.72 34.65 18.59
N ARG B 167 -12.46 34.26 18.45
CA ARG B 167 -11.67 33.88 19.63
C ARG B 167 -11.44 35.08 20.53
N THR B 168 -11.14 36.23 19.94
CA THR B 168 -10.86 37.46 20.69
C THR B 168 -12.13 38.10 21.22
N GLY B 169 -13.25 37.84 20.56
CA GLY B 169 -14.52 38.45 20.93
C GLY B 169 -14.85 39.72 20.16
N ARG B 170 -14.00 40.16 19.23
CA ARG B 170 -14.35 41.33 18.40
C ARG B 170 -15.54 41.08 17.45
N ILE B 171 -15.83 39.81 17.18
CA ILE B 171 -17.14 39.38 16.66
C ILE B 171 -17.89 38.72 17.83
N GLY B 172 -19.06 39.26 18.17
CA GLY B 172 -19.93 38.64 19.17
C GLY B 172 -19.77 39.10 20.61
N GLY B 173 -18.66 39.74 20.94
CA GLY B 173 -18.46 40.30 22.28
C GLY B 173 -17.78 39.32 23.21
N THR B 174 -18.50 38.26 23.57
CA THR B 174 -18.07 37.33 24.65
C THR B 174 -16.65 36.77 24.46
N GLY B 175 -16.42 36.11 23.32
CA GLY B 175 -15.09 35.58 22.95
C GLY B 175 -14.89 34.11 23.31
N PHE B 176 -14.81 33.27 22.29
CA PHE B 176 -14.89 31.80 22.43
C PHE B 176 -13.55 31.09 22.62
N GLY B 177 -13.52 30.14 23.55
CA GLY B 177 -12.31 29.37 23.87
C GLY B 177 -12.01 28.26 22.87
N LYS B 178 -13.06 27.69 22.28
CA LYS B 178 -12.95 26.67 21.26
C LYS B 178 -13.71 27.09 19.99
N VAL B 179 -13.05 27.01 18.83
CA VAL B 179 -13.64 27.35 17.54
C VAL B 179 -13.54 26.14 16.60
N VAL B 180 -14.70 25.64 16.17
CA VAL B 180 -14.76 24.56 15.22
C VAL B 180 -15.15 25.09 13.84
N LEU B 181 -14.42 24.64 12.83
CA LEU B 181 -14.59 25.07 11.45
C LEU B 181 -15.26 23.95 10.67
N ALA B 182 -16.43 24.23 10.10
CA ALA B 182 -17.21 23.28 9.28
C ALA B 182 -17.21 23.71 7.81
N GLY B 183 -16.92 22.77 6.93
CA GLY B 183 -16.78 23.09 5.51
C GLY B 183 -17.69 22.25 4.62
N TYR B 184 -18.35 22.90 3.68
CA TYR B 184 -19.15 22.19 2.67
C TYR B 184 -18.58 22.41 1.30
N ALA B 185 -18.14 21.32 0.68
CA ALA B 185 -17.75 21.31 -0.71
C ALA B 185 -16.53 22.20 -0.94
N LEU B 186 -16.58 23.21 -1.81
CA LEU B 186 -15.42 24.09 -1.93
C LEU B 186 -15.18 24.90 -0.65
N GLY B 187 -16.22 25.06 0.17
CA GLY B 187 -16.07 25.54 1.56
C GLY B 187 -15.15 24.69 2.41
N SER B 188 -15.08 23.39 2.11
CA SER B 188 -14.15 22.45 2.78
C SER B 188 -12.71 22.67 2.41
N ALA B 189 -12.47 23.07 1.16
CA ALA B 189 -11.12 23.39 0.68
C ALA B 189 -10.60 24.63 1.41
N VAL B 190 -11.42 25.67 1.42
CA VAL B 190 -11.17 26.89 2.19
C VAL B 190 -10.82 26.48 3.61
N THR B 191 -11.73 25.72 4.23
CA THR B 191 -11.58 25.19 5.59
C THR B 191 -10.28 24.44 5.88
N SER B 192 -9.93 23.50 5.02
CA SER B 192 -8.67 22.73 5.15
C SER B 192 -7.42 23.59 4.99
N ILE B 193 -7.42 24.47 3.97
CA ILE B 193 -6.34 25.45 3.78
C ILE B 193 -6.19 26.39 4.99
N GLU B 194 -7.32 26.81 5.58
CA GLU B 194 -7.31 27.60 6.83
C GLU B 194 -6.64 26.76 7.91
N ALA B 195 -7.22 25.59 8.19
CA ALA B 195 -6.71 24.72 9.24
C ALA B 195 -5.21 24.37 9.09
N SER B 196 -4.73 24.27 7.85
CA SER B 196 -3.34 23.88 7.54
C SER B 196 -2.34 25.02 7.75
N THR B 197 -2.66 26.17 7.18
CA THR B 197 -1.82 27.34 7.29
C THR B 197 -1.73 27.79 8.75
N PHE B 198 -2.88 28.07 9.33
CA PHE B 198 -2.97 28.84 10.56
C PHE B 198 -3.17 28.02 11.82
N HIS B 199 -3.60 26.77 11.71
CA HIS B 199 -3.68 25.86 12.89
C HIS B 199 -4.41 26.43 14.09
N ASP B 200 -5.40 27.28 13.83
CA ASP B 200 -6.08 28.07 14.87
C ASP B 200 -7.55 27.69 15.02
N VAL B 201 -7.86 26.43 14.71
CA VAL B 201 -9.19 25.83 14.96
C VAL B 201 -9.02 24.47 15.64
N ASP B 202 -9.93 24.16 16.56
CA ASP B 202 -9.75 23.00 17.44
C ASP B 202 -10.20 21.69 16.83
N ALA B 203 -11.03 21.78 15.80
CA ALA B 203 -11.45 20.64 15.02
C ALA B 203 -12.02 21.12 13.71
N VAL B 204 -12.11 20.19 12.77
CA VAL B 204 -12.48 20.46 11.40
C VAL B 204 -13.53 19.46 10.94
N LEU B 205 -14.62 19.96 10.37
CA LEU B 205 -15.67 19.12 9.80
C LEU B 205 -15.65 19.28 8.29
N ILE B 206 -15.21 18.23 7.58
CA ILE B 206 -15.10 18.21 6.11
C ILE B 206 -16.28 17.48 5.48
N THR B 207 -17.02 18.15 4.60
CA THR B 207 -18.18 17.53 3.96
C THR B 207 -18.19 17.82 2.48
N ALA B 208 -18.67 16.83 1.73
CA ALA B 208 -18.84 16.92 0.31
C ALA B 208 -17.57 17.21 -0.48
N LEU B 209 -16.40 16.83 0.05
CA LEU B 209 -15.12 17.10 -0.64
C LEU B 209 -14.06 16.00 -0.39
N GLY B 210 -13.88 15.19 -1.42
CA GLY B 210 -12.85 14.18 -1.45
C GLY B 210 -11.62 14.58 -2.26
N HIS B 211 -10.61 13.73 -2.16
CA HIS B 211 -9.30 13.91 -2.81
C HIS B 211 -9.24 13.31 -4.20
N TYR B 212 -10.05 12.28 -4.42
CA TYR B 212 -10.37 11.79 -5.75
C TYR B 212 -11.71 12.42 -6.10
N ASN B 213 -12.00 12.49 -7.38
CA ASN B 213 -13.28 12.97 -7.83
C ASN B 213 -13.69 12.33 -9.14
N ASN B 214 -14.84 12.74 -9.68
CA ASN B 214 -15.35 12.23 -10.95
C ASN B 214 -15.36 13.38 -11.94
N PRO B 215 -14.53 13.30 -13.01
CA PRO B 215 -14.45 14.37 -14.03
C PRO B 215 -15.78 14.72 -14.67
N ALA B 216 -16.54 13.69 -15.00
CA ALA B 216 -17.81 13.86 -15.69
C ALA B 216 -18.83 14.59 -14.86
N GLY B 217 -18.81 14.34 -13.55
CA GLY B 217 -19.64 15.09 -12.59
C GLY B 217 -19.34 16.59 -12.62
N THR B 218 -18.04 16.91 -12.66
CA THR B 218 -17.56 18.29 -12.79
C THR B 218 -17.94 18.88 -14.14
N GLN B 219 -17.78 18.08 -15.18
CA GLN B 219 -18.12 18.46 -16.54
C GLN B 219 -19.61 18.78 -16.66
N ALA B 220 -20.44 18.02 -15.93
CA ALA B 220 -21.87 18.23 -15.91
C ALA B 220 -22.27 19.60 -15.32
N ILE B 221 -21.48 20.15 -14.40
CA ILE B 221 -21.73 21.50 -13.86
C ILE B 221 -21.43 22.52 -14.93
N ILE B 222 -20.23 22.39 -15.52
CA ILE B 222 -19.76 23.30 -16.59
C ILE B 222 -20.79 23.37 -17.74
N ASP B 223 -21.35 22.22 -18.10
CA ASP B 223 -22.37 22.13 -19.15
C ASP B 223 -23.71 22.74 -18.72
N ASN B 224 -23.96 22.77 -17.40
CA ASN B 224 -25.13 23.46 -16.82
C ASN B 224 -24.89 24.85 -16.22
N GLY B 225 -23.73 25.43 -16.54
CA GLY B 225 -23.40 26.77 -16.08
C GLY B 225 -24.07 27.88 -16.87
N LEU B 226 -24.30 29.01 -16.21
CA LEU B 226 -24.56 30.29 -16.88
C LEU B 226 -24.18 31.48 -16.03
N SER B 227 -24.10 32.66 -16.64
CA SER B 227 -23.81 33.89 -15.88
C SER B 227 -24.95 34.28 -14.94
N PRO B 228 -24.65 34.67 -13.67
CA PRO B 228 -25.71 35.16 -12.78
C PRO B 228 -26.42 36.44 -13.25
N ASN B 229 -25.85 37.19 -14.19
CA ASN B 229 -26.57 38.30 -14.82
C ASN B 229 -27.81 37.84 -15.64
N ASP B 230 -27.69 36.69 -16.29
CA ASP B 230 -28.77 36.12 -17.11
C ASP B 230 -29.84 35.37 -16.28
N ASP B 231 -29.50 35.03 -15.03
CA ASP B 231 -30.32 34.21 -14.12
C ASP B 231 -31.43 35.03 -13.44
N PRO B 232 -32.70 34.59 -13.54
CA PRO B 232 -33.81 35.35 -12.91
C PRO B 232 -33.66 35.66 -11.41
N VAL B 233 -33.16 34.70 -10.63
CA VAL B 233 -33.01 34.85 -9.16
C VAL B 233 -31.92 35.86 -8.79
N LEU B 234 -30.83 35.90 -9.57
CA LEU B 234 -29.63 36.68 -9.25
C LEU B 234 -29.47 37.94 -10.08
N LYS B 235 -30.29 38.08 -11.11
CA LYS B 235 -30.24 39.17 -12.08
C LYS B 235 -30.12 40.52 -11.41
N ASP B 236 -31.05 40.78 -10.50
CA ASP B 236 -31.22 42.11 -9.90
C ASP B 236 -30.09 42.54 -8.96
N ARG B 237 -29.46 41.59 -8.28
CA ARG B 237 -28.65 41.88 -7.08
C ARG B 237 -27.37 42.65 -7.38
N HIS B 238 -26.64 42.22 -8.40
CA HIS B 238 -25.38 42.86 -8.82
C HIS B 238 -25.17 42.72 -10.33
N HIS B 239 -24.24 43.51 -10.88
CA HIS B 239 -23.79 43.33 -12.27
C HIS B 239 -22.47 42.58 -12.19
N TYR B 240 -22.56 41.26 -12.24
CA TYR B 240 -21.41 40.39 -11.96
C TYR B 240 -20.45 40.46 -13.13
N ASP B 241 -19.15 40.29 -12.87
CA ASP B 241 -18.19 40.22 -13.97
C ASP B 241 -18.09 38.78 -14.53
N ASP B 242 -17.22 38.62 -15.53
CA ASP B 242 -17.10 37.39 -16.29
C ASP B 242 -16.54 36.18 -15.51
N GLY B 243 -15.95 36.41 -14.35
CA GLY B 243 -15.45 35.32 -13.50
C GLY B 243 -16.49 34.69 -12.60
N TYR B 244 -17.66 35.32 -12.48
CA TYR B 244 -18.78 34.78 -11.69
C TYR B 244 -19.72 33.88 -12.47
N ALA B 245 -20.08 32.74 -11.87
CA ALA B 245 -20.97 31.77 -12.49
C ALA B 245 -21.99 31.23 -11.51
N THR B 246 -23.06 30.67 -12.04
CA THR B 246 -24.11 30.01 -11.25
C THR B 246 -24.67 28.80 -12.05
N THR B 247 -25.65 28.09 -11.50
CA THR B 247 -26.27 26.93 -12.16
C THR B 247 -27.55 27.27 -12.90
N LYS B 248 -27.81 26.64 -14.04
CA LYS B 248 -29.07 26.81 -14.79
C LYS B 248 -30.29 26.44 -13.97
N PRO B 249 -31.36 27.27 -14.02
CA PRO B 249 -32.62 26.82 -13.45
C PRO B 249 -32.92 25.33 -13.71
N GLY B 250 -33.30 24.60 -12.66
CA GLY B 250 -33.67 23.19 -12.76
C GLY B 250 -32.55 22.17 -12.90
N SER B 251 -31.31 22.61 -13.00
CA SER B 251 -30.20 21.70 -13.21
C SER B 251 -29.60 21.19 -11.90
N ARG B 252 -29.85 21.88 -10.77
CA ARG B 252 -29.31 21.48 -9.46
C ARG B 252 -29.72 20.08 -9.02
N LYS B 253 -31.00 19.76 -9.21
CA LYS B 253 -31.51 18.42 -8.97
C LYS B 253 -30.55 17.36 -9.46
N HIS B 254 -30.12 17.49 -10.71
CA HIS B 254 -29.19 16.53 -11.31
C HIS B 254 -27.71 16.70 -10.89
N VAL B 255 -27.16 17.90 -11.14
CA VAL B 255 -25.71 18.13 -11.08
C VAL B 255 -25.14 18.01 -9.67
N PHE B 256 -25.93 18.35 -8.65
CA PHE B 256 -25.60 18.12 -7.23
C PHE B 256 -26.34 16.92 -6.59
N TYR B 257 -27.66 16.89 -6.65
CA TYR B 257 -28.43 15.89 -5.87
C TYR B 257 -28.60 14.54 -6.54
N ALA B 258 -28.03 14.38 -7.75
CA ALA B 258 -27.98 13.10 -8.47
C ALA B 258 -29.35 12.49 -8.70
N ASP B 259 -30.34 13.37 -8.91
CA ASP B 259 -31.74 13.01 -9.03
C ASP B 259 -32.27 12.09 -7.95
N ARG B 260 -31.78 12.21 -6.71
CA ARG B 260 -32.20 11.30 -5.66
C ARG B 260 -33.42 11.83 -4.95
N PRO B 261 -34.20 10.93 -4.31
CA PRO B 261 -35.48 11.37 -3.73
C PRO B 261 -35.29 12.47 -2.72
N MET B 262 -35.99 13.58 -2.94
CA MET B 262 -36.00 14.73 -2.08
C MET B 262 -37.41 15.25 -1.88
N ASP B 263 -37.63 15.95 -0.78
CA ASP B 263 -38.83 16.75 -0.61
C ASP B 263 -38.86 17.85 -1.71
N PRO B 264 -40.00 18.02 -2.42
CA PRO B 264 -40.02 19.06 -3.49
C PRO B 264 -39.85 20.51 -2.98
N GLY B 265 -40.29 20.79 -1.74
CA GLY B 265 -40.05 22.09 -1.09
C GLY B 265 -38.58 22.39 -0.83
N VAL B 266 -37.79 21.35 -0.61
CA VAL B 266 -36.34 21.52 -0.47
C VAL B 266 -35.70 21.98 -1.79
N LEU B 267 -35.88 21.20 -2.86
CA LEU B 267 -35.45 21.58 -4.21
C LEU B 267 -35.81 23.02 -4.56
N ALA B 268 -37.08 23.38 -4.32
CA ALA B 268 -37.63 24.68 -4.70
C ALA B 268 -36.97 25.80 -3.92
N THR B 269 -36.85 25.60 -2.61
CA THR B 269 -36.11 26.54 -1.75
C THR B 269 -34.64 26.63 -2.15
N ASP B 270 -34.04 25.49 -2.41
CA ASP B 270 -32.66 25.44 -2.87
C ASP B 270 -32.42 26.19 -4.20
N GLU B 271 -33.37 26.15 -5.14
CA GLU B 271 -33.26 26.96 -6.37
C GLU B 271 -33.50 28.43 -6.05
N LEU B 272 -34.33 28.72 -5.05
CA LEU B 272 -34.61 30.11 -4.66
C LEU B 272 -33.54 30.81 -3.83
N THR B 273 -32.69 30.04 -3.15
CA THR B 273 -31.67 30.57 -2.24
C THR B 273 -30.25 30.32 -2.77
N LYS B 274 -30.15 29.96 -4.05
CA LYS B 274 -28.87 29.76 -4.72
C LYS B 274 -28.14 31.09 -4.90
N ASP B 275 -26.91 31.01 -5.39
CA ASP B 275 -26.07 32.17 -5.51
C ASP B 275 -24.96 31.91 -6.49
N ALA B 276 -24.29 33.01 -6.86
CA ALA B 276 -23.15 32.98 -7.76
C ALA B 276 -21.90 32.41 -7.08
N ASN B 277 -20.90 32.07 -7.90
CA ASN B 277 -19.58 31.64 -7.41
C ASN B 277 -18.48 32.04 -8.36
N VAL B 278 -17.26 32.10 -7.83
CA VAL B 278 -16.08 32.40 -8.62
C VAL B 278 -15.58 31.06 -9.10
N PHE B 279 -15.84 30.75 -10.37
CA PHE B 279 -15.61 29.39 -10.89
C PHE B 279 -14.14 28.95 -11.12
N THR B 280 -13.19 29.88 -11.24
CA THR B 280 -11.78 29.52 -11.40
C THR B 280 -11.20 28.80 -10.17
N GLU B 281 -11.78 29.12 -8.99
CA GLU B 281 -11.46 28.47 -7.70
C GLU B 281 -11.66 26.97 -7.69
N ALA B 282 -12.68 26.50 -8.42
CA ALA B 282 -12.99 25.08 -8.51
C ALA B 282 -11.89 24.26 -9.19
N ALA B 283 -11.10 24.89 -10.05
CA ALA B 283 -10.01 24.23 -10.76
C ALA B 283 -8.63 24.43 -10.11
N ASP B 284 -8.57 25.17 -9.00
CA ASP B 284 -7.35 25.33 -8.20
C ASP B 284 -6.72 23.97 -7.80
N PRO B 285 -5.42 23.74 -8.06
CA PRO B 285 -4.82 22.48 -7.59
C PRO B 285 -4.86 22.27 -6.05
N LEU B 286 -4.93 23.37 -5.28
CA LEU B 286 -5.08 23.33 -3.81
C LEU B 286 -6.34 22.67 -3.24
N VAL B 287 -7.36 22.51 -4.08
CA VAL B 287 -8.58 21.80 -3.68
C VAL B 287 -8.29 20.37 -3.21
N ILE B 288 -7.47 19.67 -4.00
CA ILE B 288 -7.17 18.24 -3.80
C ILE B 288 -5.73 17.97 -3.38
N ASP B 289 -4.97 19.04 -3.05
CA ASP B 289 -3.54 18.88 -2.72
C ASP B 289 -3.42 18.03 -1.45
N PRO B 290 -2.75 16.86 -1.54
CA PRO B 290 -2.53 16.05 -0.34
C PRO B 290 -1.79 16.81 0.74
N ALA B 291 -0.75 17.55 0.33
CA ALA B 291 0.08 18.35 1.22
C ALA B 291 -0.78 19.04 2.26
N VAL B 292 -1.74 19.82 1.76
CA VAL B 292 -2.64 20.65 2.58
C VAL B 292 -3.32 19.83 3.68
N SER B 293 -4.09 18.81 3.30
CA SER B 293 -4.84 18.00 4.27
C SER B 293 -3.93 17.24 5.24
N ARG B 294 -2.75 16.85 4.78
CA ARG B 294 -1.82 16.08 5.62
C ARG B 294 -1.13 16.91 6.69
N ALA B 295 -1.26 18.24 6.62
CA ALA B 295 -0.74 19.15 7.64
C ALA B 295 -1.72 19.44 8.81
N ILE B 296 -3.01 19.13 8.62
CA ILE B 296 -4.00 19.47 9.62
C ILE B 296 -3.78 18.56 10.82
N ASP B 297 -3.53 19.19 11.97
CA ASP B 297 -3.07 18.52 13.22
C ASP B 297 -4.12 18.52 14.33
N VAL B 298 -5.41 18.51 13.97
CA VAL B 298 -6.54 18.50 14.92
C VAL B 298 -7.60 17.47 14.50
N PRO B 299 -8.57 17.18 15.38
CA PRO B 299 -9.60 16.19 15.04
C PRO B 299 -10.41 16.55 13.80
N VAL B 300 -10.61 15.58 12.90
CA VAL B 300 -11.27 15.81 11.62
C VAL B 300 -12.38 14.77 11.37
N MET B 301 -13.59 15.27 11.15
CA MET B 301 -14.74 14.45 10.75
C MET B 301 -14.90 14.62 9.25
N PHE B 302 -14.91 13.53 8.50
CA PHE B 302 -15.05 13.60 7.03
C PHE B 302 -16.39 13.03 6.65
N ALA B 303 -17.16 13.75 5.83
CA ALA B 303 -18.54 13.30 5.49
C ALA B 303 -18.86 13.38 4.01
N LEU B 304 -19.68 12.45 3.54
CA LEU B 304 -19.88 12.24 2.09
C LEU B 304 -21.13 11.43 1.77
N GLY B 305 -21.83 11.81 0.71
CA GLY B 305 -23.03 11.08 0.28
C GLY B 305 -22.68 10.01 -0.73
N ASP B 306 -23.26 8.81 -0.59
CA ASP B 306 -22.82 7.66 -1.40
C ASP B 306 -23.12 7.76 -2.90
N ARG B 307 -24.03 8.64 -3.27
CA ARG B 307 -24.40 8.84 -4.65
C ARG B 307 -24.02 10.23 -5.15
N ASP B 308 -23.05 10.84 -4.47
CA ASP B 308 -22.54 12.16 -4.80
C ASP B 308 -21.94 12.09 -6.21
N PRO B 309 -22.47 12.91 -7.14
CA PRO B 309 -22.03 12.81 -8.56
C PRO B 309 -20.63 13.38 -8.86
N LEU B 310 -20.09 14.19 -7.94
CA LEU B 310 -18.80 14.84 -8.14
C LEU B 310 -17.61 14.07 -7.59
N MET B 311 -17.83 13.14 -6.66
CA MET B 311 -16.74 12.31 -6.12
C MET B 311 -16.87 10.84 -6.49
N CYS B 312 -18.05 10.28 -6.27
CA CYS B 312 -18.22 8.85 -6.29
C CYS B 312 -18.14 8.26 -7.67
N GLY B 313 -17.73 6.98 -7.69
CA GLY B 313 -17.66 6.17 -8.91
C GLY B 313 -16.42 5.30 -8.98
N ASP B 314 -16.46 4.33 -9.90
CA ASP B 314 -15.37 3.37 -10.09
C ASP B 314 -14.14 4.10 -10.57
N GLY B 315 -13.01 3.76 -9.96
CA GLY B 315 -11.76 4.50 -10.19
C GLY B 315 -11.64 5.82 -9.46
N TYR B 316 -12.70 6.30 -8.82
CA TYR B 316 -12.70 7.64 -8.22
C TYR B 316 -12.77 7.51 -6.69
N GLU B 317 -13.66 8.27 -6.05
CA GLU B 317 -13.89 8.16 -4.62
C GLU B 317 -14.70 6.89 -4.33
N ASP B 318 -14.24 6.09 -3.38
CA ASP B 318 -14.83 4.79 -3.14
C ASP B 318 -15.99 4.95 -2.16
N CYS B 319 -17.21 4.99 -2.70
CA CYS B 319 -18.43 5.16 -1.93
C CYS B 319 -19.19 3.83 -1.79
N SER B 320 -18.46 2.73 -1.94
CA SER B 320 -18.96 1.36 -1.83
C SER B 320 -19.45 1.04 -0.42
N SER B 321 -18.64 1.43 0.56
CA SER B 321 -18.96 1.30 1.98
C SER B 321 -18.15 2.32 2.79
N GLN B 322 -18.64 2.66 3.97
CA GLN B 322 -17.94 3.59 4.86
C GLN B 322 -16.49 3.17 5.10
N ALA B 323 -16.29 1.88 5.37
CA ALA B 323 -14.97 1.32 5.68
C ALA B 323 -13.97 1.56 4.56
N ALA B 324 -14.47 1.38 3.33
CA ALA B 324 -13.70 1.54 2.11
C ALA B 324 -13.39 2.99 1.84
N LEU B 325 -14.36 3.86 2.09
CA LEU B 325 -14.15 5.31 1.99
C LEU B 325 -13.12 5.75 2.99
N ARG B 326 -13.19 5.21 4.20
CA ARG B 326 -12.22 5.51 5.24
C ARG B 326 -10.83 4.99 4.88
N ALA B 327 -10.77 3.77 4.35
CA ALA B 327 -9.52 3.19 3.82
C ALA B 327 -8.84 4.11 2.80
N GLN B 328 -9.61 4.52 1.80
CA GLN B 328 -9.08 5.28 0.69
C GLN B 328 -8.62 6.67 1.05
N GLU B 329 -9.37 7.37 1.90
CA GLU B 329 -9.07 8.77 2.28
C GLU B 329 -8.03 8.93 3.37
N ALA B 330 -7.86 7.93 4.24
CA ALA B 330 -6.98 8.02 5.41
C ALA B 330 -5.57 8.51 5.09
N PRO B 331 -4.91 7.95 4.04
CA PRO B 331 -3.59 8.47 3.63
C PRO B 331 -3.50 9.97 3.28
N PHE B 332 -4.59 10.72 3.41
CA PHE B 332 -4.58 12.17 3.25
C PHE B 332 -4.75 12.96 4.56
N TRP B 333 -4.87 12.27 5.70
CA TRP B 333 -5.11 12.92 6.99
C TRP B 333 -4.19 12.40 8.13
N THR B 334 -2.91 12.22 7.79
CA THR B 334 -1.95 11.49 8.65
C THR B 334 -1.53 12.28 9.90
N SER B 335 -1.60 13.62 9.84
CA SER B 335 -1.30 14.46 11.00
C SER B 335 -2.47 14.60 11.96
N ALA B 336 -3.67 14.24 11.52
CA ALA B 336 -4.87 14.33 12.35
C ALA B 336 -4.85 13.26 13.44
N PRO B 337 -4.91 13.67 14.72
CA PRO B 337 -4.89 12.67 15.81
C PRO B 337 -6.09 11.70 15.79
N SER B 338 -7.27 12.18 15.39
CA SER B 338 -8.44 11.31 15.10
C SER B 338 -9.03 11.67 13.74
N PHE B 339 -9.40 10.63 12.98
CA PHE B 339 -10.04 10.76 11.65
C PHE B 339 -11.31 9.90 11.63
N ASP B 340 -12.47 10.54 11.69
CA ASP B 340 -13.76 9.84 11.64
C ASP B 340 -14.48 10.08 10.34
N VAL B 341 -15.26 9.07 9.95
CA VAL B 341 -15.88 9.02 8.63
C VAL B 341 -17.35 8.66 8.76
N ILE B 342 -18.22 9.41 8.07
CA ILE B 342 -19.62 9.03 7.92
C ILE B 342 -19.96 9.08 6.45
N LEU B 343 -20.46 7.96 5.92
CA LEU B 343 -20.87 7.90 4.54
C LEU B 343 -22.41 7.79 4.59
N VAL B 344 -23.08 8.76 3.95
CA VAL B 344 -24.54 8.92 4.04
C VAL B 344 -25.25 8.12 2.93
N GLU B 345 -25.96 7.05 3.30
CA GLU B 345 -26.70 6.22 2.34
C GLU B 345 -27.79 7.00 1.62
N ASP B 346 -28.01 6.67 0.35
CA ASP B 346 -29.02 7.28 -0.49
C ASP B 346 -28.86 8.81 -0.62
N ALA B 347 -27.63 9.30 -0.70
CA ALA B 347 -27.40 10.76 -0.68
C ALA B 347 -26.49 11.25 -1.79
N GLY B 348 -26.90 12.37 -2.37
CA GLY B 348 -26.11 13.04 -3.36
C GLY B 348 -25.15 13.98 -2.65
N HIS B 349 -25.06 15.21 -3.13
CA HIS B 349 -23.95 16.06 -2.80
C HIS B 349 -24.24 16.92 -1.57
N GLY B 350 -25.37 17.61 -1.59
CA GLY B 350 -25.83 18.43 -0.45
C GLY B 350 -26.46 17.64 0.71
N LEU B 351 -25.60 17.16 1.62
CA LEU B 351 -25.97 16.32 2.75
C LEU B 351 -26.93 16.98 3.72
N ASN B 352 -26.85 18.30 3.90
CA ASN B 352 -27.82 19.04 4.78
C ASN B 352 -29.28 19.01 4.30
N LEU B 353 -29.48 18.70 3.02
CA LEU B 353 -30.76 18.80 2.36
C LEU B 353 -31.44 17.45 2.01
N VAL B 354 -30.75 16.33 2.23
CA VAL B 354 -31.30 15.01 1.87
C VAL B 354 -32.34 14.56 2.91
N PRO B 355 -33.30 13.71 2.50
CA PRO B 355 -34.32 13.23 3.44
C PRO B 355 -33.79 12.61 4.72
N ASN B 356 -32.70 11.87 4.61
CA ASN B 356 -32.08 11.22 5.79
C ASN B 356 -30.87 12.02 6.33
N THR B 357 -30.94 13.34 6.27
CA THR B 357 -29.89 14.20 6.83
C THR B 357 -29.71 13.96 8.33
N ARG B 358 -30.79 13.60 9.03
CA ARG B 358 -30.78 13.52 10.48
C ARG B 358 -29.79 12.46 11.01
N VAL B 359 -29.55 11.39 10.24
CA VAL B 359 -28.48 10.41 10.56
C VAL B 359 -27.10 11.07 10.49
N TYR B 360 -26.94 11.95 9.51
CA TYR B 360 -25.71 12.70 9.32
C TYR B 360 -25.49 13.76 10.41
N GLN B 361 -26.53 14.55 10.64
CA GLN B 361 -26.52 15.53 11.72
C GLN B 361 -26.12 14.92 13.03
N ASP B 362 -26.64 13.72 13.32
CA ASP B 362 -26.47 13.08 14.62
C ASP B 362 -25.05 12.63 14.87
N ALA B 363 -24.46 12.05 13.84
CA ALA B 363 -23.06 11.62 13.90
C ALA B 363 -22.11 12.82 14.04
N SER B 364 -22.43 13.93 13.36
CA SER B 364 -21.71 15.18 13.51
C SER B 364 -21.79 15.68 14.94
N ARG B 365 -23.00 15.87 15.42
CA ARG B 365 -23.28 16.33 16.78
C ARG B 365 -22.50 15.51 17.81
N ASP B 366 -22.66 14.19 17.72
CA ASP B 366 -22.00 13.24 18.64
C ASP B 366 -20.48 13.34 18.55
N TRP B 367 -19.98 13.56 17.33
CA TRP B 367 -18.54 13.75 17.08
C TRP B 367 -18.01 14.97 17.85
N LEU B 368 -18.68 16.11 17.69
CA LEU B 368 -18.34 17.35 18.38
C LEU B 368 -18.26 17.16 19.90
N ASP B 369 -19.30 16.54 20.45
CA ASP B 369 -19.39 16.27 21.90
C ASP B 369 -18.22 15.39 22.38
N ARG B 370 -17.78 14.46 21.54
CA ARG B 370 -16.61 13.65 21.84
C ARG B 370 -15.33 14.49 21.73
N VAL B 371 -15.10 15.18 20.62
CA VAL B 371 -13.78 15.83 20.36
C VAL B 371 -13.57 17.23 20.96
N VAL B 372 -14.63 18.03 21.12
CA VAL B 372 -14.50 19.37 21.78
C VAL B 372 -15.45 19.66 22.93
N GLY B 373 -16.70 19.24 22.83
CA GLY B 373 -17.73 19.64 23.79
C GLY B 373 -18.09 21.10 23.59
N HIS B 374 -19.21 21.52 24.19
CA HIS B 374 -19.70 22.91 24.05
C HIS B 374 -19.35 23.88 25.21
N GLY B 375 -18.68 23.37 26.25
CA GLY B 375 -18.18 24.21 27.34
C GLY B 375 -19.19 24.36 28.46
N LEU B 376 -19.02 25.33 29.38
CA LEU B 376 -17.99 26.39 29.33
C LEU B 376 -16.56 25.85 29.51
N SER C 61 -17.86 -23.98 -29.65
CA SER C 61 -19.20 -24.16 -29.00
C SER C 61 -20.42 -24.08 -29.93
N ALA C 62 -20.27 -23.53 -31.14
CA ALA C 62 -21.41 -23.17 -31.96
C ALA C 62 -21.02 -23.02 -33.41
N ILE C 63 -22.00 -23.20 -34.29
CA ILE C 63 -21.80 -23.05 -35.74
C ILE C 63 -22.33 -21.68 -36.11
N CYS C 64 -21.44 -20.81 -36.60
CA CYS C 64 -21.82 -19.45 -37.02
C CYS C 64 -21.58 -19.20 -38.53
N ARG C 65 -22.58 -18.64 -39.21
CA ARG C 65 -22.45 -18.17 -40.59
C ARG C 65 -22.92 -16.71 -40.73
N ALA C 66 -21.97 -15.82 -41.01
CA ALA C 66 -22.29 -14.44 -41.35
C ALA C 66 -22.96 -14.38 -42.71
N THR C 67 -23.85 -13.42 -42.85
CA THR C 67 -24.63 -13.27 -44.06
C THR C 67 -25.05 -11.82 -44.23
N THR C 68 -25.65 -11.52 -45.37
CA THR C 68 -26.23 -10.22 -45.64
C THR C 68 -27.67 -10.46 -46.05
N VAL C 69 -28.52 -9.44 -45.86
CA VAL C 69 -29.94 -9.47 -46.15
C VAL C 69 -30.38 -8.24 -46.93
N GLU C 70 -31.15 -8.47 -47.99
CA GLU C 70 -31.74 -7.42 -48.80
C GLU C 70 -32.90 -6.79 -48.07
N VAL C 71 -32.86 -5.47 -47.86
CA VAL C 71 -33.75 -4.79 -46.94
C VAL C 71 -34.24 -3.46 -47.52
N THR C 72 -35.53 -3.18 -47.37
CA THR C 72 -36.20 -1.95 -47.85
C THR C 72 -35.51 -0.71 -47.32
N LEU C 73 -35.28 0.25 -48.21
CA LEU C 73 -34.63 1.52 -47.88
C LEU C 73 -35.14 2.64 -48.81
N GLY C 74 -36.21 3.31 -48.38
CA GLY C 74 -36.87 4.35 -49.18
C GLY C 74 -37.46 3.77 -50.45
N LYS C 75 -36.72 3.89 -51.56
CA LYS C 75 -37.05 3.19 -52.81
C LYS C 75 -36.96 1.67 -52.63
N GLY C 76 -35.96 1.24 -51.89
CA GLY C 76 -35.40 -0.09 -52.01
C GLY C 76 -34.11 0.15 -52.81
N THR C 77 -32.98 -0.44 -52.43
CA THR C 77 -32.80 -1.34 -51.29
C THR C 77 -31.45 -1.05 -50.63
N GLY C 78 -31.23 -1.69 -49.48
CA GLY C 78 -29.97 -1.64 -48.76
C GLY C 78 -29.64 -2.98 -48.15
N LYS C 79 -28.38 -3.17 -47.80
CA LYS C 79 -27.87 -4.44 -47.25
C LYS C 79 -27.76 -4.36 -45.72
N MET C 80 -28.33 -5.35 -45.03
CA MET C 80 -28.23 -5.46 -43.55
C MET C 80 -27.41 -6.68 -43.15
N TRP C 81 -26.23 -6.44 -42.59
CA TRP C 81 -25.37 -7.50 -42.14
C TRP C 81 -25.91 -8.12 -40.85
N GLY C 82 -25.83 -9.45 -40.79
CA GLY C 82 -26.21 -10.23 -39.61
C GLY C 82 -25.49 -11.56 -39.55
N GLU C 83 -25.44 -12.13 -38.34
CA GLU C 83 -24.77 -13.41 -38.11
C GLU C 83 -25.76 -14.37 -37.49
N LEU C 84 -26.07 -15.44 -38.23
CA LEU C 84 -26.89 -16.53 -37.69
C LEU C 84 -25.95 -17.55 -37.07
N CYS C 85 -26.30 -18.03 -35.87
CA CYS C 85 -25.53 -19.06 -35.20
C CYS C 85 -26.49 -20.11 -34.67
N ARG C 86 -26.03 -21.36 -34.71
CA ARG C 86 -26.77 -22.50 -34.19
C ARG C 86 -25.90 -23.23 -33.20
N PRO C 87 -26.52 -23.86 -32.18
CA PRO C 87 -25.75 -24.74 -31.28
C PRO C 87 -25.17 -25.93 -32.04
N ALA C 88 -23.95 -26.31 -31.66
CA ALA C 88 -23.27 -27.45 -32.29
C ALA C 88 -24.05 -28.75 -32.03
N GLY C 89 -24.26 -29.51 -33.10
CA GLY C 89 -25.00 -30.76 -33.01
C GLY C 89 -26.44 -30.56 -32.57
N SER C 90 -27.04 -29.47 -33.02
CA SER C 90 -28.44 -29.18 -32.74
C SER C 90 -29.10 -28.40 -33.89
N SER C 91 -30.41 -28.59 -34.00
CA SER C 91 -31.22 -27.86 -34.95
C SER C 91 -32.44 -27.42 -34.16
N PRO C 92 -32.40 -26.18 -33.64
CA PRO C 92 -33.52 -25.64 -32.89
C PRO C 92 -34.58 -25.03 -33.78
N ASP C 93 -35.78 -24.89 -33.22
CA ASP C 93 -36.93 -24.30 -33.91
C ASP C 93 -37.07 -22.82 -33.59
N THR C 94 -36.58 -22.41 -32.42
CA THR C 94 -36.60 -21.00 -31.99
C THR C 94 -35.28 -20.25 -32.28
N VAL C 95 -35.42 -19.10 -32.92
CA VAL C 95 -34.32 -18.15 -33.14
C VAL C 95 -34.61 -16.83 -32.38
N VAL C 96 -33.61 -16.33 -31.65
CA VAL C 96 -33.71 -15.02 -30.95
C VAL C 96 -32.97 -13.97 -31.76
N THR C 97 -33.72 -13.02 -32.31
CA THR C 97 -33.17 -11.90 -33.11
C THR C 97 -32.78 -10.69 -32.24
N MET C 98 -31.53 -10.25 -32.35
CA MET C 98 -30.95 -9.32 -31.40
C MET C 98 -30.59 -7.96 -31.97
N VAL C 99 -31.41 -6.96 -31.66
CA VAL C 99 -31.26 -5.62 -32.19
C VAL C 99 -30.57 -4.70 -31.19
N HIS C 100 -29.48 -4.10 -31.63
CA HIS C 100 -28.65 -3.25 -30.78
C HIS C 100 -29.15 -1.82 -30.68
N GLY C 101 -28.59 -1.11 -29.70
CA GLY C 101 -28.95 0.28 -29.40
C GLY C 101 -28.04 1.34 -30.03
N ALA C 102 -28.37 2.60 -29.76
CA ALA C 102 -27.71 3.73 -30.44
C ALA C 102 -26.27 3.87 -30.03
N THR C 103 -25.40 3.96 -31.04
CA THR C 103 -23.95 4.09 -30.84
C THR C 103 -23.28 2.71 -30.61
N TYR C 104 -24.08 1.65 -30.49
CA TYR C 104 -23.58 0.29 -30.42
C TYR C 104 -23.70 -0.32 -31.80
N ASN C 105 -23.14 -1.52 -31.93
CA ASN C 105 -23.43 -2.38 -33.08
C ASN C 105 -23.70 -3.81 -32.59
N HIS C 106 -23.53 -4.78 -33.48
CA HIS C 106 -23.81 -6.16 -33.14
C HIS C 106 -22.97 -6.71 -31.98
N ASN C 107 -21.79 -6.14 -31.75
CA ASN C 107 -20.94 -6.50 -30.62
C ASN C 107 -21.62 -6.42 -29.26
N TYR C 108 -22.59 -5.51 -29.08
CA TYR C 108 -23.28 -5.43 -27.82
C TYR C 108 -23.93 -6.76 -27.43
N TRP C 109 -24.48 -7.47 -28.42
CA TRP C 109 -25.20 -8.73 -28.19
C TRP C 109 -24.36 -9.98 -28.31
N ASP C 110 -23.23 -9.84 -29.00
CA ASP C 110 -22.20 -10.87 -29.06
C ASP C 110 -20.85 -10.19 -28.83
N PHE C 111 -20.59 -9.95 -27.55
CA PHE C 111 -19.44 -9.19 -27.09
C PHE C 111 -18.22 -10.12 -27.17
N PRO C 112 -17.06 -9.61 -27.68
CA PRO C 112 -15.88 -10.43 -27.93
C PRO C 112 -14.86 -10.57 -26.78
N TYR C 113 -14.99 -9.79 -25.69
CA TYR C 113 -14.11 -9.95 -24.53
C TYR C 113 -14.78 -10.82 -23.46
N GLN C 114 -14.09 -11.85 -23.00
CA GLN C 114 -14.67 -12.84 -22.11
C GLN C 114 -16.09 -13.22 -22.54
N PRO C 115 -16.22 -13.73 -23.78
CA PRO C 115 -17.55 -14.12 -24.27
C PRO C 115 -18.30 -15.07 -23.33
N ASP C 116 -17.59 -16.07 -22.77
CA ASP C 116 -18.13 -17.01 -21.76
C ASP C 116 -18.98 -16.31 -20.70
N LYS C 117 -18.59 -15.08 -20.33
CA LYS C 117 -19.32 -14.27 -19.38
C LYS C 117 -20.25 -13.32 -20.08
N TYR C 118 -19.72 -12.49 -20.98
CA TYR C 118 -20.44 -11.27 -21.48
C TYR C 118 -21.16 -11.38 -22.84
N SER C 119 -20.91 -12.46 -23.57
CA SER C 119 -21.62 -12.74 -24.81
C SER C 119 -23.01 -13.28 -24.51
N PHE C 120 -24.03 -12.49 -24.83
CA PHE C 120 -25.43 -12.87 -24.65
C PHE C 120 -25.86 -13.91 -25.68
N ARG C 121 -25.44 -13.72 -26.93
CA ARG C 121 -25.65 -14.71 -27.98
C ARG C 121 -25.15 -16.06 -27.54
N LYS C 122 -23.88 -16.13 -27.19
CA LYS C 122 -23.25 -17.40 -26.84
C LYS C 122 -24.02 -18.10 -25.70
N MET C 123 -24.35 -17.33 -24.66
CA MET C 123 -25.23 -17.81 -23.60
C MET C 123 -26.49 -18.52 -24.13
N LEU C 124 -27.19 -17.88 -25.06
CA LEU C 124 -28.41 -18.44 -25.66
C LEU C 124 -28.13 -19.72 -26.44
N ASN C 125 -27.04 -19.74 -27.22
CA ASN C 125 -26.65 -20.95 -27.96
C ASN C 125 -26.30 -22.12 -27.02
N GLY C 126 -25.74 -21.78 -25.86
CA GLY C 126 -25.51 -22.74 -24.79
C GLY C 126 -26.82 -23.25 -24.21
N ALA C 127 -27.84 -22.39 -24.22
CA ALA C 127 -29.23 -22.76 -23.84
C ALA C 127 -30.07 -23.37 -24.98
N GLY C 128 -29.42 -23.73 -26.09
CA GLY C 128 -30.10 -24.40 -27.21
C GLY C 128 -30.88 -23.55 -28.21
N TYR C 129 -30.89 -22.23 -28.06
CA TYR C 129 -31.60 -21.39 -29.02
C TYR C 129 -30.69 -21.08 -30.20
N ALA C 130 -31.30 -20.86 -31.36
CA ALA C 130 -30.60 -20.21 -32.45
C ALA C 130 -30.64 -18.70 -32.19
N THR C 131 -29.75 -17.98 -32.87
CA THR C 131 -29.52 -16.56 -32.63
C THR C 131 -29.18 -15.84 -33.92
N PHE C 132 -29.87 -14.71 -34.16
CA PHE C 132 -29.55 -13.82 -35.26
C PHE C 132 -29.23 -12.40 -34.78
N VAL C 133 -27.96 -12.15 -34.45
CA VAL C 133 -27.47 -10.78 -34.16
C VAL C 133 -27.26 -10.00 -35.46
N VAL C 134 -27.67 -8.74 -35.48
CA VAL C 134 -27.60 -7.88 -36.67
C VAL C 134 -26.77 -6.62 -36.44
N ASP C 135 -26.31 -6.05 -37.54
CA ASP C 135 -25.84 -4.65 -37.61
C ASP C 135 -26.97 -3.81 -38.21
N ARG C 136 -27.71 -3.04 -37.39
CA ARG C 136 -28.63 -2.00 -37.94
C ARG C 136 -27.99 -1.20 -39.08
N LEU C 137 -28.79 -0.61 -39.95
CA LEU C 137 -28.23 0.21 -41.04
C LEU C 137 -27.63 1.50 -40.49
N GLY C 138 -26.46 1.86 -41.01
CA GLY C 138 -25.66 2.99 -40.50
C GLY C 138 -24.45 2.56 -39.67
N THR C 139 -24.48 1.32 -39.17
CA THR C 139 -23.50 0.80 -38.23
C THR C 139 -22.82 -0.44 -38.79
N GLY C 140 -21.54 -0.61 -38.48
CA GLY C 140 -20.81 -1.85 -38.74
C GLY C 140 -20.69 -2.23 -40.21
N ASN C 141 -20.82 -3.52 -40.48
CA ASN C 141 -20.69 -4.12 -41.83
C ASN C 141 -21.92 -3.93 -42.73
N SER C 142 -23.00 -3.36 -42.20
CA SER C 142 -24.17 -2.95 -43.00
C SER C 142 -23.91 -1.74 -43.90
N THR C 143 -24.90 -1.46 -44.75
CA THR C 143 -24.98 -0.23 -45.54
C THR C 143 -25.14 0.97 -44.61
N VAL C 144 -24.38 2.02 -44.91
CA VAL C 144 -24.40 3.28 -44.21
C VAL C 144 -25.00 4.29 -45.20
N PRO C 145 -26.33 4.45 -45.20
CA PRO C 145 -26.96 5.35 -46.17
C PRO C 145 -26.87 6.81 -45.74
N PRO C 146 -27.41 7.74 -46.55
CA PRO C 146 -27.67 9.09 -46.02
C PRO C 146 -28.65 9.02 -44.85
N SER C 147 -28.27 9.66 -43.75
CA SER C 147 -29.05 9.70 -42.52
C SER C 147 -30.55 9.98 -42.72
N SER C 148 -30.90 10.88 -43.66
CA SER C 148 -32.30 11.27 -43.96
C SER C 148 -33.24 10.09 -44.38
N GLU C 149 -32.64 9.06 -45.00
CA GLU C 149 -33.35 7.84 -45.38
C GLU C 149 -33.66 6.88 -44.23
N LEU C 150 -32.99 7.06 -43.09
CA LEU C 150 -33.20 6.22 -41.92
C LEU C 150 -34.05 6.91 -40.87
N ASN C 151 -34.90 6.11 -40.24
CA ASN C 151 -35.59 6.48 -39.00
C ASN C 151 -36.19 5.19 -38.40
N LEU C 152 -36.76 5.31 -37.19
CA LEU C 152 -37.27 4.16 -36.46
C LEU C 152 -38.24 3.33 -37.29
N THR C 153 -39.30 3.96 -37.77
CA THR C 153 -40.37 3.29 -38.53
C THR C 153 -39.77 2.55 -39.74
N VAL C 154 -38.91 3.21 -40.48
CA VAL C 154 -38.18 2.59 -41.59
C VAL C 154 -37.36 1.37 -41.13
N GLU C 155 -36.53 1.57 -40.10
CA GLU C 155 -35.75 0.48 -39.49
C GLU C 155 -36.62 -0.67 -38.91
N ALA C 156 -37.85 -0.37 -38.47
CA ALA C 156 -38.76 -1.40 -37.92
C ALA C 156 -39.23 -2.39 -38.97
N ARG C 157 -39.62 -1.83 -40.12
CA ARG C 157 -39.93 -2.59 -41.34
C ARG C 157 -38.77 -3.46 -41.84
N GLN C 158 -37.55 -2.96 -41.68
CA GLN C 158 -36.33 -3.70 -41.99
C GLN C 158 -36.28 -4.94 -41.11
N MET C 159 -36.52 -4.74 -39.81
CA MET C 159 -36.57 -5.87 -38.87
C MET C 159 -37.67 -6.87 -39.22
N HIS C 160 -38.84 -6.34 -39.59
CA HIS C 160 -39.95 -7.16 -40.11
C HIS C 160 -39.57 -8.07 -41.32
N GLU C 161 -38.79 -7.52 -42.24
CA GLU C 161 -38.20 -8.31 -43.36
C GLU C 161 -37.14 -9.35 -42.97
N VAL C 162 -36.35 -9.05 -41.93
CA VAL C 162 -35.44 -10.04 -41.34
C VAL C 162 -36.19 -11.16 -40.60
N VAL C 163 -37.27 -10.81 -39.90
CA VAL C 163 -38.08 -11.81 -39.18
C VAL C 163 -38.72 -12.79 -40.15
N GLN C 164 -39.39 -12.23 -41.15
CA GLN C 164 -39.98 -13.01 -42.25
C GLN C 164 -38.96 -13.97 -42.87
N GLY C 165 -37.78 -13.45 -43.22
CA GLY C 165 -36.73 -14.25 -43.83
C GLY C 165 -36.21 -15.37 -42.97
N LEU C 166 -36.28 -15.19 -41.66
CA LEU C 166 -35.94 -16.24 -40.73
C LEU C 166 -37.01 -17.33 -40.72
N ARG C 167 -38.26 -16.91 -40.58
CA ARG C 167 -39.42 -17.82 -40.56
C ARG C 167 -39.53 -18.64 -41.86
N THR C 168 -39.44 -17.97 -43.00
CA THR C 168 -39.55 -18.62 -44.30
C THR C 168 -38.36 -19.49 -44.58
N GLY C 169 -37.19 -19.04 -44.11
CA GLY C 169 -35.94 -19.77 -44.28
C GLY C 169 -35.04 -19.20 -45.35
N ARG C 170 -35.43 -18.08 -45.98
CA ARG C 170 -34.55 -17.44 -46.98
C ARG C 170 -33.24 -16.93 -46.33
N ILE C 171 -33.30 -16.59 -45.04
CA ILE C 171 -32.12 -16.46 -44.18
C ILE C 171 -31.92 -17.79 -43.42
N GLY C 172 -30.72 -18.39 -43.54
CA GLY C 172 -30.37 -19.63 -42.83
C GLY C 172 -30.59 -20.96 -43.55
N GLY C 173 -31.68 -21.04 -44.32
CA GLY C 173 -32.05 -22.25 -45.08
C GLY C 173 -33.20 -23.02 -44.44
N THR C 174 -32.99 -23.44 -43.20
CA THR C 174 -33.90 -24.34 -42.51
C THR C 174 -35.31 -23.76 -42.36
N GLY C 175 -35.40 -22.53 -41.86
CA GLY C 175 -36.71 -21.88 -41.59
C GLY C 175 -37.17 -22.15 -40.16
N PHE C 176 -37.52 -21.08 -39.42
CA PHE C 176 -37.83 -21.18 -37.98
C PHE C 176 -39.31 -21.02 -37.66
N GLY C 177 -39.81 -21.88 -36.79
CA GLY C 177 -41.22 -21.88 -36.38
C GLY C 177 -41.56 -20.78 -35.40
N LYS C 178 -40.64 -20.51 -34.46
CA LYS C 178 -40.82 -19.46 -33.45
C LYS C 178 -39.67 -18.44 -33.55
N VAL C 179 -40.01 -17.15 -33.55
CA VAL C 179 -39.03 -16.04 -33.64
C VAL C 179 -39.24 -15.06 -32.50
N VAL C 180 -38.23 -14.98 -31.61
CA VAL C 180 -38.20 -13.99 -30.55
C VAL C 180 -37.34 -12.78 -30.96
N LEU C 181 -37.93 -11.59 -30.81
CA LEU C 181 -37.27 -10.33 -31.15
C LEU C 181 -36.75 -9.67 -29.86
N ALA C 182 -35.42 -9.55 -29.74
CA ALA C 182 -34.75 -8.99 -28.56
C ALA C 182 -34.18 -7.62 -28.88
N GLY C 183 -34.31 -6.69 -27.95
CA GLY C 183 -33.99 -5.28 -28.24
C GLY C 183 -33.23 -4.65 -27.09
N TYR C 184 -32.17 -3.92 -27.42
CA TYR C 184 -31.47 -3.12 -26.43
C TYR C 184 -31.60 -1.64 -26.77
N ALA C 185 -32.09 -0.88 -25.79
CA ALA C 185 -32.10 0.56 -25.85
C ALA C 185 -32.90 1.03 -27.05
N LEU C 186 -32.39 1.89 -27.92
CA LEU C 186 -33.15 2.26 -29.14
C LEU C 186 -33.48 1.06 -30.02
N GLY C 187 -32.72 -0.04 -29.86
CA GLY C 187 -33.08 -1.34 -30.45
C GLY C 187 -34.41 -1.88 -29.95
N SER C 188 -34.72 -1.60 -28.68
CA SER C 188 -36.03 -1.91 -28.10
C SER C 188 -37.16 -1.09 -28.70
N ALA C 189 -36.89 0.17 -29.07
CA ALA C 189 -37.92 1.01 -29.73
C ALA C 189 -38.20 0.51 -31.15
N VAL C 190 -37.12 0.13 -31.85
CA VAL C 190 -37.21 -0.60 -33.13
C VAL C 190 -38.01 -1.90 -32.93
N THR C 191 -37.70 -2.63 -31.89
CA THR C 191 -38.38 -3.87 -31.55
C THR C 191 -39.87 -3.67 -31.27
N SER C 192 -40.18 -2.69 -30.44
CA SER C 192 -41.56 -2.46 -30.02
C SER C 192 -42.43 -2.08 -31.22
N ILE C 193 -41.90 -1.24 -32.11
CA ILE C 193 -42.61 -0.82 -33.31
C ILE C 193 -42.88 -2.03 -34.22
N GLU C 194 -41.85 -2.86 -34.42
CA GLU C 194 -41.97 -4.05 -35.27
C GLU C 194 -43.09 -4.94 -34.72
N ALA C 195 -42.98 -5.32 -33.45
CA ALA C 195 -43.98 -6.18 -32.80
C ALA C 195 -45.39 -5.61 -32.87
N SER C 196 -45.49 -4.30 -32.66
CA SER C 196 -46.76 -3.58 -32.66
C SER C 196 -47.41 -3.50 -34.05
N THR C 197 -46.61 -3.06 -35.03
CA THR C 197 -47.05 -2.91 -36.41
C THR C 197 -47.48 -4.26 -37.00
N PHE C 198 -46.53 -5.21 -37.03
CA PHE C 198 -46.65 -6.45 -37.81
C PHE C 198 -47.09 -7.71 -37.06
N HIS C 199 -46.98 -7.73 -35.74
CA HIS C 199 -47.42 -8.89 -34.92
C HIS C 199 -46.85 -10.27 -35.31
N ASP C 200 -45.67 -10.28 -35.91
CA ASP C 200 -45.08 -11.49 -36.49
C ASP C 200 -43.96 -12.11 -35.64
N VAL C 201 -43.99 -11.85 -34.34
CA VAL C 201 -42.98 -12.37 -33.40
C VAL C 201 -43.69 -13.01 -32.21
N ASP C 202 -43.13 -14.11 -31.71
CA ASP C 202 -43.77 -14.91 -30.66
C ASP C 202 -43.63 -14.29 -29.28
N ALA C 203 -42.46 -13.75 -29.00
CA ALA C 203 -42.14 -13.08 -27.72
C ALA C 203 -41.23 -11.87 -27.96
N VAL C 204 -41.14 -11.01 -26.94
CA VAL C 204 -40.41 -9.75 -27.01
C VAL C 204 -39.55 -9.58 -25.75
N LEU C 205 -38.30 -9.20 -25.93
CA LEU C 205 -37.39 -8.88 -24.82
C LEU C 205 -37.00 -7.40 -24.96
N ILE C 206 -37.26 -6.62 -23.92
CA ILE C 206 -37.08 -5.16 -23.95
C ILE C 206 -36.06 -4.81 -22.89
N THR C 207 -34.91 -4.28 -23.28
CA THR C 207 -33.88 -3.90 -22.30
C THR C 207 -33.49 -2.43 -22.46
N ALA C 208 -33.10 -1.84 -21.34
CA ALA C 208 -32.56 -0.49 -21.29
C ALA C 208 -33.45 0.60 -21.95
N LEU C 209 -34.77 0.40 -21.95
CA LEU C 209 -35.69 1.38 -22.53
C LEU C 209 -36.96 1.36 -21.70
N GLY C 210 -37.20 2.47 -21.00
CA GLY C 210 -38.44 2.68 -20.26
C GLY C 210 -39.22 3.81 -20.86
N HIS C 211 -40.45 3.97 -20.40
CA HIS C 211 -41.38 5.01 -20.93
C HIS C 211 -41.16 6.40 -20.29
N TYR C 212 -40.77 6.41 -19.02
CA TYR C 212 -40.24 7.58 -18.35
C TYR C 212 -38.71 7.60 -18.50
N ASN C 213 -38.11 8.80 -18.43
CA ASN C 213 -36.69 8.94 -18.66
C ASN C 213 -36.14 10.17 -17.95
N ASN C 214 -34.82 10.35 -18.05
CA ASN C 214 -34.12 11.41 -17.35
C ASN C 214 -33.54 12.42 -18.34
N PRO C 215 -34.08 13.66 -18.38
CA PRO C 215 -33.61 14.69 -19.34
C PRO C 215 -32.12 15.02 -19.23
N ALA C 216 -31.64 15.11 -17.99
CA ALA C 216 -30.23 15.37 -17.72
C ALA C 216 -29.29 14.24 -18.17
N GLY C 217 -29.78 12.99 -18.16
CA GLY C 217 -29.01 11.85 -18.68
C GLY C 217 -28.84 11.89 -20.20
N THR C 218 -29.92 12.27 -20.88
CA THR C 218 -29.94 12.47 -22.34
C THR C 218 -29.08 13.67 -22.76
N GLN C 219 -29.24 14.77 -22.05
CA GLN C 219 -28.42 15.95 -22.22
C GLN C 219 -26.91 15.64 -22.12
N ALA C 220 -26.53 14.74 -21.22
CA ALA C 220 -25.13 14.35 -21.01
C ALA C 220 -24.51 13.67 -22.24
N ILE C 221 -25.27 12.80 -22.91
CA ILE C 221 -24.87 12.25 -24.20
C ILE C 221 -24.71 13.39 -25.22
N ILE C 222 -25.69 14.31 -25.29
CA ILE C 222 -25.61 15.48 -26.19
C ILE C 222 -24.32 16.31 -25.93
N ASP C 223 -23.98 16.52 -24.67
CA ASP C 223 -22.77 17.27 -24.32
C ASP C 223 -21.48 16.50 -24.66
N ASN C 224 -21.53 15.18 -24.69
CA ASN C 224 -20.40 14.32 -25.05
C ASN C 224 -20.50 13.71 -26.47
N GLY C 225 -21.43 14.19 -27.28
CA GLY C 225 -21.58 13.69 -28.64
C GLY C 225 -20.63 14.38 -29.60
N LEU C 226 -20.26 13.69 -30.66
CA LEU C 226 -19.49 14.30 -31.73
C LEU C 226 -19.74 13.59 -33.04
N SER C 227 -19.17 14.12 -34.11
CA SER C 227 -19.30 13.51 -35.43
C SER C 227 -18.28 12.36 -35.59
N PRO C 228 -18.73 11.21 -36.11
CA PRO C 228 -17.82 10.07 -36.35
C PRO C 228 -16.66 10.36 -37.33
N ASN C 229 -16.78 11.45 -38.10
CA ASN C 229 -15.66 11.94 -38.92
C ASN C 229 -14.49 12.49 -38.08
N ASP C 230 -14.72 12.78 -36.80
CA ASP C 230 -13.68 13.30 -35.90
C ASP C 230 -13.16 12.27 -34.87
N ASP C 231 -13.89 11.18 -34.72
CA ASP C 231 -13.54 10.07 -33.82
C ASP C 231 -12.53 9.08 -34.44
N PRO C 232 -11.40 8.82 -33.77
CA PRO C 232 -10.34 7.93 -34.31
C PRO C 232 -10.75 6.47 -34.68
N VAL C 233 -11.72 5.90 -33.94
CA VAL C 233 -12.19 4.52 -34.21
C VAL C 233 -13.00 4.43 -35.52
N LEU C 234 -13.73 5.50 -35.83
CA LEU C 234 -14.67 5.53 -36.95
C LEU C 234 -14.20 6.35 -38.18
N LYS C 235 -13.13 7.16 -38.01
CA LYS C 235 -12.64 8.09 -39.05
C LYS C 235 -12.53 7.44 -40.39
N ASP C 236 -11.81 6.33 -40.41
CA ASP C 236 -11.35 5.69 -41.64
C ASP C 236 -12.44 4.98 -42.45
N ARG C 237 -13.46 4.48 -41.77
CA ARG C 237 -14.44 3.53 -42.36
C ARG C 237 -15.34 4.14 -43.46
N HIS C 238 -15.96 5.29 -43.18
CA HIS C 238 -16.79 6.03 -44.15
C HIS C 238 -16.63 7.52 -43.94
N HIS C 239 -17.06 8.31 -44.91
CA HIS C 239 -17.38 9.71 -44.64
C HIS C 239 -18.86 9.70 -44.25
N TYR C 240 -19.15 10.11 -43.02
CA TYR C 240 -20.52 10.18 -42.52
C TYR C 240 -21.10 11.56 -42.75
N ASP C 241 -22.39 11.56 -43.06
CA ASP C 241 -23.21 12.75 -43.24
C ASP C 241 -23.44 13.44 -41.88
N ASP C 242 -23.83 14.73 -41.92
CA ASP C 242 -24.08 15.54 -40.70
C ASP C 242 -25.24 15.04 -39.81
N GLY C 243 -26.02 14.08 -40.29
CA GLY C 243 -27.03 13.42 -39.44
C GLY C 243 -26.57 12.25 -38.60
N TYR C 244 -25.29 11.87 -38.73
CA TYR C 244 -24.66 10.76 -37.99
C TYR C 244 -23.80 11.28 -36.86
N ALA C 245 -23.89 10.61 -35.71
CA ALA C 245 -23.14 10.98 -34.49
C ALA C 245 -22.56 9.75 -33.79
N THR C 246 -21.64 10.00 -32.86
CA THR C 246 -21.12 8.98 -31.98
C THR C 246 -20.66 9.67 -30.71
N THR C 247 -20.24 8.91 -29.71
CA THR C 247 -19.79 9.47 -28.42
C THR C 247 -18.29 9.81 -28.41
N LYS C 248 -17.95 10.73 -27.54
CA LYS C 248 -16.59 11.18 -27.42
C LYS C 248 -15.79 10.05 -26.73
N PRO C 249 -14.51 9.84 -27.12
CA PRO C 249 -13.66 8.90 -26.38
C PRO C 249 -13.66 9.18 -24.88
N GLY C 250 -13.64 8.12 -24.09
CA GLY C 250 -13.71 8.22 -22.63
C GLY C 250 -15.06 8.56 -22.03
N SER C 251 -16.06 8.85 -22.85
CA SER C 251 -17.30 9.42 -22.33
C SER C 251 -18.31 8.36 -21.92
N ARG C 252 -18.21 7.19 -22.56
CA ARG C 252 -19.18 6.09 -22.37
C ARG C 252 -19.33 5.60 -20.94
N LYS C 253 -18.19 5.38 -20.29
CA LYS C 253 -18.11 5.07 -18.86
C LYS C 253 -19.19 5.77 -18.06
N HIS C 254 -19.26 7.09 -18.27
CA HIS C 254 -20.20 7.97 -17.58
C HIS C 254 -21.56 7.97 -18.21
N VAL C 255 -21.64 8.34 -19.48
CA VAL C 255 -22.94 8.66 -20.07
C VAL C 255 -23.86 7.44 -20.20
N PHE C 256 -23.28 6.24 -20.36
CA PHE C 256 -24.05 5.00 -20.33
C PHE C 256 -23.88 4.23 -19.02
N TYR C 257 -22.66 4.00 -18.58
CA TYR C 257 -22.46 3.03 -17.51
C TYR C 257 -22.45 3.59 -16.12
N ALA C 258 -22.70 4.89 -16.01
CA ALA C 258 -22.92 5.53 -14.73
C ALA C 258 -21.75 5.35 -13.79
N ASP C 259 -20.55 5.24 -14.34
CA ASP C 259 -19.32 5.12 -13.56
C ASP C 259 -19.35 3.96 -12.56
N ARG C 260 -20.03 2.88 -12.94
CA ARG C 260 -20.22 1.76 -12.03
C ARG C 260 -19.20 0.70 -12.32
N PRO C 261 -18.82 -0.07 -11.28
CA PRO C 261 -17.66 -0.93 -11.44
C PRO C 261 -17.79 -1.82 -12.64
N MET C 262 -16.75 -1.87 -13.45
CA MET C 262 -16.70 -2.74 -14.61
C MET C 262 -15.31 -3.27 -14.81
N ASP C 263 -15.22 -4.36 -15.53
CA ASP C 263 -13.94 -4.90 -15.92
C ASP C 263 -13.30 -3.81 -16.77
N PRO C 264 -12.01 -3.54 -16.56
CA PRO C 264 -11.35 -2.55 -17.41
C PRO C 264 -11.26 -2.94 -18.88
N GLY C 265 -11.09 -4.24 -19.15
CA GLY C 265 -11.07 -4.76 -20.53
C GLY C 265 -12.38 -4.67 -21.28
N VAL C 266 -13.50 -4.79 -20.55
CA VAL C 266 -14.85 -4.49 -21.10
C VAL C 266 -14.99 -3.02 -21.53
N LEU C 267 -14.75 -2.07 -20.64
CA LEU C 267 -14.87 -0.65 -21.01
C LEU C 267 -14.07 -0.36 -22.27
N ALA C 268 -12.79 -0.74 -22.27
CA ALA C 268 -11.89 -0.53 -23.41
C ALA C 268 -12.35 -1.21 -24.71
N THR C 269 -12.92 -2.41 -24.58
CA THR C 269 -13.49 -3.16 -25.71
C THR C 269 -14.71 -2.45 -26.26
N ASP C 270 -15.53 -1.93 -25.34
CA ASP C 270 -16.71 -1.18 -25.71
C ASP C 270 -16.33 0.08 -26.51
N GLU C 271 -15.26 0.76 -26.10
CA GLU C 271 -14.77 1.93 -26.83
C GLU C 271 -14.21 1.62 -28.22
N LEU C 272 -13.70 0.40 -28.42
CA LEU C 272 -13.11 -0.01 -29.71
C LEU C 272 -14.16 -0.64 -30.65
N THR C 273 -15.30 -1.05 -30.08
CA THR C 273 -16.39 -1.63 -30.83
C THR C 273 -17.63 -0.72 -30.93
N LYS C 274 -17.46 0.53 -30.51
CA LYS C 274 -18.51 1.52 -30.61
C LYS C 274 -18.83 1.88 -32.05
N ASP C 275 -19.92 2.61 -32.23
CA ASP C 275 -20.33 2.96 -33.57
C ASP C 275 -21.02 4.30 -33.66
N ALA C 276 -21.30 4.70 -34.90
CA ALA C 276 -22.13 5.83 -35.18
C ALA C 276 -23.62 5.50 -35.05
N ASN C 277 -24.43 6.56 -35.09
CA ASN C 277 -25.89 6.47 -35.00
C ASN C 277 -26.60 7.68 -35.65
N VAL C 278 -27.85 7.48 -36.07
CA VAL C 278 -28.69 8.57 -36.58
C VAL C 278 -29.40 9.24 -35.39
N PHE C 279 -28.96 10.43 -35.04
CA PHE C 279 -29.32 11.00 -33.75
C PHE C 279 -30.73 11.62 -33.65
N THR C 280 -31.31 11.99 -34.78
CA THR C 280 -32.71 12.44 -34.84
C THR C 280 -33.69 11.35 -34.38
N GLU C 281 -33.25 10.08 -34.51
CA GLU C 281 -34.03 8.91 -34.05
C GLU C 281 -34.27 8.98 -32.56
N ALA C 282 -33.24 9.37 -31.81
CA ALA C 282 -33.36 9.49 -30.36
C ALA C 282 -34.53 10.36 -29.93
N ALA C 283 -34.76 11.44 -30.67
CA ALA C 283 -35.82 12.41 -30.42
C ALA C 283 -37.18 12.10 -31.07
N ASP C 284 -37.34 10.92 -31.65
CA ASP C 284 -38.62 10.50 -32.22
C ASP C 284 -39.61 10.27 -31.09
N PRO C 285 -40.87 10.76 -31.22
CA PRO C 285 -41.90 10.44 -30.18
C PRO C 285 -42.30 8.95 -30.08
N LEU C 286 -42.08 8.18 -31.15
CA LEU C 286 -42.38 6.73 -31.13
C LEU C 286 -41.60 5.91 -30.08
N VAL C 287 -40.43 6.43 -29.66
CA VAL C 287 -39.60 5.81 -28.61
C VAL C 287 -40.39 5.58 -27.30
N ILE C 288 -41.19 6.57 -26.92
CA ILE C 288 -42.01 6.52 -25.70
C ILE C 288 -43.54 6.49 -25.93
N ASP C 289 -43.99 6.42 -27.19
CA ASP C 289 -45.44 6.44 -27.46
C ASP C 289 -46.18 5.21 -26.86
N PRO C 290 -47.07 5.45 -25.86
CA PRO C 290 -47.79 4.35 -25.19
C PRO C 290 -48.63 3.51 -26.14
N ALA C 291 -49.11 4.14 -27.20
CA ALA C 291 -49.90 3.47 -28.24
C ALA C 291 -49.18 2.30 -28.93
N VAL C 292 -47.85 2.36 -29.03
CA VAL C 292 -47.06 1.30 -29.66
C VAL C 292 -46.92 0.12 -28.70
N SER C 293 -46.51 0.39 -27.46
CA SER C 293 -46.26 -0.68 -26.48
C SER C 293 -47.52 -1.44 -26.09
N ARG C 294 -48.62 -0.71 -25.92
CA ARG C 294 -49.92 -1.31 -25.56
C ARG C 294 -50.53 -2.19 -26.64
N ALA C 295 -50.14 -2.01 -27.90
CA ALA C 295 -50.63 -2.88 -28.97
C ALA C 295 -49.96 -4.28 -28.99
N ILE C 296 -48.80 -4.43 -28.36
CA ILE C 296 -48.02 -5.69 -28.39
C ILE C 296 -48.76 -6.80 -27.65
N ASP C 297 -49.19 -7.83 -28.39
CA ASP C 297 -50.07 -8.91 -27.87
C ASP C 297 -49.38 -10.20 -27.43
N VAL C 298 -48.05 -10.16 -27.24
CA VAL C 298 -47.25 -11.37 -26.97
C VAL C 298 -46.40 -11.20 -25.72
N PRO C 299 -45.91 -12.30 -25.11
CA PRO C 299 -45.08 -12.23 -23.89
C PRO C 299 -43.90 -11.26 -23.94
N VAL C 300 -43.87 -10.32 -23.00
CA VAL C 300 -42.85 -9.27 -22.95
C VAL C 300 -42.02 -9.50 -21.69
N MET C 301 -40.69 -9.54 -21.83
CA MET C 301 -39.75 -9.42 -20.72
C MET C 301 -39.20 -8.00 -20.76
N PHE C 302 -39.22 -7.32 -19.60
CA PHE C 302 -38.76 -5.94 -19.49
C PHE C 302 -37.58 -5.87 -18.53
N ALA C 303 -36.46 -5.37 -19.04
CA ALA C 303 -35.21 -5.37 -18.31
C ALA C 303 -34.62 -3.97 -18.19
N LEU C 304 -33.97 -3.72 -17.05
CA LEU C 304 -33.45 -2.41 -16.72
C LEU C 304 -32.46 -2.49 -15.57
N GLY C 305 -31.40 -1.70 -15.67
CA GLY C 305 -30.42 -1.55 -14.59
C GLY C 305 -30.86 -0.45 -13.64
N ASP C 306 -30.60 -0.67 -12.34
CA ASP C 306 -31.09 0.23 -11.25
C ASP C 306 -30.38 1.59 -11.15
N ARG C 307 -29.22 1.71 -11.80
CA ARG C 307 -28.47 2.97 -11.87
C ARG C 307 -28.35 3.43 -13.30
N ASP C 308 -29.41 3.24 -14.09
CA ASP C 308 -29.37 3.65 -15.50
C ASP C 308 -29.49 5.19 -15.55
N PRO C 309 -28.43 5.87 -16.02
CA PRO C 309 -28.46 7.33 -16.02
C PRO C 309 -29.42 7.95 -17.04
N LEU C 310 -29.91 7.18 -18.00
CA LEU C 310 -30.90 7.69 -18.96
C LEU C 310 -32.35 7.57 -18.48
N MET C 311 -32.62 6.57 -17.65
CA MET C 311 -33.97 6.29 -17.17
C MET C 311 -34.19 6.67 -15.70
N CYS C 312 -33.26 6.25 -14.84
CA CYS C 312 -33.51 6.26 -13.39
C CYS C 312 -33.40 7.60 -12.73
N GLY C 313 -34.16 7.75 -11.65
CA GLY C 313 -34.33 9.02 -10.94
C GLY C 313 -35.70 9.25 -10.32
N ASP C 314 -35.72 10.17 -9.34
CA ASP C 314 -36.94 10.57 -8.65
C ASP C 314 -37.71 11.49 -9.59
N GLY C 315 -38.99 11.16 -9.80
CA GLY C 315 -39.81 11.81 -10.83
C GLY C 315 -39.79 11.14 -12.21
N TYR C 316 -38.87 10.20 -12.41
CA TYR C 316 -38.66 9.56 -13.70
C TYR C 316 -38.93 8.04 -13.57
N GLU C 317 -38.15 7.20 -14.23
CA GLU C 317 -38.31 5.75 -14.12
C GLU C 317 -38.03 5.32 -12.70
N ASP C 318 -38.95 4.55 -12.11
CA ASP C 318 -38.81 4.21 -10.71
C ASP C 318 -37.95 2.97 -10.63
N CYS C 319 -36.68 3.19 -10.26
CA CYS C 319 -35.69 2.14 -10.17
C CYS C 319 -35.44 1.67 -8.73
N SER C 320 -36.28 2.12 -7.79
CA SER C 320 -36.10 1.86 -6.37
C SER C 320 -36.24 0.40 -5.97
N SER C 321 -37.03 -0.36 -6.72
CA SER C 321 -37.21 -1.78 -6.50
C SER C 321 -37.82 -2.42 -7.73
N GLN C 322 -37.64 -3.72 -7.88
CA GLN C 322 -38.25 -4.47 -9.01
C GLN C 322 -39.78 -4.30 -9.10
N ALA C 323 -40.46 -4.52 -7.96
CA ALA C 323 -41.94 -4.44 -7.85
C ALA C 323 -42.50 -3.06 -8.20
N ALA C 324 -41.80 -2.00 -7.77
CA ALA C 324 -42.19 -0.63 -8.08
C ALA C 324 -42.06 -0.32 -9.56
N LEU C 325 -40.94 -0.75 -10.14
CA LEU C 325 -40.72 -0.61 -11.58
C LEU C 325 -41.84 -1.31 -12.35
N ARG C 326 -42.17 -2.56 -11.96
CA ARG C 326 -43.26 -3.32 -12.61
C ARG C 326 -44.59 -2.56 -12.53
N ALA C 327 -44.88 -2.05 -11.34
CA ALA C 327 -46.07 -1.24 -11.06
C ALA C 327 -46.21 -0.12 -12.09
N GLN C 328 -45.17 0.71 -12.19
CA GLN C 328 -45.13 1.88 -13.06
C GLN C 328 -45.18 1.59 -14.58
N GLU C 329 -44.51 0.53 -15.03
CA GLU C 329 -44.46 0.23 -16.49
C GLU C 329 -45.72 -0.49 -16.95
N ALA C 330 -46.35 -1.27 -16.06
CA ALA C 330 -47.50 -2.13 -16.42
C ALA C 330 -48.63 -1.48 -17.24
N PRO C 331 -49.02 -0.20 -16.94
CA PRO C 331 -50.00 0.53 -17.74
C PRO C 331 -49.65 0.73 -19.21
N PHE C 332 -48.40 0.47 -19.57
CA PHE C 332 -47.95 0.55 -20.96
C PHE C 332 -47.91 -0.78 -21.74
N TRP C 333 -48.23 -1.91 -21.09
CA TRP C 333 -48.14 -3.25 -21.70
C TRP C 333 -49.44 -4.10 -21.52
N THR C 334 -50.60 -3.45 -21.73
CA THR C 334 -51.92 -4.02 -21.39
C THR C 334 -52.49 -5.09 -22.35
N SER C 335 -51.99 -5.13 -23.59
CA SER C 335 -52.31 -6.26 -24.49
C SER C 335 -51.44 -7.52 -24.25
N ALA C 336 -50.31 -7.37 -23.54
CA ALA C 336 -49.36 -8.48 -23.32
C ALA C 336 -49.90 -9.53 -22.34
N PRO C 337 -50.00 -10.80 -22.76
CA PRO C 337 -50.56 -11.80 -21.85
C PRO C 337 -49.72 -12.03 -20.60
N SER C 338 -48.41 -11.93 -20.73
CA SER C 338 -47.51 -11.91 -19.56
C SER C 338 -46.52 -10.76 -19.70
N PHE C 339 -46.32 -10.01 -18.62
CA PHE C 339 -45.38 -8.90 -18.57
C PHE C 339 -44.47 -9.11 -17.38
N ASP C 340 -43.27 -9.58 -17.64
CA ASP C 340 -42.29 -9.85 -16.59
C ASP C 340 -41.22 -8.79 -16.57
N VAL C 341 -40.58 -8.65 -15.41
CA VAL C 341 -39.66 -7.54 -15.15
C VAL C 341 -38.44 -7.99 -14.37
N ILE C 342 -37.26 -7.66 -14.89
CA ILE C 342 -35.99 -7.83 -14.16
C ILE C 342 -35.31 -6.46 -13.93
N LEU C 343 -34.82 -6.24 -12.70
CA LEU C 343 -34.18 -5.00 -12.29
C LEU C 343 -32.77 -5.31 -11.83
N VAL C 344 -31.79 -4.90 -12.61
CA VAL C 344 -30.43 -5.35 -12.41
C VAL C 344 -29.71 -4.44 -11.40
N GLU C 345 -29.37 -5.00 -10.26
CA GLU C 345 -28.64 -4.31 -9.19
C GLU C 345 -27.22 -3.84 -9.59
N ASP C 346 -26.83 -2.67 -9.08
CA ASP C 346 -25.53 -2.06 -9.33
C ASP C 346 -25.23 -1.83 -10.83
N ALA C 347 -26.26 -1.69 -11.65
CA ALA C 347 -26.04 -1.67 -13.10
C ALA C 347 -26.45 -0.38 -13.74
N GLY C 348 -25.66 0.06 -14.71
CA GLY C 348 -26.00 1.24 -15.51
C GLY C 348 -26.95 0.89 -16.65
N HIS C 349 -26.59 1.32 -17.85
CA HIS C 349 -27.48 1.23 -19.01
C HIS C 349 -27.24 -0.03 -19.84
N GLY C 350 -25.98 -0.44 -19.97
CA GLY C 350 -25.61 -1.64 -20.74
C GLY C 350 -25.60 -2.87 -19.85
N LEU C 351 -26.69 -3.65 -19.92
CA LEU C 351 -26.87 -4.81 -19.05
C LEU C 351 -26.02 -6.02 -19.45
N ASN C 352 -25.78 -6.19 -20.74
CA ASN C 352 -24.92 -7.27 -21.21
C ASN C 352 -23.47 -7.16 -20.71
N LEU C 353 -23.07 -5.93 -20.33
CA LEU C 353 -21.67 -5.56 -20.04
C LEU C 353 -21.29 -5.37 -18.56
N VAL C 354 -22.22 -5.52 -17.62
CA VAL C 354 -21.90 -5.33 -16.19
C VAL C 354 -21.27 -6.57 -15.51
N PRO C 355 -20.59 -6.39 -14.37
CA PRO C 355 -19.93 -7.54 -13.72
C PRO C 355 -20.86 -8.65 -13.20
N ASN C 356 -22.10 -8.26 -12.89
CA ASN C 356 -23.15 -9.21 -12.51
C ASN C 356 -24.13 -9.47 -13.67
N THR C 357 -23.66 -9.42 -14.91
CA THR C 357 -24.52 -9.66 -16.06
C THR C 357 -25.23 -11.02 -16.03
N ARG C 358 -24.63 -12.03 -15.41
CA ARG C 358 -25.19 -13.38 -15.45
C ARG C 358 -26.53 -13.50 -14.75
N VAL C 359 -26.73 -12.82 -13.62
CA VAL C 359 -28.07 -12.80 -13.01
C VAL C 359 -29.08 -12.42 -14.10
N TYR C 360 -28.76 -11.36 -14.84
CA TYR C 360 -29.60 -10.85 -15.92
C TYR C 360 -29.76 -11.85 -17.08
N GLN C 361 -28.67 -12.52 -17.43
CA GLN C 361 -28.69 -13.56 -18.44
C GLN C 361 -29.51 -14.78 -18.03
N ASP C 362 -29.44 -15.15 -16.75
CA ASP C 362 -30.17 -16.31 -16.25
C ASP C 362 -31.67 -16.06 -16.29
N ALA C 363 -32.09 -14.89 -15.81
CA ALA C 363 -33.50 -14.49 -15.85
C ALA C 363 -34.06 -14.41 -17.26
N SER C 364 -33.28 -13.89 -18.20
CA SER C 364 -33.71 -13.83 -19.59
C SER C 364 -33.87 -15.22 -20.18
N ARG C 365 -32.90 -16.08 -19.93
CA ARG C 365 -32.94 -17.49 -20.34
C ARG C 365 -34.17 -18.21 -19.79
N ASP C 366 -34.32 -18.22 -18.47
CA ASP C 366 -35.44 -18.91 -17.82
C ASP C 366 -36.80 -18.41 -18.32
N TRP C 367 -36.92 -17.10 -18.55
CA TRP C 367 -38.10 -16.48 -19.20
C TRP C 367 -38.41 -17.13 -20.57
N LEU C 368 -37.42 -17.15 -21.46
CA LEU C 368 -37.55 -17.77 -22.77
C LEU C 368 -38.03 -19.22 -22.66
N ASP C 369 -37.37 -20.00 -21.81
CA ASP C 369 -37.75 -21.39 -21.57
C ASP C 369 -39.20 -21.53 -21.13
N ARG C 370 -39.70 -20.55 -20.38
CA ARG C 370 -41.07 -20.50 -19.91
C ARG C 370 -42.08 -20.08 -20.95
N VAL C 371 -41.77 -19.12 -21.80
CA VAL C 371 -42.78 -18.53 -22.70
C VAL C 371 -42.75 -19.04 -24.12
N VAL C 372 -41.58 -19.40 -24.62
CA VAL C 372 -41.45 -19.99 -25.98
C VAL C 372 -40.73 -21.35 -26.08
N GLY C 373 -39.65 -21.54 -25.32
CA GLY C 373 -38.81 -22.72 -25.43
C GLY C 373 -38.11 -22.76 -26.77
N HIS C 374 -37.23 -23.74 -26.96
CA HIS C 374 -36.32 -23.74 -28.11
C HIS C 374 -36.68 -24.68 -29.29
N GLY C 375 -37.77 -25.47 -29.16
CA GLY C 375 -38.00 -26.64 -30.05
C GLY C 375 -36.88 -27.66 -29.87
N LEU C 376 -36.81 -28.74 -30.65
CA LEU C 376 -37.78 -29.15 -31.67
C LEU C 376 -37.94 -30.68 -31.60
N SER D 61 47.23 20.74 -12.93
CA SER D 61 47.21 22.12 -12.34
C SER D 61 45.89 22.40 -11.62
N ALA D 62 45.72 21.77 -10.46
CA ALA D 62 44.54 22.00 -9.60
C ALA D 62 44.82 21.48 -8.19
N ILE D 63 44.60 22.33 -7.19
CA ILE D 63 44.96 22.03 -5.79
C ILE D 63 43.78 21.36 -5.08
N CYS D 64 43.91 20.06 -4.81
CA CYS D 64 42.84 19.28 -4.20
C CYS D 64 43.20 18.84 -2.80
N ARG D 65 42.27 19.04 -1.86
CA ARG D 65 42.43 18.56 -0.49
C ARG D 65 41.17 17.84 -0.03
N ALA D 66 41.33 16.55 0.22
CA ALA D 66 40.25 15.70 0.72
C ALA D 66 40.01 15.94 2.22
N THR D 67 38.74 15.95 2.62
CA THR D 67 38.33 16.30 3.99
C THR D 67 37.05 15.57 4.42
N THR D 68 36.78 15.57 5.73
CA THR D 68 35.55 15.01 6.32
C THR D 68 34.79 16.13 7.01
N VAL D 69 33.46 15.99 7.08
CA VAL D 69 32.61 17.04 7.65
C VAL D 69 31.64 16.40 8.63
N GLU D 70 31.72 16.79 9.90
CA GLU D 70 30.73 16.39 10.92
C GLU D 70 29.35 16.86 10.45
N VAL D 71 28.39 15.94 10.39
CA VAL D 71 27.06 16.22 9.82
C VAL D 71 25.93 15.47 10.56
N THR D 72 24.78 16.11 10.69
CA THR D 72 23.68 15.59 11.52
C THR D 72 23.18 14.22 11.05
N LEU D 73 23.00 13.30 12.00
CA LEU D 73 22.28 12.03 11.77
C LEU D 73 21.28 11.83 12.91
N GLY D 74 20.04 12.25 12.72
CA GLY D 74 18.99 12.13 13.75
C GLY D 74 19.42 12.58 15.13
N LYS D 75 20.17 11.71 15.81
CA LYS D 75 20.81 12.01 17.09
C LYS D 75 21.95 13.04 16.95
N GLY D 76 22.72 12.93 15.85
CA GLY D 76 24.02 13.61 15.70
C GLY D 76 25.07 12.64 16.25
N THR D 77 26.18 12.34 15.54
CA THR D 77 26.60 12.92 14.25
C THR D 77 27.21 11.84 13.32
N GLY D 78 27.27 12.16 12.02
CA GLY D 78 27.94 11.31 11.03
C GLY D 78 29.08 12.04 10.33
N LYS D 79 29.97 11.28 9.70
CA LYS D 79 31.05 11.84 8.89
C LYS D 79 30.71 11.78 7.39
N MET D 80 30.65 12.95 6.75
CA MET D 80 30.54 13.07 5.30
C MET D 80 31.87 13.47 4.67
N TRP D 81 32.47 12.52 3.94
CA TRP D 81 33.68 12.78 3.15
C TRP D 81 33.40 13.67 1.95
N GLY D 82 34.34 14.59 1.68
CA GLY D 82 34.27 15.48 0.53
C GLY D 82 35.65 15.86 0.05
N GLU D 83 35.77 16.31 -1.19
CA GLU D 83 37.05 16.77 -1.74
C GLU D 83 36.86 18.19 -2.25
N LEU D 84 37.62 19.11 -1.68
CA LEU D 84 37.60 20.50 -2.09
C LEU D 84 38.78 20.78 -2.99
N CYS D 85 38.50 21.25 -4.20
CA CYS D 85 39.55 21.60 -5.13
C CYS D 85 39.41 23.06 -5.56
N ARG D 86 40.56 23.68 -5.84
CA ARG D 86 40.64 25.02 -6.37
C ARG D 86 41.53 25.00 -7.61
N PRO D 87 41.36 25.99 -8.51
CA PRO D 87 42.31 26.19 -9.61
C PRO D 87 43.70 26.64 -9.13
N ALA D 88 44.75 26.02 -9.68
CA ALA D 88 46.14 26.35 -9.31
C ALA D 88 46.44 27.81 -9.60
N GLY D 89 47.01 28.49 -8.63
CA GLY D 89 47.28 29.91 -8.75
C GLY D 89 46.03 30.76 -8.89
N SER D 90 44.96 30.35 -8.23
CA SER D 90 43.73 31.15 -8.15
C SER D 90 42.98 30.89 -6.86
N SER D 91 42.11 31.83 -6.49
CA SER D 91 41.28 31.70 -5.32
C SER D 91 39.87 32.21 -5.63
N PRO D 92 39.00 31.34 -6.18
CA PRO D 92 37.66 31.78 -6.58
C PRO D 92 36.73 32.07 -5.40
N ASP D 93 35.70 32.86 -5.69
CA ASP D 93 34.67 33.21 -4.70
C ASP D 93 33.47 32.29 -4.85
N THR D 94 33.32 31.65 -6.01
CA THR D 94 32.28 30.65 -6.23
C THR D 94 32.78 29.17 -6.15
N VAL D 95 32.11 28.41 -5.28
CA VAL D 95 32.27 26.96 -5.17
C VAL D 95 31.02 26.29 -5.73
N VAL D 96 31.21 25.19 -6.46
CA VAL D 96 30.11 24.38 -6.98
C VAL D 96 30.06 23.04 -6.23
N THR D 97 29.01 22.83 -5.43
CA THR D 97 28.89 21.63 -4.58
C THR D 97 28.09 20.56 -5.32
N MET D 98 28.69 19.39 -5.51
CA MET D 98 28.14 18.37 -6.42
C MET D 98 27.64 17.10 -5.74
N VAL D 99 26.33 16.94 -5.71
CA VAL D 99 25.71 15.78 -5.05
C VAL D 99 25.39 14.65 -6.05
N HIS D 100 25.99 13.48 -5.84
CA HIS D 100 25.85 12.34 -6.74
C HIS D 100 24.54 11.62 -6.61
N GLY D 101 24.28 10.73 -7.55
CA GLY D 101 23.01 9.99 -7.61
C GLY D 101 23.00 8.64 -6.93
N ALA D 102 21.85 7.98 -6.97
CA ALA D 102 21.65 6.67 -6.33
C ALA D 102 22.50 5.59 -7.02
N THR D 103 23.24 4.86 -6.20
CA THR D 103 24.07 3.74 -6.65
C THR D 103 25.36 4.20 -7.35
N TYR D 104 25.59 5.52 -7.33
CA TYR D 104 26.85 6.15 -7.67
C TYR D 104 27.48 6.71 -6.39
N ASN D 105 28.70 7.23 -6.53
CA ASN D 105 29.37 7.99 -5.50
C ASN D 105 30.02 9.22 -6.14
N HIS D 106 31.05 9.79 -5.52
CA HIS D 106 31.60 11.08 -5.96
C HIS D 106 32.21 11.00 -7.36
N ASN D 107 32.78 9.83 -7.69
CA ASN D 107 33.36 9.53 -9.01
C ASN D 107 32.47 9.95 -10.17
N TYR D 108 31.15 9.87 -10.02
CA TYR D 108 30.28 10.41 -11.06
C TYR D 108 30.71 11.82 -11.46
N TRP D 109 30.85 12.71 -10.46
CA TRP D 109 31.16 14.13 -10.73
C TRP D 109 32.62 14.41 -11.02
N ASP D 110 33.48 13.48 -10.65
CA ASP D 110 34.90 13.60 -10.93
C ASP D 110 35.45 12.26 -11.41
N PHE D 111 35.07 11.93 -12.64
CA PHE D 111 35.19 10.61 -13.20
C PHE D 111 36.66 10.38 -13.61
N PRO D 112 37.30 9.29 -13.13
CA PRO D 112 38.75 9.13 -13.17
C PRO D 112 39.37 8.61 -14.48
N TYR D 113 38.55 8.11 -15.39
CA TYR D 113 39.04 7.70 -16.70
C TYR D 113 38.90 8.89 -17.64
N GLN D 114 39.94 9.16 -18.43
CA GLN D 114 40.00 10.31 -19.34
C GLN D 114 39.42 11.62 -18.78
N PRO D 115 39.92 12.09 -17.62
CA PRO D 115 39.30 13.24 -16.94
C PRO D 115 39.35 14.57 -17.71
N ASP D 116 40.25 14.69 -18.68
CA ASP D 116 40.20 15.81 -19.63
C ASP D 116 38.84 15.88 -20.36
N LYS D 117 38.24 14.73 -20.64
CA LYS D 117 36.88 14.69 -21.20
C LYS D 117 35.80 14.60 -20.12
N TYR D 118 35.77 13.48 -19.38
CA TYR D 118 34.59 13.11 -18.59
C TYR D 118 34.42 13.73 -17.19
N SER D 119 35.52 14.24 -16.58
CA SER D 119 35.43 14.80 -15.23
C SER D 119 34.77 16.16 -15.21
N PHE D 120 33.52 16.20 -14.77
CA PHE D 120 32.80 17.48 -14.62
C PHE D 120 33.54 18.45 -13.70
N ARG D 121 33.97 17.98 -12.54
CA ARG D 121 34.72 18.82 -11.60
C ARG D 121 35.96 19.48 -12.21
N LYS D 122 36.79 18.68 -12.88
CA LYS D 122 38.01 19.21 -13.50
C LYS D 122 37.72 20.33 -14.52
N MET D 123 36.68 20.13 -15.34
CA MET D 123 36.17 21.14 -16.27
C MET D 123 35.78 22.43 -15.54
N LEU D 124 35.14 22.31 -14.37
CA LEU D 124 34.78 23.49 -13.56
C LEU D 124 36.00 24.24 -13.02
N ASN D 125 37.00 23.51 -12.54
CA ASN D 125 38.30 24.11 -12.19
C ASN D 125 39.02 24.79 -13.37
N GLY D 126 38.82 24.28 -14.58
CA GLY D 126 39.33 24.93 -15.80
C GLY D 126 38.65 26.25 -16.13
N ALA D 127 37.42 26.41 -15.64
CA ALA D 127 36.63 27.65 -15.83
C ALA D 127 36.83 28.64 -14.68
N GLY D 128 37.71 28.31 -13.75
CA GLY D 128 38.01 29.16 -12.61
C GLY D 128 37.08 28.99 -11.42
N TYR D 129 36.29 27.90 -11.40
CA TYR D 129 35.40 27.62 -10.26
C TYR D 129 36.08 26.70 -9.24
N ALA D 130 35.79 26.92 -7.95
CA ALA D 130 36.11 25.94 -6.92
C ALA D 130 35.03 24.86 -6.97
N THR D 131 35.37 23.67 -6.49
CA THR D 131 34.44 22.53 -6.50
C THR D 131 34.50 21.74 -5.21
N PHE D 132 33.34 21.26 -4.77
CA PHE D 132 33.27 20.38 -3.62
C PHE D 132 32.39 19.15 -3.91
N VAL D 133 33.00 18.14 -4.51
CA VAL D 133 32.33 16.85 -4.70
C VAL D 133 32.24 16.17 -3.32
N VAL D 134 31.11 15.51 -3.05
CA VAL D 134 30.88 14.77 -1.79
C VAL D 134 30.57 13.30 -2.00
N ASP D 135 30.84 12.49 -0.98
CA ASP D 135 30.30 11.15 -0.84
C ASP D 135 29.09 11.26 0.07
N ARG D 136 27.89 11.23 -0.48
CA ARG D 136 26.68 11.01 0.32
C ARG D 136 26.86 9.89 1.35
N LEU D 137 26.17 10.01 2.49
CA LEU D 137 26.24 8.97 3.53
C LEU D 137 25.61 7.68 3.03
N GLY D 138 26.24 6.57 3.40
CA GLY D 138 25.94 5.27 2.84
C GLY D 138 26.85 4.88 1.69
N THR D 139 27.68 5.81 1.20
CA THR D 139 28.49 5.53 0.01
C THR D 139 29.91 5.98 0.21
N GLY D 140 30.81 5.31 -0.49
CA GLY D 140 32.23 5.70 -0.58
C GLY D 140 32.96 5.78 0.75
N ASN D 141 33.72 6.85 0.92
CA ASN D 141 34.55 7.06 2.12
C ASN D 141 33.80 7.70 3.31
N SER D 142 32.54 8.07 3.11
CA SER D 142 31.69 8.56 4.20
C SER D 142 31.32 7.48 5.21
N THR D 143 30.60 7.89 6.26
CA THR D 143 29.94 6.98 7.21
C THR D 143 28.85 6.16 6.52
N VAL D 144 28.73 4.88 6.89
CA VAL D 144 27.66 3.98 6.39
C VAL D 144 26.74 3.53 7.54
N PRO D 145 25.62 4.27 7.79
CA PRO D 145 24.76 4.00 8.95
C PRO D 145 23.70 2.97 8.70
N PRO D 146 22.89 2.65 9.74
CA PRO D 146 21.68 1.85 9.52
C PRO D 146 20.69 2.57 8.60
N SER D 147 20.23 1.87 7.56
CA SER D 147 19.38 2.46 6.51
C SER D 147 18.25 3.33 7.03
N SER D 148 17.61 2.88 8.11
CA SER D 148 16.51 3.59 8.74
C SER D 148 16.86 5.05 9.04
N GLU D 149 18.09 5.27 9.50
CA GLU D 149 18.55 6.61 9.87
C GLU D 149 18.58 7.61 8.70
N LEU D 150 18.71 7.11 7.47
CA LEU D 150 18.81 7.96 6.29
C LEU D 150 17.51 8.08 5.49
N ASN D 151 17.21 9.30 5.10
CA ASN D 151 16.22 9.58 4.06
C ASN D 151 16.57 10.90 3.35
N LEU D 152 15.78 11.24 2.33
CA LEU D 152 16.05 12.41 1.49
C LEU D 152 16.08 13.70 2.29
N THR D 153 15.06 13.89 3.15
CA THR D 153 14.92 15.09 3.98
C THR D 153 16.10 15.25 4.95
N VAL D 154 16.38 14.23 5.75
CA VAL D 154 17.62 14.18 6.55
C VAL D 154 18.83 14.58 5.70
N GLU D 155 19.02 13.90 4.57
CA GLU D 155 20.21 14.10 3.70
C GLU D 155 20.28 15.51 3.09
N ALA D 156 19.15 16.20 2.98
CA ALA D 156 19.13 17.58 2.50
C ALA D 156 19.71 18.51 3.55
N ARG D 157 19.35 18.25 4.81
CA ARG D 157 19.87 19.00 5.95
C ARG D 157 21.37 18.80 6.08
N GLN D 158 21.83 17.60 5.74
CA GLN D 158 23.25 17.29 5.70
C GLN D 158 23.94 18.18 4.66
N MET D 159 23.29 18.35 3.50
CA MET D 159 23.77 19.27 2.45
C MET D 159 23.70 20.72 2.86
N HIS D 160 22.65 21.06 3.59
CA HIS D 160 22.55 22.39 4.18
C HIS D 160 23.73 22.70 5.10
N GLU D 161 24.17 21.71 5.88
CA GLU D 161 25.36 21.85 6.73
C GLU D 161 26.68 21.95 5.96
N VAL D 162 26.80 21.24 4.84
CA VAL D 162 27.99 21.36 3.97
C VAL D 162 28.05 22.75 3.28
N VAL D 163 26.91 23.21 2.76
CA VAL D 163 26.79 24.59 2.26
C VAL D 163 27.29 25.55 3.33
N GLN D 164 26.58 25.64 4.44
CA GLN D 164 26.95 26.54 5.54
C GLN D 164 28.45 26.48 5.85
N GLY D 165 28.99 25.26 5.96
CA GLY D 165 30.41 25.04 6.18
C GLY D 165 31.34 25.61 5.11
N LEU D 166 30.90 25.56 3.85
CA LEU D 166 31.62 26.22 2.78
C LEU D 166 31.55 27.76 2.92
N ARG D 167 30.35 28.30 3.21
CA ARG D 167 30.11 29.76 3.30
C ARG D 167 30.86 30.42 4.45
N THR D 168 30.90 29.74 5.59
CA THR D 168 31.57 30.23 6.79
C THR D 168 33.06 29.90 6.79
N GLY D 169 33.51 29.04 5.87
CA GLY D 169 34.92 28.64 5.82
C GLY D 169 35.36 27.56 6.81
N ARG D 170 34.42 26.92 7.52
CA ARG D 170 34.71 25.70 8.32
C ARG D 170 35.35 24.63 7.43
N ILE D 171 34.79 24.49 6.24
CA ILE D 171 35.32 23.64 5.18
C ILE D 171 36.15 24.58 4.31
N GLY D 172 37.39 24.19 4.04
CA GLY D 172 38.25 24.90 3.09
C GLY D 172 39.02 26.12 3.57
N GLY D 173 38.63 26.70 4.70
CA GLY D 173 39.35 27.81 5.31
C GLY D 173 38.95 29.18 4.81
N THR D 174 38.98 29.38 3.50
CA THR D 174 38.80 30.71 2.90
C THR D 174 37.39 31.28 3.09
N GLY D 175 36.37 30.44 2.99
CA GLY D 175 34.98 30.89 3.17
C GLY D 175 34.41 31.56 1.93
N PHE D 176 33.38 30.95 1.33
CA PHE D 176 32.88 31.31 -0.02
C PHE D 176 31.63 32.21 -0.09
N GLY D 177 31.70 33.21 -0.98
CA GLY D 177 30.63 34.21 -1.13
C GLY D 177 29.43 33.77 -1.95
N LYS D 178 29.64 32.85 -2.87
CA LYS D 178 28.55 32.31 -3.72
C LYS D 178 28.62 30.77 -3.76
N VAL D 179 27.54 30.10 -3.41
CA VAL D 179 27.48 28.63 -3.47
C VAL D 179 26.42 28.17 -4.45
N VAL D 180 26.82 27.25 -5.32
CA VAL D 180 25.92 26.65 -6.28
C VAL D 180 25.82 25.19 -5.84
N LEU D 181 24.61 24.62 -5.95
CA LEU D 181 24.41 23.17 -5.77
C LEU D 181 24.19 22.48 -7.10
N ALA D 182 24.90 21.38 -7.30
CA ALA D 182 24.74 20.56 -8.49
C ALA D 182 24.24 19.20 -8.06
N GLY D 183 23.15 18.78 -8.68
CA GLY D 183 22.53 17.50 -8.37
C GLY D 183 22.52 16.57 -9.57
N TYR D 184 22.73 15.29 -9.30
CA TYR D 184 22.56 14.26 -10.31
C TYR D 184 21.57 13.22 -9.82
N ALA D 185 20.42 13.17 -10.49
CA ALA D 185 19.43 12.10 -10.33
C ALA D 185 18.83 12.17 -8.93
N LEU D 186 18.90 11.13 -8.10
CA LEU D 186 18.45 11.28 -6.69
C LEU D 186 19.15 12.43 -5.94
N GLY D 187 20.39 12.73 -6.34
CA GLY D 187 21.09 13.92 -5.89
C GLY D 187 20.38 15.22 -6.21
N SER D 188 19.72 15.30 -7.36
CA SER D 188 18.89 16.46 -7.69
C SER D 188 17.68 16.63 -6.76
N ALA D 189 17.12 15.52 -6.24
CA ALA D 189 16.06 15.60 -5.21
C ALA D 189 16.57 16.13 -3.87
N VAL D 190 17.74 15.63 -3.44
CA VAL D 190 18.40 16.08 -2.22
C VAL D 190 18.74 17.57 -2.35
N THR D 191 19.26 17.93 -3.52
CA THR D 191 19.53 19.31 -3.95
C THR D 191 18.30 20.21 -3.89
N SER D 192 17.23 19.77 -4.54
CA SER D 192 15.98 20.54 -4.64
C SER D 192 15.38 20.81 -3.28
N ILE D 193 15.34 19.77 -2.44
CA ILE D 193 14.82 19.88 -1.06
C ILE D 193 15.65 20.87 -0.25
N GLU D 194 16.97 20.82 -0.40
CA GLU D 194 17.90 21.76 0.25
C GLU D 194 17.61 23.22 -0.17
N ALA D 195 17.51 23.43 -1.47
CA ALA D 195 17.23 24.75 -2.04
C ALA D 195 15.83 25.31 -1.69
N SER D 196 14.84 24.41 -1.56
CA SER D 196 13.49 24.76 -1.11
C SER D 196 13.40 25.00 0.38
N THR D 197 14.05 24.16 1.17
CA THR D 197 13.97 24.27 2.61
C THR D 197 14.70 25.54 3.06
N PHE D 198 16.00 25.59 2.80
CA PHE D 198 16.89 26.56 3.43
C PHE D 198 17.25 27.80 2.63
N HIS D 199 17.02 27.78 1.31
CA HIS D 199 17.20 28.96 0.46
C HIS D 199 18.59 29.60 0.59
N ASP D 200 19.61 28.81 0.89
CA ASP D 200 20.95 29.35 1.14
C ASP D 200 21.92 29.02 0.01
N VAL D 201 21.42 29.01 -1.23
CA VAL D 201 22.22 28.69 -2.42
C VAL D 201 21.85 29.61 -3.58
N ASP D 202 22.86 30.00 -4.34
CA ASP D 202 22.77 31.11 -5.30
C ASP D 202 22.33 30.66 -6.70
N ALA D 203 22.55 29.39 -7.00
CA ALA D 203 21.94 28.77 -8.16
C ALA D 203 21.89 27.28 -7.92
N VAL D 204 21.15 26.57 -8.75
CA VAL D 204 20.94 25.14 -8.57
C VAL D 204 21.00 24.42 -9.93
N LEU D 205 21.78 23.33 -10.00
CA LEU D 205 21.91 22.53 -11.23
C LEU D 205 21.22 21.18 -11.09
N ILE D 206 20.12 21.00 -11.83
CA ILE D 206 19.29 19.78 -11.77
C ILE D 206 19.55 18.90 -12.98
N THR D 207 20.15 17.72 -12.75
CA THR D 207 20.48 16.81 -13.85
C THR D 207 19.89 15.45 -13.61
N ALA D 208 19.52 14.81 -14.70
CA ALA D 208 18.95 13.46 -14.71
C ALA D 208 17.78 13.21 -13.72
N LEU D 209 16.95 14.23 -13.48
CA LEU D 209 15.72 14.06 -12.69
C LEU D 209 14.57 14.92 -13.22
N GLY D 210 13.59 14.26 -13.83
CA GLY D 210 12.31 14.86 -14.19
C GLY D 210 11.22 14.66 -13.15
N HIS D 211 10.09 15.32 -13.37
CA HIS D 211 8.93 15.22 -12.47
C HIS D 211 7.98 14.14 -12.92
N TYR D 212 7.88 13.97 -14.24
CA TYR D 212 7.27 12.80 -14.84
C TYR D 212 8.37 11.75 -15.03
N ASN D 213 7.97 10.50 -15.24
CA ASN D 213 8.90 9.38 -15.29
C ASN D 213 8.27 8.16 -15.95
N ASN D 214 9.05 7.09 -16.08
CA ASN D 214 8.65 5.87 -16.79
C ASN D 214 8.69 4.71 -15.79
N PRO D 215 7.53 4.21 -15.36
CA PRO D 215 7.44 3.07 -14.40
C PRO D 215 8.30 1.87 -14.77
N ALA D 216 8.32 1.52 -16.06
CA ALA D 216 9.09 0.36 -16.56
C ALA D 216 10.60 0.52 -16.45
N GLY D 217 11.10 1.74 -16.49
CA GLY D 217 12.51 1.99 -16.28
C GLY D 217 12.89 1.72 -14.84
N THR D 218 12.02 2.19 -13.94
CA THR D 218 12.17 2.03 -12.51
C THR D 218 12.11 0.55 -12.17
N GLN D 219 11.13 -0.11 -12.74
CA GLN D 219 10.91 -1.52 -12.54
C GLN D 219 12.14 -2.31 -12.99
N ALA D 220 12.72 -1.94 -14.14
CA ALA D 220 13.93 -2.58 -14.64
C ALA D 220 15.12 -2.49 -13.69
N ILE D 221 15.21 -1.41 -12.91
CA ILE D 221 16.23 -1.31 -11.86
C ILE D 221 15.92 -2.36 -10.80
N ILE D 222 14.66 -2.41 -10.36
CA ILE D 222 14.24 -3.40 -9.35
C ILE D 222 14.55 -4.83 -9.80
N ASP D 223 14.34 -5.13 -11.06
CA ASP D 223 14.60 -6.45 -11.61
C ASP D 223 16.11 -6.74 -11.67
N ASN D 224 16.90 -5.70 -11.88
CA ASN D 224 18.37 -5.80 -11.89
C ASN D 224 19.05 -5.40 -10.57
N GLY D 225 18.26 -5.41 -9.50
CA GLY D 225 18.75 -5.12 -8.15
C GLY D 225 19.28 -6.32 -7.38
N LEU D 226 20.12 -6.02 -6.39
CA LEU D 226 20.66 -6.99 -5.46
C LEU D 226 21.29 -6.30 -4.25
N SER D 227 21.56 -7.06 -3.20
CA SER D 227 22.24 -6.55 -2.03
C SER D 227 23.71 -6.34 -2.31
N PRO D 228 24.31 -5.20 -1.86
CA PRO D 228 25.75 -5.00 -2.04
C PRO D 228 26.63 -6.01 -1.30
N ASN D 229 26.07 -6.72 -0.31
CA ASN D 229 26.75 -7.87 0.31
C ASN D 229 26.93 -9.06 -0.66
N ASP D 230 26.14 -9.13 -1.72
CA ASP D 230 26.28 -10.17 -2.74
C ASP D 230 27.19 -9.79 -3.91
N ASP D 231 27.53 -8.51 -4.00
CA ASP D 231 28.18 -7.91 -5.15
C ASP D 231 29.70 -7.93 -4.94
N PRO D 232 30.48 -8.49 -5.91
CA PRO D 232 31.94 -8.63 -5.75
C PRO D 232 32.73 -7.32 -5.54
N VAL D 233 32.24 -6.21 -6.10
CA VAL D 233 32.90 -4.88 -5.93
C VAL D 233 32.69 -4.34 -4.52
N LEU D 234 31.47 -4.45 -4.00
CA LEU D 234 31.09 -3.86 -2.70
C LEU D 234 31.20 -4.81 -1.51
N LYS D 235 31.31 -6.11 -1.80
CA LYS D 235 31.36 -7.19 -0.81
C LYS D 235 32.20 -6.83 0.38
N ASP D 236 33.45 -6.45 0.09
CA ASP D 236 34.52 -6.33 1.08
C ASP D 236 34.38 -5.12 2.02
N ARG D 237 33.96 -3.97 1.49
CA ARG D 237 33.97 -2.68 2.23
C ARG D 237 33.24 -2.69 3.59
N HIS D 238 31.95 -3.06 3.56
CA HIS D 238 31.13 -3.10 4.77
C HIS D 238 30.24 -4.35 4.76
N HIS D 239 29.51 -4.58 5.85
CA HIS D 239 28.31 -5.42 5.81
C HIS D 239 27.07 -4.52 5.85
N TYR D 240 26.40 -4.40 4.73
CA TYR D 240 25.29 -3.46 4.60
C TYR D 240 24.04 -4.13 5.12
N ASP D 241 23.17 -3.34 5.74
CA ASP D 241 21.91 -3.88 6.22
C ASP D 241 20.91 -4.06 5.05
N ASP D 242 19.76 -4.65 5.38
CA ASP D 242 18.77 -5.04 4.37
C ASP D 242 18.17 -3.91 3.56
N GLY D 243 18.28 -2.65 4.01
CA GLY D 243 17.79 -1.46 3.29
C GLY D 243 18.74 -0.85 2.25
N TYR D 244 19.92 -1.44 2.12
CA TYR D 244 20.91 -1.04 1.12
C TYR D 244 20.81 -1.95 -0.10
N ALA D 245 21.05 -1.37 -1.26
CA ALA D 245 20.99 -2.07 -2.52
C ALA D 245 22.04 -1.54 -3.44
N THR D 246 22.24 -2.22 -4.55
CA THR D 246 23.10 -1.74 -5.62
C THR D 246 22.59 -2.34 -6.91
N THR D 247 23.30 -2.16 -8.03
CA THR D 247 22.93 -2.81 -9.32
C THR D 247 23.70 -4.12 -9.60
N LYS D 248 23.13 -4.91 -10.50
CA LYS D 248 23.71 -6.19 -10.85
C LYS D 248 24.87 -5.96 -11.83
N PRO D 249 25.99 -6.70 -11.68
CA PRO D 249 27.08 -6.58 -12.65
C PRO D 249 26.62 -6.71 -14.12
N GLY D 250 27.08 -5.77 -14.96
CA GLY D 250 26.66 -5.69 -16.37
C GLY D 250 25.34 -5.01 -16.68
N SER D 251 24.53 -4.72 -15.65
CA SER D 251 23.17 -4.26 -15.86
C SER D 251 23.08 -2.76 -16.11
N ARG D 252 24.07 -2.01 -15.63
CA ARG D 252 24.06 -0.55 -15.67
C ARG D 252 23.90 -0.03 -17.09
N LYS D 253 24.67 -0.61 -18.00
CA LYS D 253 24.58 -0.31 -19.44
C LYS D 253 23.13 -0.14 -19.88
N HIS D 254 22.30 -1.12 -19.52
CA HIS D 254 20.90 -1.11 -19.90
C HIS D 254 20.04 -0.19 -19.05
N VAL D 255 20.04 -0.43 -17.74
CA VAL D 255 19.11 0.26 -16.83
C VAL D 255 19.31 1.77 -16.70
N PHE D 256 20.54 2.26 -16.76
CA PHE D 256 20.80 3.70 -16.78
C PHE D 256 21.09 4.19 -18.19
N TYR D 257 22.10 3.62 -18.84
CA TYR D 257 22.63 4.20 -20.08
C TYR D 257 21.88 3.82 -21.34
N ALA D 258 20.89 2.93 -21.23
CA ALA D 258 19.94 2.61 -22.32
C ALA D 258 20.62 1.97 -23.51
N ASP D 259 21.72 1.28 -23.27
CA ASP D 259 22.50 0.63 -24.32
C ASP D 259 23.10 1.57 -25.37
N ARG D 260 23.24 2.85 -25.05
CA ARG D 260 23.72 3.79 -26.07
C ARG D 260 25.23 3.68 -26.20
N PRO D 261 25.75 4.08 -27.37
CA PRO D 261 27.20 3.98 -27.52
C PRO D 261 27.93 4.71 -26.41
N MET D 262 28.89 4.01 -25.82
CA MET D 262 29.79 4.56 -24.81
C MET D 262 31.19 4.00 -25.01
N ASP D 263 32.18 4.78 -24.60
CA ASP D 263 33.56 4.29 -24.53
C ASP D 263 33.55 3.00 -23.67
N PRO D 264 34.25 1.95 -24.12
CA PRO D 264 34.17 0.73 -23.30
C PRO D 264 34.78 0.91 -21.91
N GLY D 265 35.91 1.61 -21.84
CA GLY D 265 36.56 1.96 -20.57
C GLY D 265 35.72 2.75 -19.58
N VAL D 266 34.81 3.59 -20.08
CA VAL D 266 33.86 4.32 -19.23
C VAL D 266 32.84 3.38 -18.56
N LEU D 267 32.28 2.44 -19.32
CA LEU D 267 31.41 1.36 -18.77
C LEU D 267 32.11 0.54 -17.72
N ALA D 268 33.37 0.22 -18.02
CA ALA D 268 34.20 -0.62 -17.18
C ALA D 268 34.56 0.09 -15.87
N THR D 269 34.94 1.37 -15.97
CA THR D 269 35.25 2.18 -14.82
C THR D 269 34.03 2.41 -13.97
N ASP D 270 32.93 2.69 -14.65
CA ASP D 270 31.64 2.97 -14.00
C ASP D 270 31.10 1.79 -13.15
N GLU D 271 31.30 0.55 -13.61
CA GLU D 271 31.01 -0.66 -12.83
C GLU D 271 31.95 -0.78 -11.63
N LEU D 272 33.23 -0.42 -11.81
CA LEU D 272 34.23 -0.54 -10.74
C LEU D 272 34.11 0.57 -9.69
N THR D 273 33.45 1.67 -10.03
CA THR D 273 33.27 2.77 -9.09
C THR D 273 31.81 2.91 -8.63
N LYS D 274 31.00 1.88 -8.85
CA LYS D 274 29.62 1.92 -8.42
C LYS D 274 29.59 1.87 -6.91
N ASP D 275 28.40 2.05 -6.37
CA ASP D 275 28.26 2.03 -4.93
C ASP D 275 26.86 1.59 -4.58
N ALA D 276 26.62 1.47 -3.28
CA ALA D 276 25.30 1.14 -2.76
C ALA D 276 24.39 2.37 -2.68
N ASN D 277 23.14 2.12 -2.31
CA ASN D 277 22.17 3.17 -2.03
C ASN D 277 21.05 2.70 -1.13
N VAL D 278 20.42 3.66 -0.45
CA VAL D 278 19.25 3.40 0.38
C VAL D 278 18.04 3.43 -0.52
N PHE D 279 17.52 2.27 -0.88
CA PHE D 279 16.52 2.15 -1.95
C PHE D 279 15.12 2.71 -1.67
N THR D 280 14.77 2.87 -0.40
CA THR D 280 13.47 3.40 0.04
C THR D 280 13.31 4.89 -0.31
N GLU D 281 14.44 5.60 -0.32
CA GLU D 281 14.52 7.00 -0.79
C GLU D 281 13.99 7.16 -2.20
N ALA D 282 14.17 6.17 -3.07
CA ALA D 282 13.72 6.24 -4.47
C ALA D 282 12.20 6.30 -4.64
N ALA D 283 11.46 5.71 -3.69
CA ALA D 283 9.99 5.77 -3.62
C ALA D 283 9.43 7.01 -2.92
N ASP D 284 10.28 7.83 -2.33
CA ASP D 284 9.84 8.98 -1.53
C ASP D 284 8.98 9.88 -2.40
N PRO D 285 7.79 10.28 -1.92
CA PRO D 285 6.97 11.23 -2.72
C PRO D 285 7.59 12.64 -2.90
N LEU D 286 8.55 12.99 -2.05
CA LEU D 286 9.34 14.23 -2.18
C LEU D 286 10.30 14.26 -3.37
N VAL D 287 10.55 13.11 -4.00
CA VAL D 287 11.33 13.05 -5.23
C VAL D 287 10.64 13.88 -6.32
N ILE D 288 9.33 13.65 -6.50
CA ILE D 288 8.57 14.29 -7.58
C ILE D 288 7.56 15.33 -7.09
N ASP D 289 7.68 15.79 -5.83
CA ASP D 289 6.70 16.76 -5.25
C ASP D 289 6.83 18.12 -5.97
N PRO D 290 5.73 18.62 -6.59
CA PRO D 290 5.72 19.96 -7.23
C PRO D 290 5.90 21.09 -6.23
N ALA D 291 5.32 20.93 -5.05
CA ALA D 291 5.47 21.91 -3.97
C ALA D 291 6.94 22.24 -3.68
N VAL D 292 7.83 21.25 -3.82
CA VAL D 292 9.23 21.44 -3.50
C VAL D 292 9.92 22.30 -4.56
N SER D 293 9.85 21.86 -5.81
CA SER D 293 10.51 22.59 -6.91
C SER D 293 9.94 24.01 -7.11
N ARG D 294 8.62 24.15 -7.00
CA ARG D 294 7.94 25.46 -7.12
C ARG D 294 8.32 26.50 -6.06
N ALA D 295 8.88 26.07 -4.93
CA ALA D 295 9.38 26.98 -3.90
C ALA D 295 10.83 27.47 -4.16
N ILE D 296 11.52 26.94 -5.17
CA ILE D 296 12.92 27.33 -5.41
C ILE D 296 12.94 28.65 -6.20
N ASP D 297 13.57 29.67 -5.58
CA ASP D 297 13.54 31.08 -6.06
C ASP D 297 14.84 31.58 -6.71
N VAL D 298 15.76 30.67 -7.01
CA VAL D 298 17.06 31.03 -7.60
C VAL D 298 17.22 30.41 -9.00
N PRO D 299 18.14 30.94 -9.83
CA PRO D 299 18.40 30.38 -11.14
C PRO D 299 18.58 28.86 -11.17
N VAL D 300 17.74 28.18 -11.94
CA VAL D 300 17.75 26.71 -12.10
C VAL D 300 18.10 26.28 -13.53
N MET D 301 19.13 25.44 -13.63
CA MET D 301 19.46 24.77 -14.89
C MET D 301 18.88 23.37 -14.77
N PHE D 302 18.16 22.95 -15.82
CA PHE D 302 17.57 21.62 -15.89
C PHE D 302 18.15 20.80 -17.06
N ALA D 303 18.77 19.66 -16.75
CA ALA D 303 19.46 18.86 -17.76
C ALA D 303 18.98 17.41 -17.79
N LEU D 304 18.90 16.84 -18.99
CA LEU D 304 18.36 15.51 -19.20
C LEU D 304 18.79 14.91 -20.53
N GLY D 305 18.92 13.59 -20.53
CA GLY D 305 19.36 12.84 -21.69
C GLY D 305 18.16 12.33 -22.42
N ASP D 306 18.12 12.54 -23.74
CA ASP D 306 16.93 12.29 -24.56
C ASP D 306 16.54 10.83 -24.66
N ARG D 307 17.44 9.92 -24.31
CA ARG D 307 17.15 8.49 -24.24
C ARG D 307 17.26 7.99 -22.81
N ASP D 308 16.91 8.83 -21.84
CA ASP D 308 16.94 8.46 -20.42
C ASP D 308 15.84 7.43 -20.15
N PRO D 309 16.23 6.20 -19.78
CA PRO D 309 15.21 5.14 -19.65
C PRO D 309 14.32 5.29 -18.40
N LEU D 310 14.67 6.17 -17.48
CA LEU D 310 13.88 6.34 -16.26
C LEU D 310 12.82 7.42 -16.38
N MET D 311 13.06 8.42 -17.24
CA MET D 311 12.11 9.51 -17.47
C MET D 311 11.37 9.41 -18.79
N CYS D 312 12.12 9.28 -19.88
CA CYS D 312 11.61 9.47 -21.24
C CYS D 312 10.71 8.35 -21.73
N GLY D 313 9.74 8.75 -22.53
CA GLY D 313 8.70 7.87 -23.06
C GLY D 313 7.43 8.64 -23.41
N ASP D 314 6.60 8.05 -24.28
CA ASP D 314 5.32 8.64 -24.67
C ASP D 314 4.42 8.62 -23.46
N GLY D 315 3.86 9.78 -23.12
CA GLY D 315 3.06 9.95 -21.91
C GLY D 315 3.85 10.40 -20.69
N TYR D 316 5.18 10.19 -20.69
CA TYR D 316 6.01 10.44 -19.54
C TYR D 316 6.75 11.76 -19.76
N GLU D 317 8.04 11.83 -19.44
CA GLU D 317 8.81 13.03 -19.70
C GLU D 317 8.98 13.19 -21.22
N ASP D 318 8.72 14.39 -21.74
CA ASP D 318 8.68 14.63 -23.19
C ASP D 318 10.08 14.98 -23.72
N CYS D 319 10.80 13.95 -24.16
CA CYS D 319 12.19 14.07 -24.62
C CYS D 319 12.31 14.11 -26.16
N SER D 320 11.30 14.65 -26.85
CA SER D 320 11.31 14.74 -28.31
C SER D 320 12.08 15.97 -28.77
N SER D 321 12.08 17.02 -27.95
CA SER D 321 12.78 18.26 -28.26
C SER D 321 13.02 19.07 -27.00
N GLN D 322 14.02 19.96 -27.06
CA GLN D 322 14.36 20.80 -25.91
C GLN D 322 13.23 21.77 -25.58
N ALA D 323 12.57 22.30 -26.60
CA ALA D 323 11.47 23.25 -26.40
C ALA D 323 10.33 22.58 -25.62
N ALA D 324 9.97 21.37 -26.06
CA ALA D 324 8.86 20.60 -25.49
C ALA D 324 9.14 20.13 -24.07
N LEU D 325 10.38 19.77 -23.79
CA LEU D 325 10.80 19.42 -22.43
C LEU D 325 10.63 20.64 -21.54
N ARG D 326 11.17 21.78 -21.97
CA ARG D 326 11.01 23.06 -21.28
C ARG D 326 9.52 23.36 -21.07
N ALA D 327 8.72 23.21 -22.12
CA ALA D 327 7.25 23.41 -22.04
C ALA D 327 6.58 22.53 -20.96
N GLN D 328 6.93 21.25 -20.94
CA GLN D 328 6.42 20.30 -19.95
C GLN D 328 6.90 20.50 -18.50
N GLU D 329 8.14 20.95 -18.32
CA GLU D 329 8.70 21.11 -16.97
C GLU D 329 8.47 22.50 -16.35
N ALA D 330 8.28 23.51 -17.21
CA ALA D 330 8.15 24.91 -16.74
C ALA D 330 7.10 25.15 -15.64
N PRO D 331 5.94 24.45 -15.68
CA PRO D 331 4.95 24.55 -14.60
C PRO D 331 5.38 24.13 -13.21
N PHE D 332 6.56 23.54 -13.07
CA PHE D 332 7.11 23.08 -11.77
C PHE D 332 8.26 23.93 -11.24
N TRP D 333 8.52 25.07 -11.88
CA TRP D 333 9.64 25.93 -11.52
C TRP D 333 9.26 27.42 -11.61
N THR D 334 8.10 27.77 -11.03
CA THR D 334 7.49 29.09 -11.21
C THR D 334 8.11 30.21 -10.34
N SER D 335 8.70 29.87 -9.20
CA SER D 335 9.46 30.84 -8.40
C SER D 335 10.79 31.25 -9.05
N ALA D 336 11.42 30.33 -9.77
CA ALA D 336 12.77 30.53 -10.31
C ALA D 336 12.83 31.70 -11.32
N PRO D 337 13.67 32.72 -11.05
CA PRO D 337 13.74 33.89 -11.97
C PRO D 337 14.23 33.52 -13.38
N SER D 338 15.07 32.49 -13.45
CA SER D 338 15.42 31.88 -14.71
C SER D 338 15.27 30.38 -14.59
N PHE D 339 14.79 29.77 -15.66
CA PHE D 339 14.73 28.32 -15.80
C PHE D 339 15.22 27.96 -17.18
N ASP D 340 16.44 27.45 -17.24
CA ASP D 340 17.06 27.01 -18.50
C ASP D 340 17.07 25.50 -18.59
N VAL D 341 17.06 25.00 -19.82
CA VAL D 341 16.97 23.56 -20.10
C VAL D 341 17.96 23.14 -21.18
N ILE D 342 18.66 22.04 -20.92
CA ILE D 342 19.46 21.37 -21.94
C ILE D 342 18.99 19.92 -22.07
N LEU D 343 18.76 19.51 -23.32
CA LEU D 343 18.35 18.17 -23.66
C LEU D 343 19.50 17.58 -24.46
N VAL D 344 20.12 16.53 -23.91
CA VAL D 344 21.35 15.97 -24.46
C VAL D 344 20.98 14.91 -25.50
N GLU D 345 21.52 15.02 -26.70
CA GLU D 345 21.18 14.11 -27.81
C GLU D 345 21.89 12.75 -27.74
N ASP D 346 21.14 11.69 -28.08
CA ASP D 346 21.62 10.30 -28.06
C ASP D 346 22.09 9.87 -26.67
N ALA D 347 21.56 10.48 -25.62
CA ALA D 347 22.13 10.34 -24.29
C ALA D 347 21.17 9.63 -23.34
N GLY D 348 21.72 8.74 -22.53
CA GLY D 348 20.92 8.04 -21.56
C GLY D 348 20.80 8.89 -20.31
N HIS D 349 21.10 8.27 -19.18
CA HIS D 349 20.80 8.81 -17.86
C HIS D 349 22.01 9.50 -17.24
N GLY D 350 23.20 8.91 -17.39
CA GLY D 350 24.43 9.51 -16.84
C GLY D 350 25.10 10.50 -17.78
N LEU D 351 24.72 11.77 -17.66
CA LEU D 351 25.13 12.81 -18.61
C LEU D 351 26.62 13.13 -18.62
N ASN D 352 27.28 12.97 -17.47
CA ASN D 352 28.74 13.13 -17.41
C ASN D 352 29.54 12.04 -18.12
N LEU D 353 28.91 10.93 -18.46
CA LEU D 353 29.64 9.78 -18.97
C LEU D 353 29.38 9.49 -20.44
N VAL D 354 28.62 10.33 -21.15
CA VAL D 354 28.24 10.06 -22.55
C VAL D 354 29.29 10.62 -23.52
N PRO D 355 29.40 10.06 -24.74
CA PRO D 355 30.46 10.48 -25.67
C PRO D 355 30.42 11.96 -26.07
N ASN D 356 29.25 12.52 -26.25
CA ASN D 356 29.11 13.97 -26.44
C ASN D 356 28.76 14.69 -25.11
N THR D 357 29.41 14.31 -24.00
CA THR D 357 29.20 15.02 -22.74
C THR D 357 29.64 16.48 -22.82
N ARG D 358 30.65 16.76 -23.65
CA ARG D 358 31.22 18.11 -23.72
C ARG D 358 30.23 19.20 -24.10
N VAL D 359 29.25 18.90 -24.98
CA VAL D 359 28.17 19.86 -25.31
C VAL D 359 27.36 20.25 -24.07
N TYR D 360 27.15 19.28 -23.19
CA TYR D 360 26.44 19.47 -21.94
C TYR D 360 27.27 20.34 -20.97
N GLN D 361 28.55 19.98 -20.84
CA GLN D 361 29.51 20.66 -19.97
C GLN D 361 29.63 22.14 -20.28
N ASP D 362 29.65 22.46 -21.57
CA ASP D 362 29.81 23.83 -22.06
C ASP D 362 28.58 24.70 -21.81
N ALA D 363 27.40 24.11 -21.97
CA ALA D 363 26.16 24.77 -21.64
C ALA D 363 26.06 25.01 -20.15
N SER D 364 26.45 24.02 -19.35
CA SER D 364 26.46 24.17 -17.88
C SER D 364 27.42 25.27 -17.41
N ARG D 365 28.59 25.32 -18.04
CA ARG D 365 29.60 26.36 -17.79
C ARG D 365 29.05 27.74 -18.15
N ASP D 366 28.66 27.86 -19.41
CA ASP D 366 28.18 29.12 -19.94
C ASP D 366 27.00 29.66 -19.12
N TRP D 367 26.16 28.74 -18.61
CA TRP D 367 25.11 29.10 -17.64
C TRP D 367 25.69 29.67 -16.35
N LEU D 368 26.66 28.98 -15.75
CA LEU D 368 27.25 29.43 -14.50
C LEU D 368 27.84 30.84 -14.60
N ASP D 369 28.61 31.09 -15.67
CA ASP D 369 29.16 32.43 -15.96
C ASP D 369 28.05 33.49 -16.03
N ARG D 370 26.94 33.15 -16.69
CA ARG D 370 25.77 34.01 -16.80
C ARG D 370 25.09 34.30 -15.45
N VAL D 371 24.73 33.24 -14.71
CA VAL D 371 23.91 33.39 -13.48
C VAL D 371 24.69 33.67 -12.19
N VAL D 372 25.98 33.32 -12.14
CA VAL D 372 26.78 33.49 -10.90
C VAL D 372 28.17 34.10 -11.14
N GLY D 373 28.92 33.54 -12.10
CA GLY D 373 30.33 33.89 -12.28
C GLY D 373 31.20 33.27 -11.19
N HIS D 374 32.52 33.37 -11.34
CA HIS D 374 33.46 32.73 -10.39
C HIS D 374 34.24 33.68 -9.48
N GLY D 375 34.19 34.98 -9.76
CA GLY D 375 35.12 35.96 -9.18
C GLY D 375 34.72 36.47 -7.80
N LEU D 376 35.64 36.85 -6.89
CA LEU D 376 37.11 36.69 -6.96
C LEU D 376 37.58 35.32 -7.49
N SER E 61 -37.32 -22.91 34.38
CA SER E 61 -36.07 -23.59 33.89
C SER E 61 -34.87 -23.37 34.83
N ALA E 62 -34.43 -22.11 34.96
CA ALA E 62 -33.19 -21.75 35.69
C ALA E 62 -33.20 -20.29 36.20
N ILE E 63 -32.68 -20.10 37.41
CA ILE E 63 -32.59 -18.79 38.07
C ILE E 63 -31.31 -18.12 37.60
N CYS E 64 -31.41 -16.99 36.88
CA CYS E 64 -30.22 -16.22 36.43
C CYS E 64 -30.17 -14.80 37.02
N ARG E 65 -28.98 -14.38 37.42
CA ARG E 65 -28.75 -13.02 37.91
C ARG E 65 -27.49 -12.45 37.23
N ALA E 66 -27.69 -11.42 36.41
CA ALA E 66 -26.60 -10.63 35.83
C ALA E 66 -25.89 -9.84 36.92
N THR E 67 -24.57 -9.68 36.75
CA THR E 67 -23.75 -8.88 37.67
C THR E 67 -22.46 -8.39 37.02
N THR E 68 -21.77 -7.50 37.70
CA THR E 68 -20.54 -6.85 37.22
C THR E 68 -19.40 -7.11 38.20
N VAL E 69 -18.17 -7.16 37.68
CA VAL E 69 -17.01 -7.55 38.48
C VAL E 69 -15.88 -6.53 38.34
N GLU E 70 -15.53 -5.89 39.46
CA GLU E 70 -14.39 -4.97 39.52
C GLU E 70 -13.12 -5.74 39.25
N VAL E 71 -12.48 -5.47 38.12
CA VAL E 71 -11.37 -6.28 37.62
C VAL E 71 -10.14 -5.43 37.21
N THR E 72 -8.95 -5.97 37.46
CA THR E 72 -7.68 -5.26 37.23
C THR E 72 -7.41 -4.83 35.77
N LEU E 73 -6.97 -3.59 35.60
CA LEU E 73 -6.83 -2.94 34.29
C LEU E 73 -5.73 -1.88 34.32
N GLY E 74 -4.51 -2.28 33.97
CA GLY E 74 -3.33 -1.41 34.03
C GLY E 74 -2.94 -1.08 35.47
N LYS E 75 -3.44 0.05 35.95
CA LYS E 75 -3.32 0.43 37.38
C LYS E 75 -4.61 0.14 38.18
N GLY E 76 -5.57 -0.56 37.56
CA GLY E 76 -6.90 -0.80 38.14
C GLY E 76 -7.79 0.41 37.88
N THR E 77 -9.10 0.25 37.68
CA THR E 77 -9.79 -1.03 37.47
C THR E 77 -10.72 -0.86 36.27
N GLY E 78 -11.40 -1.95 35.90
CA GLY E 78 -12.46 -1.95 34.88
C GLY E 78 -13.60 -2.85 35.28
N LYS E 79 -14.75 -2.72 34.62
CA LYS E 79 -15.94 -3.52 34.93
C LYS E 79 -16.18 -4.66 33.93
N MET E 80 -16.12 -5.89 34.42
CA MET E 80 -16.46 -7.08 33.63
C MET E 80 -17.88 -7.55 33.94
N TRP E 81 -18.72 -7.55 32.91
CA TRP E 81 -20.08 -8.05 33.03
C TRP E 81 -20.11 -9.58 32.91
N GLY E 82 -21.05 -10.20 33.63
CA GLY E 82 -21.18 -11.64 33.72
C GLY E 82 -22.50 -12.09 34.31
N GLU E 83 -22.98 -13.24 33.86
CA GLU E 83 -24.26 -13.76 34.28
C GLU E 83 -24.06 -15.09 34.96
N LEU E 84 -24.49 -15.17 36.21
CA LEU E 84 -24.45 -16.39 37.02
C LEU E 84 -25.82 -17.02 36.98
N CYS E 85 -25.87 -18.32 36.65
CA CYS E 85 -27.14 -19.04 36.64
C CYS E 85 -27.05 -20.31 37.50
N ARG E 86 -28.16 -20.64 38.14
CA ARG E 86 -28.33 -21.87 38.91
C ARG E 86 -29.51 -22.67 38.36
N PRO E 87 -29.48 -24.01 38.51
CA PRO E 87 -30.69 -24.80 38.23
C PRO E 87 -31.75 -24.53 39.28
N ALA E 88 -32.96 -24.20 38.84
CA ALA E 88 -34.06 -23.89 39.77
C ALA E 88 -34.31 -25.01 40.78
N GLY E 89 -34.34 -24.65 42.06
CA GLY E 89 -34.52 -25.61 43.17
C GLY E 89 -33.32 -26.50 43.47
N SER E 90 -32.12 -26.01 43.15
CA SER E 90 -30.85 -26.73 43.30
C SER E 90 -29.76 -25.74 43.69
N SER E 91 -28.74 -26.24 44.37
CA SER E 91 -27.64 -25.41 44.81
C SER E 91 -26.34 -26.18 44.56
N PRO E 92 -25.74 -26.02 43.38
CA PRO E 92 -24.51 -26.77 43.09
C PRO E 92 -23.21 -26.23 43.70
N ASP E 93 -22.24 -27.11 43.87
CA ASP E 93 -20.90 -26.78 44.38
C ASP E 93 -19.97 -26.44 43.23
N THR E 94 -20.23 -27.00 42.06
CA THR E 94 -19.44 -26.70 40.86
C THR E 94 -20.07 -25.60 39.96
N VAL E 95 -19.24 -24.64 39.57
CA VAL E 95 -19.60 -23.62 38.59
C VAL E 95 -18.71 -23.77 37.35
N VAL E 96 -19.32 -23.67 36.17
CA VAL E 96 -18.53 -23.63 34.92
C VAL E 96 -18.51 -22.19 34.42
N THR E 97 -17.32 -21.61 34.37
CA THR E 97 -17.12 -20.27 33.84
C THR E 97 -16.74 -20.42 32.38
N MET E 98 -17.37 -19.63 31.52
CA MET E 98 -17.26 -19.76 30.09
C MET E 98 -16.73 -18.48 29.45
N VAL E 99 -15.58 -18.61 28.80
CA VAL E 99 -14.89 -17.50 28.14
C VAL E 99 -15.09 -17.54 26.63
N HIS E 100 -15.69 -16.50 26.09
CA HIS E 100 -15.97 -16.42 24.66
C HIS E 100 -14.71 -16.07 23.87
N GLY E 101 -14.82 -16.23 22.55
CA GLY E 101 -13.71 -16.02 21.62
C GLY E 101 -13.76 -14.66 20.95
N ALA E 102 -12.80 -14.40 20.07
CA ALA E 102 -12.66 -13.10 19.40
C ALA E 102 -13.84 -12.82 18.50
N THR E 103 -14.37 -11.62 18.63
CA THR E 103 -15.47 -11.09 17.81
C THR E 103 -16.83 -11.74 18.16
N TYR E 104 -16.86 -12.52 19.22
CA TYR E 104 -18.08 -13.01 19.80
C TYR E 104 -18.18 -12.34 21.17
N ASN E 105 -19.31 -12.52 21.81
CA ASN E 105 -19.50 -12.08 23.19
C ASN E 105 -20.18 -13.19 23.97
N HIS E 106 -20.61 -12.91 25.20
CA HIS E 106 -21.20 -13.95 26.06
C HIS E 106 -22.28 -14.83 25.37
N ASN E 107 -22.93 -14.29 24.34
CA ASN E 107 -23.97 -15.01 23.61
C ASN E 107 -23.53 -16.32 22.96
N TYR E 108 -22.25 -16.44 22.61
CA TYR E 108 -21.79 -17.70 22.05
C TYR E 108 -22.13 -18.89 23.00
N TRP E 109 -21.77 -18.73 24.27
CA TRP E 109 -21.98 -19.74 25.28
C TRP E 109 -23.38 -19.81 25.82
N ASP E 110 -24.17 -18.75 25.61
CA ASP E 110 -25.57 -18.80 25.96
C ASP E 110 -26.37 -18.17 24.84
N PHE E 111 -26.56 -18.95 23.80
CA PHE E 111 -27.11 -18.49 22.54
C PHE E 111 -28.63 -18.32 22.67
N PRO E 112 -29.17 -17.18 22.19
CA PRO E 112 -30.60 -16.89 22.40
C PRO E 112 -31.57 -17.56 21.44
N TYR E 113 -31.17 -17.90 20.22
CA TYR E 113 -32.10 -18.56 19.24
C TYR E 113 -32.15 -20.10 19.41
N GLN E 114 -33.34 -20.63 19.72
CA GLN E 114 -33.51 -22.07 20.05
C GLN E 114 -32.59 -22.53 21.19
N PRO E 115 -32.73 -21.93 22.38
CA PRO E 115 -31.82 -22.27 23.48
C PRO E 115 -31.81 -23.76 23.85
N ASP E 116 -32.96 -24.43 23.76
CA ASP E 116 -33.03 -25.85 24.11
C ASP E 116 -31.95 -26.69 23.38
N LYS E 117 -31.68 -26.33 22.12
CA LYS E 117 -30.67 -27.00 21.31
C LYS E 117 -29.28 -26.37 21.41
N TYR E 118 -29.20 -25.04 21.24
CA TYR E 118 -27.92 -24.35 21.01
C TYR E 118 -27.19 -23.73 22.24
N SER E 119 -27.95 -23.25 23.21
CA SER E 119 -27.37 -22.68 24.46
C SER E 119 -26.66 -23.72 25.35
N PHE E 120 -25.33 -23.69 25.30
CA PHE E 120 -24.47 -24.53 26.12
C PHE E 120 -24.75 -24.33 27.61
N ARG E 121 -24.87 -23.07 28.03
CA ARG E 121 -25.18 -22.74 29.42
C ARG E 121 -26.41 -23.45 29.91
N LYS E 122 -27.50 -23.26 29.17
CA LYS E 122 -28.78 -23.90 29.49
C LYS E 122 -28.68 -25.44 29.57
N MET E 123 -27.82 -26.04 28.75
CA MET E 123 -27.52 -27.48 28.84
C MET E 123 -26.86 -27.84 30.18
N LEU E 124 -25.83 -27.10 30.59
CA LEU E 124 -25.15 -27.36 31.87
C LEU E 124 -26.08 -27.19 33.06
N ASN E 125 -26.92 -26.17 33.03
CA ASN E 125 -27.96 -25.96 34.05
C ASN E 125 -28.94 -27.12 34.11
N GLY E 126 -29.27 -27.65 32.93
CA GLY E 126 -30.07 -28.87 32.80
C GLY E 126 -29.42 -30.10 33.44
N ALA E 127 -28.08 -30.16 33.38
CA ALA E 127 -27.26 -31.23 34.00
C ALA E 127 -26.94 -31.00 35.49
N GLY E 128 -27.37 -29.86 36.04
CA GLY E 128 -27.25 -29.56 37.45
C GLY E 128 -26.10 -28.65 37.85
N TYR E 129 -25.38 -28.12 36.85
CA TYR E 129 -24.22 -27.26 37.10
C TYR E 129 -24.62 -25.78 37.16
N ALA E 130 -23.98 -25.03 38.05
CA ALA E 130 -24.01 -23.57 37.98
C ALA E 130 -23.18 -23.14 36.79
N THR E 131 -23.48 -21.96 36.28
CA THR E 131 -22.71 -21.42 35.16
C THR E 131 -22.40 -19.97 35.42
N PHE E 132 -21.29 -19.49 34.83
CA PHE E 132 -20.94 -18.06 34.81
C PHE E 132 -20.38 -17.61 33.47
N VAL E 133 -21.28 -17.26 32.56
CA VAL E 133 -20.87 -16.71 31.26
C VAL E 133 -20.42 -15.27 31.47
N VAL E 134 -19.36 -14.89 30.76
CA VAL E 134 -18.80 -13.55 30.88
C VAL E 134 -18.80 -12.84 29.54
N ASP E 135 -18.92 -11.52 29.60
CA ASP E 135 -18.49 -10.63 28.53
C ASP E 135 -17.08 -10.18 28.90
N ARG E 136 -16.07 -10.71 28.22
CA ARG E 136 -14.71 -10.14 28.20
C ARG E 136 -14.68 -8.64 27.96
N LEU E 137 -13.72 -7.95 28.59
CA LEU E 137 -13.61 -6.50 28.41
C LEU E 137 -13.39 -6.18 26.95
N GLY E 138 -13.86 -4.99 26.58
CA GLY E 138 -13.91 -4.58 25.19
C GLY E 138 -15.21 -4.96 24.49
N THR E 139 -15.98 -5.89 25.08
CA THR E 139 -17.19 -6.45 24.41
C THR E 139 -18.43 -6.26 25.24
N GLY E 140 -19.57 -6.26 24.54
CA GLY E 140 -20.89 -6.41 25.15
C GLY E 140 -21.18 -5.38 26.22
N ASN E 141 -21.68 -5.85 27.35
CA ASN E 141 -22.02 -5.00 28.50
C ASN E 141 -20.82 -4.66 29.40
N SER E 142 -19.62 -5.17 29.07
CA SER E 142 -18.41 -4.85 29.83
C SER E 142 -17.86 -3.46 29.47
N THR E 143 -16.84 -3.04 30.23
CA THR E 143 -16.06 -1.84 29.91
C THR E 143 -15.33 -2.01 28.59
N VAL E 144 -15.25 -0.93 27.83
CA VAL E 144 -14.53 -0.88 26.57
C VAL E 144 -13.40 0.13 26.70
N PRO E 145 -12.27 -0.29 27.28
CA PRO E 145 -11.16 0.63 27.48
C PRO E 145 -10.37 0.80 26.19
N PRO E 146 -9.32 1.63 26.21
CA PRO E 146 -8.36 1.67 25.12
C PRO E 146 -7.71 0.30 24.87
N SER E 147 -7.66 -0.09 23.60
CA SER E 147 -7.14 -1.39 23.16
C SER E 147 -5.72 -1.67 23.66
N SER E 148 -4.92 -0.62 23.82
CA SER E 148 -3.58 -0.71 24.41
C SER E 148 -3.58 -1.34 25.79
N GLU E 149 -4.57 -1.00 26.62
CA GLU E 149 -4.68 -1.53 27.97
C GLU E 149 -5.04 -3.03 28.02
N LEU E 150 -5.47 -3.61 26.90
CA LEU E 150 -5.89 -5.01 26.84
C LEU E 150 -4.96 -5.93 26.07
N ASN E 151 -4.59 -7.03 26.73
CA ASN E 151 -3.92 -8.15 26.09
C ASN E 151 -4.24 -9.44 26.84
N LEU E 152 -3.94 -10.58 26.21
CA LEU E 152 -4.29 -11.90 26.77
C LEU E 152 -3.89 -12.02 28.23
N THR E 153 -2.60 -11.80 28.53
CA THR E 153 -2.04 -11.95 29.88
C THR E 153 -2.83 -11.10 30.88
N VAL E 154 -3.02 -9.82 30.56
CA VAL E 154 -3.88 -8.96 31.36
C VAL E 154 -5.25 -9.64 31.53
N GLU E 155 -5.90 -9.97 30.41
CA GLU E 155 -7.23 -10.63 30.44
C GLU E 155 -7.24 -11.94 31.22
N ALA E 156 -6.13 -12.69 31.23
CA ALA E 156 -6.00 -13.91 32.03
C ALA E 156 -6.00 -13.66 33.55
N ARG E 157 -5.38 -12.54 33.96
CA ARG E 157 -5.45 -12.09 35.36
C ARG E 157 -6.86 -11.62 35.73
N GLN E 158 -7.61 -11.15 34.74
CA GLN E 158 -8.99 -10.70 34.96
C GLN E 158 -9.85 -11.91 35.29
N MET E 159 -9.71 -12.95 34.47
CA MET E 159 -10.39 -14.22 34.69
C MET E 159 -9.94 -14.91 35.97
N HIS E 160 -8.66 -14.76 36.33
CA HIS E 160 -8.20 -15.17 37.65
C HIS E 160 -9.02 -14.55 38.80
N GLU E 161 -9.36 -13.27 38.66
CA GLU E 161 -10.14 -12.53 39.67
C GLU E 161 -11.61 -12.90 39.69
N VAL E 162 -12.13 -13.29 38.54
CA VAL E 162 -13.49 -13.83 38.47
C VAL E 162 -13.53 -15.19 39.19
N VAL E 163 -12.55 -16.05 38.90
CA VAL E 163 -12.43 -17.38 39.55
C VAL E 163 -12.37 -17.23 41.07
N GLN E 164 -11.47 -16.37 41.54
CA GLN E 164 -11.33 -16.06 42.99
C GLN E 164 -12.60 -15.51 43.63
N GLY E 165 -13.37 -14.70 42.90
CA GLY E 165 -14.64 -14.16 43.37
C GLY E 165 -15.70 -15.23 43.49
N LEU E 166 -15.72 -16.16 42.53
CA LEU E 166 -16.65 -17.30 42.56
C LEU E 166 -16.32 -18.27 43.67
N ARG E 167 -15.03 -18.53 43.88
CA ARG E 167 -14.59 -19.40 44.98
C ARG E 167 -14.93 -18.82 46.36
N THR E 168 -14.55 -17.56 46.61
CA THR E 168 -14.79 -16.91 47.92
C THR E 168 -16.23 -16.56 48.16
N GLY E 169 -16.96 -16.34 47.08
CA GLY E 169 -18.40 -16.07 47.15
C GLY E 169 -18.70 -14.60 46.91
N ARG E 170 -17.65 -13.79 46.71
CA ARG E 170 -17.81 -12.36 46.36
C ARG E 170 -18.76 -12.20 45.18
N ILE E 171 -18.69 -13.13 44.22
CA ILE E 171 -19.59 -13.21 43.08
C ILE E 171 -20.56 -14.37 43.32
N GLY E 172 -21.82 -14.07 43.53
CA GLY E 172 -22.85 -15.11 43.62
C GLY E 172 -23.20 -15.61 45.01
N GLY E 173 -22.40 -15.23 46.01
CA GLY E 173 -22.73 -15.50 47.39
C GLY E 173 -22.26 -16.87 47.82
N THR E 174 -22.82 -17.92 47.22
CA THR E 174 -22.70 -19.29 47.76
C THR E 174 -21.30 -19.81 47.97
N GLY E 175 -20.35 -19.35 47.16
CA GLY E 175 -18.95 -19.77 47.31
C GLY E 175 -18.74 -21.22 46.84
N PHE E 176 -18.33 -21.36 45.58
CA PHE E 176 -18.25 -22.64 44.91
C PHE E 176 -16.95 -23.36 45.30
N GLY E 177 -17.07 -24.67 45.53
CA GLY E 177 -15.94 -25.50 45.90
C GLY E 177 -15.11 -25.92 44.70
N LYS E 178 -15.77 -26.14 43.56
CA LYS E 178 -15.09 -26.46 42.30
C LYS E 178 -15.40 -25.40 41.24
N VAL E 179 -14.40 -25.04 40.44
CA VAL E 179 -14.56 -24.05 39.35
C VAL E 179 -13.90 -24.58 38.08
N VAL E 180 -14.71 -24.80 37.06
CA VAL E 180 -14.22 -25.28 35.78
C VAL E 180 -14.23 -24.11 34.82
N LEU E 181 -13.13 -23.98 34.08
CA LEU E 181 -12.93 -22.87 33.19
C LEU E 181 -13.06 -23.40 31.77
N ALA E 182 -13.93 -22.77 31.01
CA ALA E 182 -14.35 -23.25 29.72
C ALA E 182 -14.06 -22.15 28.71
N GLY E 183 -13.19 -22.44 27.75
CA GLY E 183 -12.74 -21.47 26.76
C GLY E 183 -13.23 -21.78 25.37
N TYR E 184 -13.33 -20.74 24.54
CA TYR E 184 -13.67 -20.90 23.12
C TYR E 184 -12.71 -20.05 22.32
N ALA E 185 -12.02 -20.69 21.40
CA ALA E 185 -11.11 -20.01 20.48
C ALA E 185 -10.10 -19.12 21.23
N LEU E 186 -10.09 -17.79 21.02
CA LEU E 186 -9.15 -16.93 21.77
C LEU E 186 -9.48 -16.80 23.27
N GLY E 187 -10.70 -17.20 23.66
CA GLY E 187 -11.04 -17.42 25.07
C GLY E 187 -10.38 -18.66 25.67
N SER E 188 -10.04 -19.64 24.83
CA SER E 188 -9.26 -20.80 25.24
C SER E 188 -7.82 -20.42 25.52
N ALA E 189 -7.30 -19.44 24.80
CA ALA E 189 -5.97 -18.92 25.10
C ALA E 189 -5.97 -18.25 26.48
N VAL E 190 -6.94 -17.36 26.71
CA VAL E 190 -7.14 -16.72 28.01
C VAL E 190 -7.25 -17.80 29.12
N THR E 191 -8.09 -18.79 28.87
CA THR E 191 -8.28 -19.95 29.74
C THR E 191 -7.00 -20.72 30.04
N SER E 192 -6.19 -20.96 29.01
CA SER E 192 -4.94 -21.69 29.21
C SER E 192 -3.98 -20.86 30.05
N ILE E 193 -3.81 -19.60 29.72
CA ILE E 193 -2.88 -18.75 30.44
C ILE E 193 -3.29 -18.61 31.91
N GLU E 194 -4.60 -18.46 32.12
CA GLU E 194 -5.16 -18.42 33.48
C GLU E 194 -4.73 -19.66 34.25
N ALA E 195 -5.13 -20.82 33.74
CA ALA E 195 -4.86 -22.11 34.37
C ALA E 195 -3.36 -22.31 34.59
N SER E 196 -2.58 -22.01 33.55
CA SER E 196 -1.10 -22.12 33.59
C SER E 196 -0.45 -21.27 34.67
N THR E 197 -0.87 -20.02 34.74
CA THR E 197 -0.30 -19.07 35.67
C THR E 197 -0.73 -19.36 37.11
N PHE E 198 -2.03 -19.44 37.34
CA PHE E 198 -2.56 -19.40 38.71
C PHE E 198 -2.85 -20.77 39.33
N HIS E 199 -3.15 -21.77 38.49
CA HIS E 199 -3.51 -23.12 38.94
C HIS E 199 -4.67 -23.13 39.96
N ASP E 200 -5.70 -22.31 39.71
CA ASP E 200 -6.85 -22.14 40.63
C ASP E 200 -8.18 -22.65 40.04
N VAL E 201 -8.11 -23.48 39.00
CA VAL E 201 -9.28 -24.15 38.45
C VAL E 201 -9.12 -25.66 38.53
N ASP E 202 -10.25 -26.34 38.70
CA ASP E 202 -10.28 -27.79 38.92
C ASP E 202 -10.32 -28.59 37.62
N ALA E 203 -10.75 -27.94 36.54
CA ALA E 203 -10.70 -28.54 35.22
C ALA E 203 -10.79 -27.46 34.15
N VAL E 204 -10.43 -27.85 32.93
CA VAL E 204 -10.21 -26.93 31.82
C VAL E 204 -10.88 -27.47 30.56
N LEU E 205 -11.77 -26.69 29.95
CA LEU E 205 -12.35 -27.04 28.64
C LEU E 205 -11.82 -26.13 27.52
N ILE E 206 -11.04 -26.71 26.62
CA ILE E 206 -10.41 -26.01 25.49
C ILE E 206 -11.17 -26.32 24.21
N THR E 207 -11.83 -25.33 23.61
CA THR E 207 -12.59 -25.52 22.37
C THR E 207 -12.12 -24.57 21.30
N ALA E 208 -12.08 -25.08 20.08
CA ALA E 208 -11.76 -24.30 18.87
C ALA E 208 -10.40 -23.57 18.89
N LEU E 209 -9.41 -24.13 19.58
CA LEU E 209 -8.05 -23.56 19.56
C LEU E 209 -7.02 -24.67 19.55
N GLY E 210 -6.35 -24.80 18.40
CA GLY E 210 -5.26 -25.76 18.19
C GLY E 210 -3.90 -25.11 18.26
N HIS E 211 -2.87 -25.95 18.38
CA HIS E 211 -1.47 -25.51 18.39
C HIS E 211 -0.93 -25.31 16.97
N TYR E 212 -1.37 -26.14 16.03
CA TYR E 212 -1.11 -25.90 14.61
C TYR E 212 -2.30 -25.16 14.10
N ASN E 213 -2.14 -24.55 12.93
CA ASN E 213 -3.17 -23.66 12.37
C ASN E 213 -2.94 -23.36 10.91
N ASN E 214 -3.94 -22.77 10.29
CA ASN E 214 -4.02 -22.60 8.85
C ASN E 214 -3.86 -21.11 8.49
N PRO E 215 -2.67 -20.72 8.00
CA PRO E 215 -2.42 -19.29 7.65
C PRO E 215 -3.42 -18.66 6.66
N ALA E 216 -3.99 -19.46 5.76
CA ALA E 216 -5.01 -18.99 4.83
C ALA E 216 -6.35 -18.74 5.51
N GLY E 217 -6.71 -19.56 6.49
CA GLY E 217 -7.92 -19.35 7.27
C GLY E 217 -7.86 -18.05 8.07
N THR E 218 -6.68 -17.81 8.65
CA THR E 218 -6.37 -16.57 9.35
C THR E 218 -6.46 -15.42 8.38
N GLN E 219 -5.80 -15.56 7.24
CA GLN E 219 -5.80 -14.52 6.21
C GLN E 219 -7.20 -14.11 5.75
N ALA E 220 -8.10 -15.10 5.64
CA ALA E 220 -9.50 -14.85 5.24
C ALA E 220 -10.28 -13.99 6.26
N ILE E 221 -9.90 -14.05 7.53
CA ILE E 221 -10.46 -13.16 8.54
C ILE E 221 -9.98 -11.72 8.31
N ILE E 222 -8.68 -11.56 8.10
CA ILE E 222 -8.06 -10.24 7.85
C ILE E 222 -8.71 -9.60 6.62
N ASP E 223 -8.87 -10.37 5.54
CA ASP E 223 -9.47 -9.87 4.29
C ASP E 223 -10.96 -9.53 4.38
N ASN E 224 -11.63 -10.05 5.41
CA ASN E 224 -13.02 -9.73 5.70
C ASN E 224 -13.18 -8.90 6.98
N GLY E 225 -12.11 -8.20 7.37
CA GLY E 225 -12.12 -7.39 8.60
C GLY E 225 -12.46 -5.93 8.37
N LEU E 226 -12.86 -5.26 9.45
CA LEU E 226 -13.12 -3.80 9.44
C LEU E 226 -13.24 -3.27 10.86
N SER E 227 -13.32 -1.95 10.99
CA SER E 227 -13.48 -1.32 12.29
C SER E 227 -14.93 -1.31 12.74
N PRO E 228 -15.19 -1.54 14.05
CA PRO E 228 -16.57 -1.54 14.55
C PRO E 228 -17.28 -0.18 14.51
N ASN E 229 -16.56 0.93 14.31
CA ASN E 229 -17.21 2.22 14.03
C ASN E 229 -17.85 2.29 12.64
N ASP E 230 -17.49 1.37 11.76
CA ASP E 230 -18.08 1.26 10.42
C ASP E 230 -19.19 0.21 10.30
N ASP E 231 -19.42 -0.56 11.36
CA ASP E 231 -20.32 -1.71 11.31
C ASP E 231 -21.70 -1.35 11.87
N PRO E 232 -22.78 -1.51 11.06
CA PRO E 232 -24.11 -1.08 11.54
C PRO E 232 -24.53 -1.62 12.93
N VAL E 233 -24.21 -2.87 13.23
CA VAL E 233 -24.61 -3.51 14.49
C VAL E 233 -23.89 -2.85 15.68
N LEU E 234 -22.64 -2.45 15.48
CA LEU E 234 -21.76 -1.96 16.54
C LEU E 234 -21.49 -0.45 16.58
N LYS E 235 -21.80 0.29 15.50
CA LYS E 235 -21.49 1.74 15.42
C LYS E 235 -22.08 2.59 16.57
N ASP E 236 -23.32 2.31 16.97
CA ASP E 236 -24.01 3.09 18.01
C ASP E 236 -23.47 2.93 19.44
N ARG E 237 -23.01 1.73 19.81
CA ARG E 237 -22.70 1.45 21.24
C ARG E 237 -21.59 2.33 21.80
N HIS E 238 -20.44 2.33 21.12
CA HIS E 238 -19.29 3.13 21.52
C HIS E 238 -18.58 3.75 20.32
N HIS E 239 -17.64 4.66 20.59
CA HIS E 239 -16.64 5.01 19.63
C HIS E 239 -15.43 4.16 19.98
N TYR E 240 -15.06 3.25 19.10
CA TYR E 240 -13.94 2.36 19.31
C TYR E 240 -12.67 2.95 18.74
N ASP E 241 -11.53 2.70 19.39
CA ASP E 241 -10.24 3.18 18.88
C ASP E 241 -9.73 2.29 17.73
N ASP E 242 -8.53 2.57 17.23
CA ASP E 242 -7.96 1.88 16.04
C ASP E 242 -7.56 0.44 16.32
N GLY E 243 -7.40 0.07 17.59
CA GLY E 243 -7.01 -1.29 17.95
C GLY E 243 -8.15 -2.30 18.05
N TYR E 244 -9.39 -1.82 17.87
CA TYR E 244 -10.57 -2.68 17.83
C TYR E 244 -10.90 -3.01 16.40
N ALA E 245 -11.27 -4.26 16.16
CA ALA E 245 -11.73 -4.75 14.85
C ALA E 245 -12.97 -5.61 14.98
N THR E 246 -13.64 -5.85 13.85
CA THR E 246 -14.74 -6.82 13.76
C THR E 246 -14.88 -7.35 12.33
N THR E 247 -15.67 -8.41 12.17
CA THR E 247 -15.89 -9.01 10.86
C THR E 247 -16.91 -8.20 10.06
N LYS E 248 -16.78 -8.28 8.73
CA LYS E 248 -17.77 -7.71 7.81
C LYS E 248 -19.14 -8.38 7.93
N PRO E 249 -20.22 -7.68 7.52
CA PRO E 249 -21.51 -8.36 7.42
C PRO E 249 -21.49 -9.47 6.36
N GLY E 250 -22.19 -10.57 6.62
CA GLY E 250 -22.26 -11.71 5.69
C GLY E 250 -21.05 -12.64 5.63
N SER E 251 -19.92 -12.25 6.22
CA SER E 251 -18.65 -12.97 6.06
C SER E 251 -18.44 -14.13 7.04
N ARG E 252 -19.11 -14.08 8.19
CA ARG E 252 -18.94 -15.11 9.24
C ARG E 252 -19.20 -16.54 8.76
N LYS E 253 -20.25 -16.73 7.96
CA LYS E 253 -20.60 -18.05 7.37
C LYS E 253 -19.39 -18.71 6.72
N HIS E 254 -18.56 -17.93 6.03
CA HIS E 254 -17.39 -18.45 5.34
C HIS E 254 -16.20 -18.56 6.30
N VAL E 255 -15.83 -17.43 6.92
CA VAL E 255 -14.54 -17.33 7.64
C VAL E 255 -14.44 -18.18 8.91
N PHE E 256 -15.54 -18.30 9.65
CA PHE E 256 -15.61 -19.23 10.79
C PHE E 256 -16.27 -20.55 10.42
N TYR E 257 -17.49 -20.50 9.91
CA TYR E 257 -18.32 -21.71 9.79
C TYR E 257 -18.04 -22.57 8.56
N ALA E 258 -17.16 -22.12 7.66
CA ALA E 258 -16.66 -22.92 6.52
C ALA E 258 -17.75 -23.41 5.57
N ASP E 259 -18.75 -22.57 5.33
CA ASP E 259 -19.85 -22.82 4.38
C ASP E 259 -20.76 -23.98 4.75
N ARG E 260 -20.73 -24.45 5.98
CA ARG E 260 -21.36 -25.71 6.35
C ARG E 260 -22.84 -25.55 6.71
N PRO E 261 -23.68 -26.54 6.34
CA PRO E 261 -25.12 -26.45 6.62
C PRO E 261 -25.40 -26.02 8.04
N MET E 262 -26.19 -24.95 8.15
CA MET E 262 -26.60 -24.42 9.43
C MET E 262 -28.06 -24.02 9.32
N ASP E 263 -28.71 -23.87 10.47
CA ASP E 263 -30.01 -23.25 10.53
C ASP E 263 -29.82 -21.78 10.08
N PRO E 264 -30.71 -21.25 9.23
CA PRO E 264 -30.64 -19.83 8.83
C PRO E 264 -30.74 -18.82 9.99
N GLY E 265 -31.68 -19.06 10.91
CA GLY E 265 -31.83 -18.26 12.14
C GLY E 265 -30.62 -18.22 13.05
N VAL E 266 -29.79 -19.25 13.03
CA VAL E 266 -28.51 -19.23 13.75
C VAL E 266 -27.54 -18.21 13.17
N LEU E 267 -27.21 -18.33 11.89
CA LEU E 267 -26.37 -17.36 11.16
C LEU E 267 -26.84 -15.90 11.38
N ALA E 268 -28.15 -15.68 11.27
CA ALA E 268 -28.79 -14.36 11.47
C ALA E 268 -28.63 -13.83 12.90
N THR E 269 -28.88 -14.68 13.88
CA THR E 269 -28.71 -14.34 15.30
C THR E 269 -27.24 -14.05 15.59
N ASP E 270 -26.36 -14.88 15.03
CA ASP E 270 -24.92 -14.67 15.19
C ASP E 270 -24.43 -13.35 14.61
N GLU E 271 -25.00 -12.89 13.50
CA GLU E 271 -24.66 -11.57 12.93
C GLU E 271 -25.17 -10.39 13.75
N LEU E 272 -26.32 -10.58 14.39
CA LEU E 272 -26.89 -9.55 15.27
C LEU E 272 -26.24 -9.51 16.66
N THR E 273 -25.63 -10.61 17.09
CA THR E 273 -24.97 -10.69 18.41
C THR E 273 -23.42 -10.64 18.36
N LYS E 274 -22.84 -10.36 17.19
CA LYS E 274 -21.39 -10.31 17.05
C LYS E 274 -20.86 -9.09 17.79
N ASP E 275 -19.56 -8.99 17.90
CA ASP E 275 -18.93 -7.97 18.72
C ASP E 275 -17.52 -7.67 18.23
N ALA E 276 -16.91 -6.67 18.82
CA ALA E 276 -15.57 -6.25 18.48
C ALA E 276 -14.57 -7.00 19.31
N ASN E 277 -13.31 -6.91 18.90
CA ASN E 277 -12.20 -7.58 19.54
C ASN E 277 -10.89 -6.85 19.30
N VAL E 278 -9.99 -6.96 20.27
CA VAL E 278 -8.63 -6.44 20.15
C VAL E 278 -7.84 -7.43 19.28
N PHE E 279 -7.56 -7.03 18.05
CA PHE E 279 -6.99 -7.93 17.04
C PHE E 279 -5.52 -8.24 17.24
N THR E 280 -4.76 -7.38 17.93
CA THR E 280 -3.35 -7.65 18.26
C THR E 280 -3.16 -8.86 19.21
N GLU E 281 -4.20 -9.21 19.96
CA GLU E 281 -4.22 -10.43 20.78
C GLU E 281 -4.15 -11.71 19.93
N ALA E 282 -4.72 -11.66 18.73
CA ALA E 282 -4.66 -12.79 17.79
C ALA E 282 -3.25 -13.14 17.36
N ALA E 283 -2.40 -12.13 17.21
CA ALA E 283 -1.01 -12.33 16.79
C ALA E 283 -0.04 -12.58 17.97
N ASP E 284 -0.53 -12.56 19.20
CA ASP E 284 0.28 -12.87 20.39
C ASP E 284 0.93 -14.26 20.26
N PRO E 285 2.23 -14.39 20.60
CA PRO E 285 2.86 -15.72 20.67
C PRO E 285 2.36 -16.66 21.79
N LEU E 286 1.74 -16.10 22.83
CA LEU E 286 1.16 -16.87 23.94
C LEU E 286 -0.05 -17.72 23.57
N VAL E 287 -0.70 -17.40 22.46
CA VAL E 287 -1.79 -18.22 21.91
C VAL E 287 -1.34 -19.67 21.73
N ILE E 288 -0.22 -19.87 21.02
CA ILE E 288 0.24 -21.22 20.61
C ILE E 288 1.48 -21.73 21.38
N ASP E 289 1.95 -20.97 22.37
CA ASP E 289 3.18 -21.31 23.12
C ASP E 289 3.04 -22.63 23.93
N PRO E 290 3.83 -23.67 23.57
CA PRO E 290 3.74 -24.99 24.24
C PRO E 290 3.91 -24.90 25.75
N ALA E 291 4.82 -24.03 26.19
CA ALA E 291 5.14 -23.87 27.61
C ALA E 291 3.92 -23.56 28.48
N VAL E 292 2.92 -22.90 27.90
CA VAL E 292 1.68 -22.52 28.60
C VAL E 292 0.76 -23.74 28.76
N SER E 293 0.42 -24.38 27.65
CA SER E 293 -0.44 -25.58 27.70
C SER E 293 0.19 -26.80 28.41
N ARG E 294 1.52 -26.91 28.36
CA ARG E 294 2.23 -28.00 29.05
C ARG E 294 2.28 -27.85 30.55
N ALA E 295 2.11 -26.63 31.05
CA ALA E 295 2.08 -26.35 32.49
C ALA E 295 0.73 -26.63 33.14
N ILE E 296 -0.32 -26.90 32.36
CA ILE E 296 -1.64 -27.20 32.91
C ILE E 296 -1.70 -28.59 33.55
N ASP E 297 -2.00 -28.63 34.84
CA ASP E 297 -1.89 -29.81 35.70
C ASP E 297 -3.25 -30.36 36.15
N VAL E 298 -4.32 -30.02 35.42
CA VAL E 298 -5.69 -30.48 35.74
C VAL E 298 -6.41 -31.02 34.52
N PRO E 299 -7.44 -31.84 34.74
CA PRO E 299 -8.12 -32.44 33.60
C PRO E 299 -8.43 -31.46 32.48
N VAL E 300 -8.11 -31.84 31.25
CA VAL E 300 -8.38 -31.02 30.09
C VAL E 300 -9.15 -31.80 29.01
N MET E 301 -10.30 -31.24 28.60
CA MET E 301 -11.11 -31.72 27.49
C MET E 301 -10.81 -30.81 26.31
N PHE E 302 -10.30 -31.38 25.22
CA PHE E 302 -9.99 -30.64 23.99
C PHE E 302 -11.11 -30.89 22.99
N ALA E 303 -11.61 -29.82 22.36
CA ALA E 303 -12.73 -29.94 21.42
C ALA E 303 -12.52 -29.11 20.17
N LEU E 304 -12.87 -29.68 19.03
CA LEU E 304 -12.55 -29.10 17.73
C LEU E 304 -13.52 -29.61 16.66
N GLY E 305 -13.83 -28.76 15.68
CA GLY E 305 -14.68 -29.15 14.56
C GLY E 305 -13.85 -29.59 13.38
N ASP E 306 -14.29 -30.65 12.71
CA ASP E 306 -13.47 -31.34 11.70
C ASP E 306 -13.23 -30.54 10.40
N ARG E 307 -14.12 -29.60 10.08
CA ARG E 307 -13.87 -28.64 8.98
C ARG E 307 -13.72 -27.19 9.48
N ASP E 308 -12.98 -27.01 10.58
CA ASP E 308 -12.65 -25.69 11.13
C ASP E 308 -11.65 -25.00 10.19
N PRO E 309 -12.03 -23.84 9.63
CA PRO E 309 -11.22 -23.20 8.61
C PRO E 309 -9.95 -22.52 9.15
N LEU E 310 -9.84 -22.36 10.46
CA LEU E 310 -8.65 -21.73 11.06
C LEU E 310 -7.56 -22.74 11.47
N MET E 311 -7.95 -23.97 11.79
CA MET E 311 -7.01 -25.01 12.23
C MET E 311 -6.77 -26.08 11.18
N CYS E 312 -7.87 -26.69 10.71
CA CYS E 312 -7.78 -27.87 9.87
C CYS E 312 -7.16 -27.61 8.51
N GLY E 313 -6.68 -28.68 7.90
CA GLY E 313 -6.01 -28.63 6.60
C GLY E 313 -4.82 -29.55 6.58
N ASP E 314 -4.45 -29.98 5.39
CA ASP E 314 -3.30 -30.87 5.20
C ASP E 314 -2.01 -30.07 5.47
N GLY E 315 -1.18 -30.57 6.39
CA GLY E 315 0.02 -29.86 6.87
C GLY E 315 -0.14 -29.17 8.22
N TYR E 316 -1.39 -28.94 8.61
CA TYR E 316 -1.73 -28.13 9.78
C TYR E 316 -2.37 -29.04 10.82
N GLU E 317 -3.53 -28.66 11.36
CA GLU E 317 -4.21 -29.45 12.37
C GLU E 317 -4.83 -30.67 11.67
N ASP E 318 -4.28 -31.85 11.97
CA ASP E 318 -4.89 -33.13 11.60
C ASP E 318 -6.29 -33.29 12.22
N CYS E 319 -7.32 -33.06 11.40
CA CYS E 319 -8.74 -33.24 11.78
C CYS E 319 -9.35 -34.46 11.06
N SER E 320 -8.49 -35.38 10.62
CA SER E 320 -8.86 -36.55 9.83
C SER E 320 -9.64 -37.52 10.69
N SER E 321 -9.12 -37.78 11.89
CA SER E 321 -9.79 -38.63 12.87
C SER E 321 -9.55 -38.16 14.30
N GLN E 322 -10.42 -38.57 15.21
CA GLN E 322 -10.29 -38.20 16.61
C GLN E 322 -8.97 -38.65 17.21
N ALA E 323 -8.66 -39.93 17.05
CA ALA E 323 -7.40 -40.53 17.52
C ALA E 323 -6.15 -39.87 16.92
N ALA E 324 -6.25 -39.39 15.67
CA ALA E 324 -5.18 -38.64 15.01
C ALA E 324 -5.05 -37.24 15.61
N LEU E 325 -6.19 -36.60 15.86
CA LEU E 325 -6.19 -35.28 16.49
C LEU E 325 -5.63 -35.34 17.90
N ARG E 326 -5.99 -36.38 18.63
CA ARG E 326 -5.44 -36.59 19.96
C ARG E 326 -3.94 -36.90 19.90
N ALA E 327 -3.51 -37.65 18.90
CA ALA E 327 -2.10 -37.98 18.75
C ALA E 327 -1.20 -36.76 18.56
N GLN E 328 -1.62 -35.83 17.72
CA GLN E 328 -0.80 -34.63 17.41
C GLN E 328 -0.79 -33.53 18.48
N GLU E 329 -1.88 -33.40 19.23
CA GLU E 329 -1.99 -32.42 20.32
C GLU E 329 -1.34 -32.92 21.62
N ALA E 330 -1.36 -34.23 21.85
CA ALA E 330 -0.92 -34.83 23.13
C ALA E 330 0.44 -34.36 23.67
N PRO E 331 1.42 -34.15 22.78
CA PRO E 331 2.69 -33.60 23.28
C PRO E 331 2.55 -32.24 23.98
N PHE E 332 1.50 -31.48 23.68
CA PHE E 332 1.31 -30.15 24.27
C PHE E 332 0.53 -30.12 25.60
N TRP E 333 0.13 -31.28 26.12
CA TRP E 333 -0.67 -31.34 27.35
C TRP E 333 -0.14 -32.42 28.32
N THR E 334 1.17 -32.37 28.56
CA THR E 334 1.90 -33.43 29.29
C THR E 334 1.64 -33.45 30.80
N SER E 335 1.42 -32.28 31.43
CA SER E 335 1.17 -32.22 32.90
C SER E 335 -0.27 -32.49 33.31
N ALA E 336 -1.17 -32.61 32.33
CA ALA E 336 -2.54 -32.96 32.63
C ALA E 336 -2.62 -34.44 33.06
N PRO E 337 -3.35 -34.74 34.15
CA PRO E 337 -3.55 -36.15 34.54
C PRO E 337 -4.55 -36.93 33.66
N SER E 338 -5.33 -36.22 32.84
CA SER E 338 -6.16 -36.82 31.78
C SER E 338 -6.39 -35.82 30.65
N PHE E 339 -6.38 -36.28 29.41
CA PHE E 339 -6.51 -35.42 28.23
C PHE E 339 -7.51 -36.04 27.25
N ASP E 340 -8.76 -35.58 27.29
CA ASP E 340 -9.77 -36.11 26.38
C ASP E 340 -9.96 -35.23 25.16
N VAL E 341 -10.26 -35.85 24.02
CA VAL E 341 -10.41 -35.15 22.76
C VAL E 341 -11.73 -35.47 22.08
N ILE E 342 -12.51 -34.45 21.74
CA ILE E 342 -13.73 -34.65 20.96
C ILE E 342 -13.53 -33.96 19.63
N LEU E 343 -13.89 -34.69 18.56
CA LEU E 343 -13.82 -34.19 17.19
C LEU E 343 -15.26 -34.21 16.68
N VAL E 344 -15.73 -33.04 16.23
CA VAL E 344 -17.12 -32.81 15.87
C VAL E 344 -17.29 -32.88 14.35
N GLU E 345 -17.99 -33.91 13.87
CA GLU E 345 -18.16 -34.13 12.42
C GLU E 345 -19.11 -33.13 11.80
N ASP E 346 -18.82 -32.75 10.55
CA ASP E 346 -19.57 -31.72 9.82
C ASP E 346 -19.67 -30.39 10.61
N ALA E 347 -18.52 -29.94 11.13
CA ALA E 347 -18.50 -28.77 12.00
C ALA E 347 -17.34 -27.84 11.70
N GLY E 348 -17.68 -26.55 11.54
CA GLY E 348 -16.70 -25.51 11.30
C GLY E 348 -16.01 -25.11 12.59
N HIS E 349 -16.04 -23.81 12.89
CA HIS E 349 -15.30 -23.23 14.00
C HIS E 349 -16.16 -23.11 15.26
N GLY E 350 -17.36 -22.56 15.12
CA GLY E 350 -18.27 -22.29 16.25
C GLY E 350 -19.09 -23.48 16.71
N LEU E 351 -18.49 -24.32 17.56
CA LEU E 351 -19.03 -25.64 17.95
C LEU E 351 -20.38 -25.65 18.66
N ASN E 352 -20.69 -24.57 19.37
CA ASN E 352 -21.99 -24.43 20.03
C ASN E 352 -23.13 -24.14 19.09
N LEU E 353 -22.83 -23.75 17.85
CA LEU E 353 -23.83 -23.21 16.92
C LEU E 353 -24.12 -24.09 15.70
N VAL E 354 -23.51 -25.27 15.64
CA VAL E 354 -23.69 -26.19 14.51
C VAL E 354 -24.95 -27.06 14.73
N PRO E 355 -25.50 -27.67 13.65
CA PRO E 355 -26.73 -28.47 13.77
C PRO E 355 -26.58 -29.76 14.60
N ASN E 356 -25.41 -30.39 14.49
CA ASN E 356 -25.06 -31.53 15.35
C ASN E 356 -24.24 -31.13 16.59
N THR E 357 -24.68 -30.07 17.27
CA THR E 357 -24.00 -29.59 18.47
C THR E 357 -24.30 -30.50 19.65
N ARG E 358 -25.47 -31.12 19.66
CA ARG E 358 -25.85 -31.98 20.78
C ARG E 358 -24.90 -33.18 21.02
N VAL E 359 -24.16 -33.64 20.01
CA VAL E 359 -23.11 -34.67 20.19
C VAL E 359 -21.94 -34.08 20.97
N TYR E 360 -21.63 -32.82 20.69
CA TYR E 360 -20.56 -32.11 21.39
C TYR E 360 -20.93 -31.79 22.86
N GLN E 361 -22.18 -31.39 23.07
CA GLN E 361 -22.70 -31.06 24.40
C GLN E 361 -22.69 -32.27 25.34
N ASP E 362 -23.18 -33.41 24.84
CA ASP E 362 -23.27 -34.66 25.62
C ASP E 362 -21.92 -35.27 26.07
N ALA E 363 -20.91 -35.20 25.23
CA ALA E 363 -19.54 -35.59 25.62
C ALA E 363 -18.97 -34.65 26.71
N SER E 364 -19.15 -33.34 26.52
CA SER E 364 -18.69 -32.33 27.47
C SER E 364 -19.38 -32.50 28.80
N ARG E 365 -20.69 -32.75 28.76
CA ARG E 365 -21.45 -33.07 29.96
C ARG E 365 -20.88 -34.29 30.64
N ASP E 366 -20.78 -35.37 29.88
CA ASP E 366 -20.29 -36.66 30.40
C ASP E 366 -18.92 -36.50 31.05
N TRP E 367 -18.01 -35.81 30.36
CA TRP E 367 -16.69 -35.46 30.91
C TRP E 367 -16.76 -34.71 32.25
N LEU E 368 -17.43 -33.57 32.28
CA LEU E 368 -17.62 -32.81 33.52
C LEU E 368 -18.01 -33.72 34.67
N ASP E 369 -19.02 -34.55 34.46
CA ASP E 369 -19.47 -35.53 35.47
C ASP E 369 -18.32 -36.49 35.88
N ARG E 370 -17.50 -36.92 34.91
CA ARG E 370 -16.35 -37.82 35.18
C ARG E 370 -15.21 -37.18 35.95
N VAL E 371 -14.93 -35.89 35.68
CA VAL E 371 -13.71 -35.19 36.18
C VAL E 371 -13.93 -34.20 37.33
N VAL E 372 -15.14 -33.68 37.45
CA VAL E 372 -15.48 -32.84 38.61
C VAL E 372 -16.82 -33.17 39.29
N GLY E 373 -17.84 -33.49 38.50
CA GLY E 373 -19.19 -33.64 39.04
C GLY E 373 -19.73 -32.30 39.46
N HIS E 374 -21.01 -32.24 39.84
CA HIS E 374 -21.64 -30.93 40.18
C HIS E 374 -21.82 -30.63 41.69
N GLY E 375 -21.63 -31.62 42.55
CA GLY E 375 -21.80 -31.41 43.99
C GLY E 375 -23.24 -31.13 44.42
N LEU E 376 -23.51 -30.87 45.71
CA LEU E 376 -22.49 -30.49 46.74
C LEU E 376 -21.40 -31.53 47.03
N ILE F 63 -8.18 42.89 29.28
CA ILE F 63 -6.86 42.63 29.94
C ILE F 63 -6.64 41.11 29.99
N CYS F 64 -7.48 40.42 30.77
CA CYS F 64 -7.26 39.03 31.17
C CYS F 64 -8.48 38.16 30.85
N ARG F 65 -8.29 37.08 30.10
CA ARG F 65 -9.36 36.08 29.85
C ARG F 65 -8.91 34.66 30.17
N ALA F 66 -9.68 33.96 31.00
CA ALA F 66 -9.37 32.58 31.41
C ALA F 66 -9.75 31.58 30.32
N THR F 67 -9.02 30.48 30.24
CA THR F 67 -9.31 29.46 29.24
C THR F 67 -8.75 28.05 29.58
N THR F 68 -9.30 27.02 28.93
CA THR F 68 -8.83 25.64 29.06
C THR F 68 -8.31 25.09 27.73
N VAL F 69 -7.14 24.46 27.79
CA VAL F 69 -6.42 23.96 26.62
C VAL F 69 -6.45 22.44 26.61
N GLU F 70 -6.72 21.87 25.44
CA GLU F 70 -6.74 20.41 25.20
C GLU F 70 -5.31 19.97 25.22
N VAL F 71 -5.03 18.88 25.93
CA VAL F 71 -3.65 18.50 26.19
C VAL F 71 -3.48 16.97 26.28
N THR F 72 -2.35 16.44 25.81
CA THR F 72 -2.15 15.00 25.73
C THR F 72 -1.94 14.41 27.13
N LEU F 73 -2.53 13.24 27.35
CA LEU F 73 -2.55 12.59 28.65
C LEU F 73 -2.64 11.07 28.47
N GLY F 74 -1.47 10.46 28.30
CA GLY F 74 -1.35 9.03 27.98
C GLY F 74 -1.95 8.69 26.63
N LYS F 75 -3.27 8.54 26.61
CA LYS F 75 -4.03 8.21 25.41
C LYS F 75 -4.68 9.40 24.75
N GLY F 76 -4.49 10.60 25.32
CA GLY F 76 -5.29 11.79 24.98
C GLY F 76 -6.69 11.64 25.58
N THR F 77 -7.27 12.69 26.20
CA THR F 77 -6.68 14.01 26.42
C THR F 77 -7.01 14.45 27.84
N GLY F 78 -6.48 15.60 28.24
CA GLY F 78 -6.80 16.23 29.53
C GLY F 78 -6.83 17.75 29.44
N LYS F 79 -7.49 18.40 30.39
CA LYS F 79 -7.71 19.86 30.35
C LYS F 79 -6.73 20.66 31.22
N MET F 80 -5.91 21.50 30.57
CA MET F 80 -5.02 22.41 31.26
C MET F 80 -5.61 23.80 31.33
N TRP F 81 -5.97 24.23 32.54
CA TRP F 81 -6.49 25.58 32.74
C TRP F 81 -5.33 26.54 32.71
N GLY F 82 -5.63 27.75 32.21
CA GLY F 82 -4.65 28.83 32.11
C GLY F 82 -5.31 30.17 31.89
N GLU F 83 -4.59 31.24 32.23
CA GLU F 83 -5.09 32.60 32.09
C GLU F 83 -4.14 33.39 31.21
N LEU F 84 -4.68 33.87 30.10
CA LEU F 84 -3.96 34.71 29.16
C LEU F 84 -4.25 36.15 29.52
N CYS F 85 -3.21 36.94 29.72
CA CYS F 85 -3.37 38.36 30.06
C CYS F 85 -2.51 39.26 29.18
N ARG F 86 -3.14 40.28 28.63
CA ARG F 86 -2.47 41.35 27.88
C ARG F 86 -2.33 42.59 28.75
N PRO F 87 -1.45 43.52 28.34
CA PRO F 87 -1.56 44.92 28.74
C PRO F 87 -2.66 45.64 27.96
N ALA F 88 -3.55 46.32 28.68
CA ALA F 88 -4.64 47.12 28.10
C ALA F 88 -4.14 48.10 27.03
N GLY F 89 -4.92 48.26 25.96
CA GLY F 89 -4.59 49.16 24.85
C GLY F 89 -3.29 48.85 24.10
N SER F 90 -2.94 47.56 24.06
CA SER F 90 -1.67 47.12 23.47
C SER F 90 -1.75 45.66 23.10
N SER F 91 -1.12 45.28 21.98
CA SER F 91 -1.14 43.90 21.52
C SER F 91 0.29 43.42 21.28
N PRO F 92 0.91 42.80 22.29
CA PRO F 92 2.33 42.43 22.19
C PRO F 92 2.61 41.22 21.33
N ASP F 93 3.77 41.22 20.67
CA ASP F 93 4.21 40.09 19.84
C ASP F 93 4.87 38.96 20.66
N THR F 94 5.28 39.25 21.91
CA THR F 94 5.88 38.22 22.75
C THR F 94 4.96 37.89 23.93
N VAL F 95 4.93 36.61 24.27
CA VAL F 95 4.17 36.08 25.41
C VAL F 95 5.13 35.33 26.34
N VAL F 96 4.93 35.50 27.64
CA VAL F 96 5.70 34.78 28.66
C VAL F 96 4.76 33.75 29.27
N THR F 97 5.13 32.48 29.11
CA THR F 97 4.38 31.35 29.64
C THR F 97 5.03 30.92 30.94
N MET F 98 4.24 30.94 32.03
CA MET F 98 4.75 30.70 33.39
C MET F 98 4.31 29.35 33.96
N VAL F 99 5.28 28.46 34.14
CA VAL F 99 5.07 27.11 34.68
C VAL F 99 5.44 27.04 36.17
N HIS F 100 4.44 27.02 37.04
CA HIS F 100 4.65 26.95 38.50
C HIS F 100 5.39 25.69 38.92
N GLY F 101 5.74 25.61 40.20
CA GLY F 101 6.50 24.48 40.75
C GLY F 101 5.74 23.61 41.73
N ALA F 102 6.41 22.54 42.15
CA ALA F 102 5.81 21.50 42.99
C ALA F 102 5.14 22.09 44.23
N THR F 103 3.88 21.74 44.43
CA THR F 103 3.07 22.11 45.57
C THR F 103 2.62 23.57 45.56
N TYR F 104 2.84 24.26 44.44
CA TYR F 104 2.20 25.54 44.16
C TYR F 104 1.15 25.34 43.07
N ASN F 105 0.52 26.42 42.65
CA ASN F 105 -0.28 26.42 41.44
C ASN F 105 -0.04 27.75 40.70
N HIS F 106 -0.95 28.17 39.82
CA HIS F 106 -0.72 29.39 39.03
C HIS F 106 -0.59 30.66 39.86
N ASN F 107 -1.07 30.64 41.11
CA ASN F 107 -0.96 31.82 42.01
C ASN F 107 0.49 32.26 42.30
N TYR F 108 1.43 31.33 42.38
CA TYR F 108 2.85 31.69 42.49
C TYR F 108 3.22 32.79 41.48
N TRP F 109 2.92 32.55 40.22
CA TRP F 109 3.25 33.49 39.15
C TRP F 109 2.32 34.68 39.08
N ASP F 110 1.11 34.53 39.62
CA ASP F 110 0.19 35.65 39.81
C ASP F 110 -0.40 35.64 41.23
N PHE F 111 0.39 36.18 42.14
CA PHE F 111 0.09 36.13 43.57
C PHE F 111 -0.92 37.21 43.99
N PRO F 112 -2.04 36.80 44.60
CA PRO F 112 -3.18 37.70 44.85
C PRO F 112 -3.09 38.60 46.08
N TYR F 113 -2.05 38.46 46.91
CA TYR F 113 -1.82 39.40 48.02
C TYR F 113 -0.75 40.44 47.60
N GLN F 114 -1.13 41.73 47.64
CA GLN F 114 -0.29 42.86 47.18
C GLN F 114 0.30 42.65 45.79
N PRO F 115 -0.56 42.42 44.77
CA PRO F 115 -0.08 42.09 43.41
C PRO F 115 0.90 43.11 42.82
N ASP F 116 0.71 44.40 43.16
CA ASP F 116 1.61 45.48 42.71
C ASP F 116 3.08 45.19 42.96
N LYS F 117 3.36 44.54 44.09
CA LYS F 117 4.71 44.13 44.46
C LYS F 117 5.04 42.69 44.03
N TYR F 118 4.22 41.73 44.48
CA TYR F 118 4.56 40.30 44.41
C TYR F 118 4.17 39.59 43.10
N SER F 119 3.09 40.04 42.44
CA SER F 119 2.62 39.41 41.19
C SER F 119 3.58 39.58 40.01
N PHE F 120 4.35 38.54 39.72
CA PHE F 120 5.32 38.51 38.62
C PHE F 120 4.66 38.66 37.29
N ARG F 121 3.38 38.26 37.20
CA ARG F 121 2.59 38.44 35.99
C ARG F 121 2.34 39.91 35.76
N LYS F 122 1.77 40.55 36.77
CA LYS F 122 1.36 41.94 36.66
C LYS F 122 2.55 42.86 36.40
N MET F 123 3.72 42.46 36.88
CA MET F 123 4.98 43.11 36.54
C MET F 123 5.22 43.02 35.01
N LEU F 124 5.11 41.82 34.46
CA LEU F 124 5.31 41.61 33.02
C LEU F 124 4.31 42.33 32.11
N ASN F 125 3.06 42.44 32.53
CA ASN F 125 2.07 43.20 31.76
C ASN F 125 2.32 44.67 31.85
N GLY F 126 2.92 45.11 32.95
CA GLY F 126 3.40 46.50 33.10
C GLY F 126 4.52 46.85 32.15
N ALA F 127 5.38 45.88 31.84
CA ALA F 127 6.49 46.04 30.91
C ALA F 127 6.12 45.70 29.45
N GLY F 128 4.83 45.63 29.16
CA GLY F 128 4.37 45.41 27.79
C GLY F 128 4.25 43.97 27.33
N TYR F 129 4.43 43.00 28.21
CA TYR F 129 4.52 41.60 27.81
C TYR F 129 3.21 40.85 28.07
N ALA F 130 2.76 40.08 27.08
CA ALA F 130 1.66 39.13 27.28
C ALA F 130 2.12 37.99 28.18
N THR F 131 1.22 37.52 29.04
CA THR F 131 1.50 36.43 29.97
C THR F 131 0.47 35.33 29.86
N PHE F 132 0.93 34.11 30.10
CA PHE F 132 0.06 32.95 30.10
C PHE F 132 0.41 32.06 31.27
N VAL F 133 -0.06 32.47 32.45
CA VAL F 133 0.07 31.64 33.67
C VAL F 133 -0.82 30.38 33.58
N VAL F 134 -0.26 29.23 33.95
CA VAL F 134 -0.95 27.93 33.84
C VAL F 134 -1.10 27.23 35.19
N ASP F 135 -2.12 26.40 35.27
CA ASP F 135 -2.25 25.38 36.29
C ASP F 135 -1.78 24.10 35.63
N ARG F 136 -0.62 23.60 36.01
CA ARG F 136 -0.20 22.25 35.66
C ARG F 136 -1.31 21.23 36.00
N LEU F 137 -1.36 20.14 35.24
CA LEU F 137 -2.30 19.07 35.52
C LEU F 137 -2.01 18.47 36.88
N GLY F 138 -3.06 18.13 37.61
CA GLY F 138 -2.99 17.76 39.01
C GLY F 138 -3.47 18.87 39.92
N THR F 139 -3.35 20.12 39.48
CA THR F 139 -3.48 21.26 40.36
C THR F 139 -4.54 22.23 39.90
N GLY F 140 -5.02 23.00 40.88
CA GLY F 140 -5.90 24.13 40.67
C GLY F 140 -7.13 23.68 39.93
N ASN F 141 -7.46 24.44 38.89
CA ASN F 141 -8.62 24.19 38.04
C ASN F 141 -8.40 23.19 36.92
N SER F 142 -7.16 22.79 36.66
CA SER F 142 -6.90 21.80 35.63
C SER F 142 -7.42 20.39 36.01
N THR F 143 -7.44 19.50 35.03
CA THR F 143 -7.68 18.07 35.25
C THR F 143 -6.74 17.54 36.32
N VAL F 144 -7.26 16.70 37.20
CA VAL F 144 -6.48 16.00 38.19
C VAL F 144 -6.58 14.53 37.83
N PRO F 145 -5.65 14.03 37.03
CA PRO F 145 -5.73 12.62 36.62
C PRO F 145 -5.14 11.67 37.66
N PRO F 146 -5.16 10.35 37.39
CA PRO F 146 -4.36 9.42 38.16
C PRO F 146 -2.88 9.77 38.05
N SER F 147 -2.20 9.75 39.20
CA SER F 147 -0.81 10.19 39.31
C SER F 147 0.12 9.44 38.37
N SER F 148 -0.16 8.15 38.18
CA SER F 148 0.61 7.27 37.29
C SER F 148 0.67 7.78 35.84
N GLU F 149 -0.40 8.44 35.40
CA GLU F 149 -0.46 9.07 34.06
C GLU F 149 0.34 10.36 33.95
N LEU F 150 0.90 10.84 35.05
CA LEU F 150 1.65 12.09 35.04
C LEU F 150 3.12 11.90 35.40
N ASN F 151 3.98 12.53 34.59
CA ASN F 151 5.42 12.66 34.88
C ASN F 151 5.99 13.85 34.13
N LEU F 152 7.25 14.18 34.39
CA LEU F 152 7.89 15.38 33.81
C LEU F 152 7.94 15.43 32.27
N THR F 153 8.19 14.29 31.65
CA THR F 153 8.32 14.19 30.20
C THR F 153 6.98 14.39 29.54
N VAL F 154 5.98 13.66 30.06
CA VAL F 154 4.57 13.81 29.65
C VAL F 154 4.15 15.26 29.78
N GLU F 155 4.45 15.84 30.92
CA GLU F 155 4.07 17.21 31.22
C GLU F 155 4.80 18.25 30.36
N ALA F 156 6.01 17.94 29.91
CA ALA F 156 6.74 18.78 28.94
C ALA F 156 6.04 18.82 27.58
N ARG F 157 5.60 17.67 27.10
CA ARG F 157 4.78 17.60 25.90
C ARG F 157 3.48 18.41 26.04
N GLN F 158 2.95 18.50 27.25
CA GLN F 158 1.77 19.33 27.53
C GLN F 158 2.08 20.80 27.34
N MET F 159 3.22 21.22 27.87
CA MET F 159 3.71 22.58 27.70
C MET F 159 4.02 22.91 26.24
N HIS F 160 4.62 21.94 25.55
CA HIS F 160 4.86 22.04 24.10
C HIS F 160 3.57 22.32 23.32
N GLU F 161 2.49 21.66 23.72
CA GLU F 161 1.15 21.92 23.17
C GLU F 161 0.60 23.31 23.50
N VAL F 162 0.88 23.81 24.71
CA VAL F 162 0.53 25.21 25.05
C VAL F 162 1.35 26.21 24.22
N VAL F 163 2.64 25.89 24.04
CA VAL F 163 3.53 26.74 23.24
C VAL F 163 2.99 26.85 21.81
N GLN F 164 2.89 25.72 21.12
CA GLN F 164 2.34 25.70 19.75
C GLN F 164 0.96 26.38 19.70
N GLY F 165 0.14 26.16 20.71
CA GLY F 165 -1.17 26.83 20.83
C GLY F 165 -1.14 28.35 20.81
N LEU F 166 -0.17 28.94 21.53
CA LEU F 166 -0.02 30.41 21.60
C LEU F 166 0.55 31.04 20.33
N ARG F 167 1.54 30.37 19.72
CA ARG F 167 2.12 30.84 18.46
C ARG F 167 1.05 30.92 17.37
N THR F 168 0.36 29.80 17.15
CA THR F 168 -0.63 29.67 16.09
C THR F 168 -1.85 30.56 16.25
N GLY F 169 -2.10 31.02 17.48
CA GLY F 169 -3.29 31.80 17.81
C GLY F 169 -4.45 30.92 18.24
N ARG F 170 -4.26 29.60 18.27
CA ARG F 170 -5.31 28.69 18.72
C ARG F 170 -5.75 29.08 20.15
N ILE F 171 -4.78 29.43 21.00
CA ILE F 171 -5.06 29.99 22.33
C ILE F 171 -4.86 31.48 22.22
N GLY F 172 -5.93 32.24 22.49
CA GLY F 172 -5.83 33.69 22.55
C GLY F 172 -6.29 34.42 21.32
N GLY F 173 -6.09 33.83 20.14
CA GLY F 173 -6.68 34.35 18.90
C GLY F 173 -5.70 35.08 18.00
N THR F 174 -4.99 36.04 18.57
CA THR F 174 -4.02 36.88 17.83
C THR F 174 -2.78 36.13 17.34
N GLY F 175 -2.23 35.29 18.22
CA GLY F 175 -1.05 34.51 17.90
C GLY F 175 0.15 35.30 18.32
N PHE F 176 1.22 34.62 18.71
CA PHE F 176 2.45 35.30 19.15
C PHE F 176 3.70 34.83 18.42
N GLY F 177 4.50 35.80 17.98
CA GLY F 177 5.74 35.54 17.23
C GLY F 177 6.89 35.03 18.09
N LYS F 178 6.97 35.50 19.33
CA LYS F 178 7.94 35.01 20.30
C LYS F 178 7.25 34.51 21.61
N VAL F 179 7.72 33.36 22.08
CA VAL F 179 7.21 32.70 23.28
C VAL F 179 8.40 32.43 24.21
N VAL F 180 8.35 33.01 25.40
CA VAL F 180 9.35 32.73 26.43
C VAL F 180 8.74 31.80 27.47
N LEU F 181 9.48 30.76 27.83
CA LEU F 181 9.02 29.76 28.77
C LEU F 181 9.68 30.00 30.14
N ALA F 182 8.87 30.36 31.13
CA ALA F 182 9.35 30.78 32.46
C ALA F 182 8.97 29.75 33.53
N GLY F 183 9.96 28.96 33.97
CA GLY F 183 9.74 27.85 34.89
C GLY F 183 10.18 28.16 36.30
N TYR F 184 9.42 27.68 37.29
CA TYR F 184 9.81 27.77 38.71
C TYR F 184 9.97 26.38 39.30
N ALA F 185 11.14 26.14 39.88
CA ALA F 185 11.41 24.94 40.67
C ALA F 185 11.26 23.65 39.84
N LEU F 186 10.36 22.72 40.20
CA LEU F 186 10.08 21.59 39.31
C LEU F 186 9.45 21.99 37.97
N GLY F 187 8.80 23.16 37.92
CA GLY F 187 8.33 23.76 36.67
C GLY F 187 9.46 24.14 35.72
N SER F 188 10.60 24.52 36.29
CA SER F 188 11.84 24.71 35.54
C SER F 188 12.39 23.42 35.00
N ALA F 189 12.14 22.31 35.68
CA ALA F 189 12.46 20.98 35.12
C ALA F 189 11.61 20.69 33.88
N VAL F 190 10.33 21.04 33.97
CA VAL F 190 9.37 20.87 32.87
C VAL F 190 9.73 21.79 31.69
N THR F 191 9.93 23.07 32.01
CA THR F 191 10.49 24.07 31.09
C THR F 191 11.79 23.66 30.35
N SER F 192 12.78 23.18 31.09
CA SER F 192 14.07 22.74 30.52
C SER F 192 13.82 21.59 29.53
N ILE F 193 13.08 20.58 29.96
CA ILE F 193 12.79 19.41 29.12
C ILE F 193 12.05 19.85 27.86
N GLU F 194 11.09 20.76 28.01
CA GLU F 194 10.35 21.27 26.88
C GLU F 194 11.32 21.93 25.92
N ALA F 195 12.10 22.87 26.43
CA ALA F 195 13.06 23.62 25.60
C ALA F 195 14.10 22.72 24.93
N SER F 196 14.49 21.63 25.58
CA SER F 196 15.51 20.70 25.06
C SER F 196 14.97 19.68 24.05
N THR F 197 13.72 19.25 24.24
CA THR F 197 13.09 18.25 23.35
C THR F 197 12.61 18.89 22.04
N PHE F 198 11.80 19.96 22.17
CA PHE F 198 11.06 20.55 21.03
C PHE F 198 11.71 21.79 20.40
N HIS F 199 12.56 22.51 21.15
CA HIS F 199 13.28 23.71 20.65
C HIS F 199 12.39 24.84 20.09
N ASP F 200 11.15 24.90 20.56
CA ASP F 200 10.13 25.81 20.02
C ASP F 200 9.89 27.04 20.90
N VAL F 201 10.88 27.39 21.72
CA VAL F 201 10.80 28.57 22.61
C VAL F 201 12.04 29.44 22.40
N ASP F 202 11.82 30.75 22.43
CA ASP F 202 12.84 31.71 22.04
C ASP F 202 13.84 32.02 23.17
N ALA F 203 13.37 31.91 24.41
CA ALA F 203 14.21 32.05 25.60
C ALA F 203 13.60 31.28 26.78
N VAL F 204 14.43 31.06 27.78
CA VAL F 204 14.10 30.20 28.90
C VAL F 204 14.49 30.91 30.19
N LEU F 205 13.57 31.08 31.11
CA LEU F 205 13.87 31.65 32.43
C LEU F 205 13.79 30.52 33.43
N ILE F 206 14.90 30.17 34.06
CA ILE F 206 14.96 29.10 35.06
C ILE F 206 15.06 29.79 36.43
N THR F 207 14.18 29.38 37.36
CA THR F 207 14.21 29.89 38.73
C THR F 207 14.09 28.73 39.70
N ALA F 208 14.86 28.80 40.80
CA ALA F 208 14.76 27.88 41.93
C ALA F 208 15.07 26.41 41.62
N LEU F 209 15.86 26.15 40.59
CA LEU F 209 16.26 24.77 40.31
C LEU F 209 17.73 24.72 39.89
N GLY F 210 18.57 24.23 40.80
CA GLY F 210 19.98 23.94 40.51
C GLY F 210 20.23 22.48 40.13
N HIS F 211 21.43 22.21 39.64
CA HIS F 211 21.88 20.85 39.27
C HIS F 211 22.50 20.07 40.44
N TYR F 212 23.06 20.80 41.40
CA TYR F 212 23.40 20.27 42.72
C TYR F 212 22.27 20.65 43.68
N ASN F 213 22.23 19.95 44.81
CA ASN F 213 21.16 20.12 45.79
C ASN F 213 21.48 19.55 47.16
N ASN F 214 20.70 20.01 48.13
CA ASN F 214 20.89 19.71 49.54
C ASN F 214 19.94 18.55 49.94
N PRO F 215 20.51 17.43 50.44
CA PRO F 215 19.62 16.35 50.86
C PRO F 215 18.96 16.54 52.24
N ALA F 216 19.39 17.55 53.01
CA ALA F 216 18.75 17.92 54.28
C ALA F 216 17.49 18.74 54.04
N GLY F 217 17.46 19.46 52.91
CA GLY F 217 16.30 20.25 52.50
C GLY F 217 15.22 19.44 51.81
N THR F 218 15.64 18.48 50.98
CA THR F 218 14.71 17.53 50.34
C THR F 218 14.00 16.68 51.40
N GLN F 219 14.79 16.15 52.34
CA GLN F 219 14.29 15.32 53.43
C GLN F 219 13.28 16.05 54.33
N ALA F 220 13.51 17.35 54.55
CA ALA F 220 12.62 18.17 55.38
C ALA F 220 11.20 18.30 54.81
N ILE F 221 11.10 18.19 53.48
CA ILE F 221 9.80 18.19 52.80
C ILE F 221 9.13 16.85 53.05
N ILE F 222 9.85 15.77 52.76
CA ILE F 222 9.39 14.39 53.02
C ILE F 222 8.83 14.26 54.43
N ASP F 223 9.58 14.80 55.40
CA ASP F 223 9.16 14.79 56.80
C ASP F 223 7.89 15.61 57.04
N ASN F 224 7.78 16.77 56.42
CA ASN F 224 6.56 17.60 56.50
C ASN F 224 5.49 17.37 55.41
N GLY F 225 5.52 16.19 54.81
CA GLY F 225 4.57 15.85 53.76
C GLY F 225 3.33 15.15 54.29
N LEU F 226 2.25 15.22 53.52
CA LEU F 226 1.04 14.48 53.78
C LEU F 226 0.21 14.39 52.51
N SER F 227 -0.87 13.60 52.56
CA SER F 227 -1.76 13.49 51.40
C SER F 227 -2.78 14.62 51.39
N PRO F 228 -3.06 15.21 50.22
CA PRO F 228 -4.01 16.33 50.12
C PRO F 228 -5.47 16.01 50.49
N ASN F 229 -5.82 14.74 50.65
CA ASN F 229 -7.13 14.34 51.19
C ASN F 229 -7.26 14.65 52.68
N ASP F 230 -6.11 14.73 53.36
CA ASP F 230 -6.02 15.02 54.77
C ASP F 230 -5.88 16.52 55.03
N ASP F 231 -5.71 17.31 53.98
CA ASP F 231 -5.50 18.74 54.17
C ASP F 231 -6.81 19.51 54.12
N PRO F 232 -7.04 20.44 55.06
CA PRO F 232 -8.30 21.21 55.06
C PRO F 232 -8.52 22.08 53.80
N VAL F 233 -7.45 22.67 53.26
CA VAL F 233 -7.53 23.56 52.09
C VAL F 233 -7.87 22.75 50.83
N LEU F 234 -7.38 21.50 50.77
CA LEU F 234 -7.46 20.66 49.57
C LEU F 234 -8.47 19.47 49.62
N LYS F 235 -8.93 19.07 50.81
CA LYS F 235 -9.76 17.84 50.94
C LYS F 235 -10.98 17.86 50.01
N ASP F 236 -11.74 18.96 50.05
CA ASP F 236 -13.03 19.09 49.34
C ASP F 236 -12.99 19.00 47.80
N ARG F 237 -11.92 19.51 47.19
CA ARG F 237 -11.89 19.71 45.74
C ARG F 237 -11.92 18.38 44.96
N HIS F 238 -11.05 17.45 45.34
CA HIS F 238 -10.99 16.13 44.73
C HIS F 238 -10.67 15.08 45.76
N HIS F 239 -10.92 13.83 45.41
CA HIS F 239 -10.25 12.74 46.07
C HIS F 239 -9.03 12.37 45.24
N TYR F 240 -7.86 12.72 45.75
CA TYR F 240 -6.58 12.45 45.10
C TYR F 240 -6.16 11.03 45.47
N ASP F 241 -5.58 10.31 44.51
CA ASP F 241 -5.00 9.00 44.82
C ASP F 241 -3.69 9.17 45.63
N ASP F 242 -3.08 8.06 46.04
CA ASP F 242 -1.88 8.10 46.92
C ASP F 242 -0.51 8.35 46.24
N GLY F 243 -0.53 8.74 44.97
CA GLY F 243 0.64 9.36 44.32
C GLY F 243 0.71 10.87 44.49
N TYR F 244 -0.32 11.47 45.09
CA TYR F 244 -0.39 12.93 45.27
C TYR F 244 -0.02 13.31 46.69
N ALA F 245 0.70 14.41 46.82
CA ALA F 245 1.18 14.89 48.11
C ALA F 245 1.09 16.39 48.17
N THR F 246 1.18 16.91 49.39
CA THR F 246 1.27 18.34 49.63
C THR F 246 2.03 18.55 50.95
N THR F 247 2.15 19.79 51.40
CA THR F 247 2.89 20.13 52.63
C THR F 247 1.96 20.28 53.82
N LYS F 248 2.52 20.11 55.02
CA LYS F 248 1.75 20.29 56.28
C LYS F 248 1.36 21.75 56.49
N PRO F 249 0.23 21.99 57.19
CA PRO F 249 -0.06 23.37 57.61
C PRO F 249 1.07 23.95 58.48
N GLY F 250 1.43 25.20 58.23
CA GLY F 250 2.57 25.84 58.90
C GLY F 250 3.99 25.48 58.45
N SER F 251 4.16 24.39 57.68
CA SER F 251 5.52 23.86 57.37
C SER F 251 6.24 24.54 56.19
N ARG F 252 5.52 25.33 55.40
CA ARG F 252 6.09 25.96 54.20
C ARG F 252 7.13 27.02 54.56
N LYS F 253 6.81 27.84 55.56
CA LYS F 253 7.75 28.82 56.12
C LYS F 253 9.15 28.23 56.28
N HIS F 254 9.26 27.04 56.86
CA HIS F 254 10.55 26.39 57.09
C HIS F 254 11.11 25.65 55.85
N VAL F 255 10.32 24.74 55.27
CA VAL F 255 10.84 23.85 54.19
C VAL F 255 11.18 24.53 52.86
N PHE F 256 10.47 25.62 52.54
CA PHE F 256 10.75 26.40 51.32
C PHE F 256 11.47 27.69 51.62
N TYR F 257 10.91 28.50 52.49
CA TYR F 257 11.39 29.87 52.64
C TYR F 257 12.56 30.03 53.62
N ALA F 258 12.91 28.96 54.34
CA ALA F 258 14.05 28.91 55.29
C ALA F 258 13.95 29.95 56.42
N ASP F 259 12.72 30.11 56.96
CA ASP F 259 12.43 30.99 58.11
C ASP F 259 12.85 32.46 57.95
N ARG F 260 12.92 32.93 56.71
CA ARG F 260 13.42 34.28 56.47
C ARG F 260 12.33 35.31 56.67
N PRO F 261 12.71 36.56 56.96
CA PRO F 261 11.71 37.61 57.16
C PRO F 261 10.80 37.79 55.94
N MET F 262 9.50 37.69 56.15
CA MET F 262 8.52 37.78 55.08
C MET F 262 7.25 38.39 55.64
N ASP F 263 6.48 39.01 54.77
CA ASP F 263 5.18 39.58 55.13
C ASP F 263 4.32 38.44 55.70
N PRO F 264 3.67 38.64 56.85
CA PRO F 264 2.79 37.60 57.38
C PRO F 264 1.66 37.21 56.42
N GLY F 265 1.02 38.22 55.84
CA GLY F 265 -0.03 38.03 54.85
C GLY F 265 0.38 37.20 53.63
N VAL F 266 1.64 37.26 53.23
CA VAL F 266 2.17 36.41 52.16
C VAL F 266 2.22 34.92 52.56
N LEU F 267 2.72 34.64 53.77
CA LEU F 267 2.77 33.26 54.26
C LEU F 267 1.38 32.68 54.45
N ALA F 268 0.43 33.50 54.91
CA ALA F 268 -0.98 33.09 55.07
C ALA F 268 -1.70 32.87 53.74
N THR F 269 -1.45 33.77 52.79
CA THR F 269 -1.99 33.65 51.42
C THR F 269 -1.39 32.45 50.70
N ASP F 270 -0.10 32.20 50.89
CA ASP F 270 0.55 31.02 50.30
C ASP F 270 -0.05 29.72 50.79
N GLU F 271 -0.29 29.61 52.10
CA GLU F 271 -0.95 28.42 52.69
C GLU F 271 -2.40 28.24 52.19
N LEU F 272 -3.09 29.34 51.92
CA LEU F 272 -4.45 29.28 51.39
C LEU F 272 -4.48 28.89 49.91
N THR F 273 -3.45 29.29 49.17
CA THR F 273 -3.34 29.02 47.72
C THR F 273 -2.38 27.88 47.35
N LYS F 274 -1.99 27.07 48.33
CA LYS F 274 -1.15 25.92 48.06
C LYS F 274 -1.92 24.88 47.26
N ASP F 275 -1.23 23.79 46.89
CA ASP F 275 -1.82 22.76 46.05
C ASP F 275 -1.11 21.43 46.23
N ALA F 276 -1.62 20.42 45.53
CA ALA F 276 -1.02 19.08 45.51
C ALA F 276 0.04 18.96 44.44
N ASN F 277 0.81 17.89 44.55
CA ASN F 277 1.89 17.57 43.62
C ASN F 277 2.16 16.07 43.53
N VAL F 278 2.36 15.60 42.30
CA VAL F 278 2.75 14.22 42.08
C VAL F 278 4.19 14.15 42.56
N PHE F 279 4.38 13.58 43.74
CA PHE F 279 5.70 13.57 44.38
C PHE F 279 6.79 12.72 43.70
N THR F 280 6.41 11.72 42.91
CA THR F 280 7.38 10.89 42.19
C THR F 280 8.23 11.68 41.19
N GLU F 281 7.66 12.74 40.61
CA GLU F 281 8.38 13.63 39.65
C GLU F 281 9.61 14.31 40.25
N ALA F 282 9.54 14.66 41.53
CA ALA F 282 10.69 15.19 42.29
C ALA F 282 11.94 14.29 42.26
N ALA F 283 11.74 12.98 42.35
CA ALA F 283 12.82 12.00 42.32
C ALA F 283 13.24 11.56 40.90
N ASP F 284 12.71 12.20 39.85
CA ASP F 284 13.07 11.86 38.46
C ASP F 284 14.54 12.21 38.22
N PRO F 285 15.31 11.29 37.60
CA PRO F 285 16.68 11.69 37.23
C PRO F 285 16.76 12.91 36.27
N LEU F 286 15.77 13.05 35.37
CA LEU F 286 15.65 14.20 34.43
C LEU F 286 15.63 15.60 35.06
N VAL F 287 15.24 15.67 36.34
CA VAL F 287 15.29 16.93 37.09
C VAL F 287 16.68 17.54 36.96
N ILE F 288 17.71 16.74 37.27
CA ILE F 288 19.13 17.18 37.33
C ILE F 288 20.02 16.61 36.21
N ASP F 289 19.42 16.11 35.13
CA ASP F 289 20.21 15.50 34.04
C ASP F 289 21.02 16.56 33.27
N PRO F 290 22.37 16.41 33.18
CA PRO F 290 23.18 17.38 32.42
C PRO F 290 22.89 17.41 30.93
N ALA F 291 22.56 16.26 30.36
CA ALA F 291 22.23 16.15 28.93
C ALA F 291 21.04 17.02 28.48
N VAL F 292 20.10 17.25 29.41
CA VAL F 292 18.87 18.02 29.12
C VAL F 292 19.17 19.53 29.03
N SER F 293 19.72 20.07 30.11
CA SER F 293 20.10 21.49 30.21
C SER F 293 21.14 21.92 29.17
N ARG F 294 22.11 21.05 28.91
CA ARG F 294 23.16 21.29 27.90
C ARG F 294 22.58 21.46 26.49
N ALA F 295 21.56 20.66 26.16
CA ALA F 295 20.93 20.71 24.84
C ALA F 295 20.25 22.04 24.46
N ILE F 296 19.95 22.88 25.46
CA ILE F 296 19.15 24.08 25.26
C ILE F 296 19.96 25.13 24.50
N ASP F 297 19.46 25.52 23.33
CA ASP F 297 20.23 26.33 22.38
C ASP F 297 19.75 27.79 22.29
N VAL F 298 19.08 28.26 23.32
CA VAL F 298 18.46 29.59 23.32
C VAL F 298 18.82 30.29 24.63
N PRO F 299 18.70 31.63 24.66
CA PRO F 299 19.02 32.40 25.87
C PRO F 299 18.38 31.82 27.14
N VAL F 300 19.18 31.67 28.20
CA VAL F 300 18.71 31.20 29.51
C VAL F 300 19.12 32.15 30.64
N MET F 301 18.12 32.66 31.36
CA MET F 301 18.32 33.30 32.66
C MET F 301 18.19 32.22 33.76
N PHE F 302 19.14 32.21 34.69
CA PHE F 302 19.16 31.24 35.79
C PHE F 302 19.06 31.98 37.13
N ALA F 303 17.99 31.78 37.87
CA ALA F 303 17.75 32.55 39.09
C ALA F 303 17.75 31.64 40.30
N LEU F 304 18.27 32.15 41.40
CA LEU F 304 18.31 31.38 42.63
C LEU F 304 18.26 32.30 43.83
N GLY F 305 17.80 31.75 44.94
CA GLY F 305 17.86 32.44 46.23
C GLY F 305 19.18 32.08 46.87
N ASP F 306 19.72 32.99 47.67
CA ASP F 306 20.99 32.74 48.37
C ASP F 306 20.83 31.77 49.56
N ARG F 307 19.68 31.84 50.26
CA ARG F 307 19.33 30.87 51.30
C ARG F 307 18.20 29.93 50.84
N ASP F 308 18.44 29.23 49.74
CA ASP F 308 17.52 28.23 49.23
C ASP F 308 17.76 26.95 50.01
N PRO F 309 16.77 26.52 50.81
CA PRO F 309 17.03 25.34 51.66
C PRO F 309 17.21 24.02 50.90
N LEU F 310 16.71 23.97 49.67
CA LEU F 310 16.78 22.75 48.87
C LEU F 310 18.05 22.61 48.04
N MET F 311 18.63 23.74 47.64
CA MET F 311 19.83 23.74 46.81
C MET F 311 21.09 24.07 47.57
N CYS F 312 21.03 25.17 48.33
CA CYS F 312 22.23 25.81 48.84
C CYS F 312 22.91 25.05 49.98
N GLY F 313 24.20 25.31 50.15
CA GLY F 313 25.01 24.70 51.18
C GLY F 313 26.43 24.42 50.73
N ASP F 314 27.33 24.38 51.70
CA ASP F 314 28.72 23.99 51.48
C ASP F 314 28.71 22.51 51.01
N GLY F 315 29.31 22.25 49.84
CA GLY F 315 29.33 20.92 49.23
C GLY F 315 28.24 20.68 48.20
N TYR F 316 27.33 21.64 48.03
CA TYR F 316 26.16 21.48 47.18
C TYR F 316 26.18 22.62 46.16
N GLU F 317 25.05 23.29 45.93
CA GLU F 317 25.00 24.52 45.15
C GLU F 317 25.79 25.60 45.91
N ASP F 318 26.54 26.41 45.17
CA ASP F 318 27.38 27.46 45.74
C ASP F 318 26.62 28.79 45.66
N CYS F 319 26.07 29.22 46.79
CA CYS F 319 25.23 30.41 46.87
C CYS F 319 25.93 31.55 47.64
N SER F 320 27.26 31.52 47.69
CA SER F 320 28.06 32.52 48.43
C SER F 320 28.12 33.86 47.69
N SER F 321 28.33 33.78 46.36
CA SER F 321 28.32 34.94 45.48
C SER F 321 27.75 34.60 44.10
N GLN F 322 27.26 35.63 43.41
CA GLN F 322 26.66 35.47 42.07
C GLN F 322 27.63 34.91 41.05
N ALA F 323 28.85 35.45 41.04
CA ALA F 323 29.92 34.97 40.15
C ALA F 323 30.26 33.50 40.36
N ALA F 324 30.36 33.09 41.63
CA ALA F 324 30.65 31.70 42.01
C ALA F 324 29.55 30.76 41.53
N LEU F 325 28.30 31.16 41.77
CA LEU F 325 27.13 30.41 41.27
C LEU F 325 27.15 30.23 39.74
N ARG F 326 27.57 31.28 39.04
CA ARG F 326 27.63 31.26 37.59
C ARG F 326 28.71 30.32 37.12
N ALA F 327 29.82 30.26 37.84
CA ALA F 327 30.94 29.35 37.53
C ALA F 327 30.53 27.88 37.61
N GLN F 328 29.85 27.57 38.70
CA GLN F 328 29.40 26.22 39.02
C GLN F 328 28.36 25.64 38.03
N GLU F 329 27.37 26.44 37.66
CA GLU F 329 26.29 26.03 36.74
C GLU F 329 26.69 26.05 35.27
N ALA F 330 27.64 26.92 34.89
CA ALA F 330 27.97 27.18 33.48
C ALA F 330 28.36 25.97 32.63
N PRO F 331 29.02 24.96 33.22
CA PRO F 331 29.24 23.71 32.46
C PRO F 331 27.96 23.00 31.96
N PHE F 332 26.82 23.25 32.64
CA PHE F 332 25.54 22.61 32.34
C PHE F 332 24.66 23.31 31.29
N TRP F 333 25.11 24.43 30.71
CA TRP F 333 24.30 25.19 29.75
C TRP F 333 25.09 25.55 28.48
N THR F 334 26.01 24.66 28.09
CA THR F 334 27.07 24.92 27.09
C THR F 334 26.60 25.27 25.66
N SER F 335 25.35 24.93 25.30
CA SER F 335 24.78 25.33 24.01
C SER F 335 23.95 26.63 24.05
N ALA F 336 23.76 27.21 25.24
CA ALA F 336 23.10 28.51 25.34
C ALA F 336 24.03 29.61 24.85
N PRO F 337 23.57 30.47 23.91
CA PRO F 337 24.42 31.58 23.47
C PRO F 337 24.73 32.53 24.60
N SER F 338 23.73 32.77 25.44
CA SER F 338 23.86 33.62 26.61
C SER F 338 23.36 32.88 27.84
N PHE F 339 24.14 32.90 28.91
CA PHE F 339 23.76 32.31 30.19
C PHE F 339 23.97 33.38 31.27
N ASP F 340 22.92 34.12 31.57
CA ASP F 340 22.98 35.09 32.64
C ASP F 340 22.63 34.39 33.95
N VAL F 341 22.93 35.05 35.06
CA VAL F 341 22.58 34.55 36.39
C VAL F 341 22.20 35.73 37.30
N ILE F 342 21.17 35.53 38.11
CA ILE F 342 20.83 36.42 39.23
C ILE F 342 20.78 35.59 40.52
N LEU F 343 21.36 36.15 41.58
CA LEU F 343 21.37 35.55 42.90
C LEU F 343 20.67 36.55 43.80
N VAL F 344 19.59 36.12 44.44
CA VAL F 344 18.74 37.01 45.22
C VAL F 344 19.18 36.90 46.68
N GLU F 345 19.50 38.06 47.28
CA GLU F 345 19.99 38.12 48.67
C GLU F 345 18.87 37.90 49.68
N ASP F 346 19.23 37.36 50.85
CA ASP F 346 18.31 37.18 51.98
C ASP F 346 17.05 36.34 51.64
N ALA F 347 17.16 35.50 50.62
CA ALA F 347 16.00 34.91 49.93
C ALA F 347 16.03 33.40 49.95
N GLY F 348 14.85 32.80 50.06
CA GLY F 348 14.68 31.36 50.11
C GLY F 348 14.43 30.77 48.75
N HIS F 349 13.64 29.70 48.73
CA HIS F 349 13.21 29.01 47.52
C HIS F 349 12.24 29.84 46.64
N GLY F 350 11.22 30.42 47.27
CA GLY F 350 10.19 31.19 46.56
C GLY F 350 10.53 32.65 46.30
N LEU F 351 11.20 32.90 45.17
CA LEU F 351 11.71 34.23 44.79
C LEU F 351 10.63 35.29 44.52
N ASN F 352 9.48 34.87 44.01
CA ASN F 352 8.38 35.79 43.76
C ASN F 352 7.75 36.36 45.03
N LEU F 353 7.97 35.68 46.15
CA LEU F 353 7.26 35.96 47.40
C LEU F 353 8.11 36.58 48.52
N VAL F 354 9.42 36.80 48.28
CA VAL F 354 10.29 37.46 49.26
C VAL F 354 10.04 38.98 49.32
N PRO F 355 10.45 39.67 50.41
CA PRO F 355 10.30 41.14 50.50
C PRO F 355 11.10 41.94 49.48
N ASN F 356 12.33 41.50 49.17
CA ASN F 356 13.15 42.12 48.12
C ASN F 356 12.99 41.43 46.75
N THR F 357 11.75 41.05 46.39
CA THR F 357 11.47 40.41 45.10
C THR F 357 11.64 41.39 43.91
N ARG F 358 11.49 42.69 44.16
CA ARG F 358 11.65 43.72 43.10
C ARG F 358 13.04 43.76 42.42
N VAL F 359 14.12 43.43 43.16
CA VAL F 359 15.47 43.31 42.57
C VAL F 359 15.55 42.15 41.59
N TYR F 360 14.82 41.08 41.90
CA TYR F 360 14.76 39.90 41.05
C TYR F 360 13.84 40.13 39.82
N GLN F 361 12.72 40.81 40.02
CA GLN F 361 11.75 41.10 38.96
C GLN F 361 12.30 42.02 37.87
N ASP F 362 12.97 43.09 38.32
CA ASP F 362 13.62 44.07 37.42
C ASP F 362 14.76 43.44 36.59
N ALA F 363 15.53 42.56 37.20
CA ALA F 363 16.58 41.81 36.48
C ALA F 363 16.03 40.89 35.40
N SER F 364 14.93 40.23 35.70
CA SER F 364 14.22 39.39 34.73
C SER F 364 13.63 40.25 33.62
N ARG F 365 12.99 41.36 33.99
CA ARG F 365 12.42 42.28 33.01
C ARG F 365 13.46 42.81 32.04
N ASP F 366 14.58 43.26 32.57
CA ASP F 366 15.68 43.77 31.75
C ASP F 366 16.29 42.68 30.87
N TRP F 367 16.43 41.48 31.41
CA TRP F 367 16.88 40.31 30.62
C TRP F 367 15.97 40.01 29.43
N LEU F 368 14.65 40.02 29.65
CA LEU F 368 13.69 39.83 28.57
C LEU F 368 13.89 40.88 27.47
N ASP F 369 13.86 42.15 27.84
CA ASP F 369 14.05 43.29 26.89
C ASP F 369 15.33 43.15 26.07
N ARG F 370 16.35 42.59 26.71
CA ARG F 370 17.65 42.33 26.11
C ARG F 370 17.70 41.13 25.13
N VAL F 371 17.10 40.00 25.50
CA VAL F 371 17.20 38.74 24.70
C VAL F 371 16.05 38.47 23.74
N VAL F 372 14.89 39.09 23.94
CA VAL F 372 13.75 38.96 23.00
C VAL F 372 13.05 40.27 22.61
N GLY F 373 12.74 41.13 23.59
CA GLY F 373 11.90 42.31 23.38
C GLY F 373 10.44 41.89 23.39
N HIS F 374 9.55 42.86 23.47
CA HIS F 374 8.12 42.55 23.50
C HIS F 374 7.40 42.75 22.17
N GLY F 375 8.01 43.47 21.22
CA GLY F 375 7.41 43.74 19.88
C GLY F 375 6.12 44.56 19.89
N LEU F 376 6.06 45.57 20.79
CA LEU F 376 4.85 46.38 21.11
C LEU F 376 3.83 45.66 22.01
N SER G 61 49.11 -23.80 19.64
CA SER G 61 48.53 -22.68 20.46
C SER G 61 47.01 -22.81 20.58
N ALA G 62 46.54 -23.98 21.03
CA ALA G 62 45.11 -24.23 21.26
C ALA G 62 44.93 -25.40 22.23
N ILE G 63 44.29 -25.15 23.38
CA ILE G 63 44.06 -26.20 24.39
C ILE G 63 42.86 -27.01 23.92
N CYS G 64 43.02 -28.33 23.85
CA CYS G 64 41.96 -29.22 23.36
C CYS G 64 41.74 -30.40 24.28
N ARG G 65 40.52 -30.55 24.79
CA ARG G 65 40.15 -31.71 25.63
C ARG G 65 39.00 -32.59 25.06
N ALA G 66 39.39 -33.81 24.64
CA ALA G 66 38.44 -34.83 24.17
C ALA G 66 37.65 -35.39 25.34
N THR G 67 36.34 -35.47 25.15
CA THR G 67 35.40 -35.94 26.18
C THR G 67 34.31 -36.84 25.55
N THR G 68 33.44 -37.38 26.40
CA THR G 68 32.32 -38.20 26.00
C THR G 68 31.08 -37.65 26.72
N VAL G 69 29.89 -37.76 26.13
CA VAL G 69 28.67 -37.21 26.73
C VAL G 69 27.57 -38.26 26.76
N GLU G 70 26.85 -38.33 27.89
CA GLU G 70 25.67 -39.17 28.02
C GLU G 70 24.52 -38.54 27.24
N VAL G 71 23.97 -39.29 26.29
CA VAL G 71 23.04 -38.74 25.30
C VAL G 71 21.86 -39.68 25.01
N THR G 72 20.64 -39.12 25.00
CA THR G 72 19.38 -39.87 24.90
C THR G 72 19.27 -40.75 23.66
N LEU G 73 18.84 -41.98 23.90
CA LEU G 73 18.82 -43.03 22.88
C LEU G 73 17.69 -43.94 23.23
N GLY G 74 16.52 -43.67 22.63
CA GLY G 74 15.25 -44.24 23.09
C GLY G 74 15.05 -43.87 24.55
N LYS G 75 14.77 -44.86 25.39
CA LYS G 75 14.74 -44.66 26.84
C LYS G 75 16.12 -44.53 27.51
N GLY G 76 17.16 -44.23 26.73
CA GLY G 76 18.45 -43.74 27.24
C GLY G 76 19.32 -44.90 27.64
N THR G 77 20.65 -44.78 27.61
CA THR G 77 21.42 -43.63 27.09
C THR G 77 22.54 -44.16 26.20
N GLY G 78 23.21 -43.25 25.51
CA GLY G 78 24.31 -43.62 24.62
C GLY G 78 25.41 -42.57 24.67
N LYS G 79 26.60 -42.96 24.24
CA LYS G 79 27.78 -42.09 24.34
C LYS G 79 28.10 -41.37 23.03
N MET G 80 28.10 -40.05 23.08
CA MET G 80 28.51 -39.18 21.97
C MET G 80 29.84 -38.51 22.31
N TRP G 81 30.85 -38.87 21.51
CA TRP G 81 32.18 -38.31 21.64
C TRP G 81 32.17 -36.92 21.01
N GLY G 82 33.00 -36.06 21.58
CA GLY G 82 33.24 -34.73 21.03
C GLY G 82 34.53 -34.20 21.59
N GLU G 83 35.06 -33.17 20.93
CA GLU G 83 36.28 -32.51 21.39
C GLU G 83 35.93 -31.08 21.73
N LEU G 84 36.34 -30.61 22.92
CA LEU G 84 36.22 -29.19 23.31
C LEU G 84 37.59 -28.52 23.24
N CYS G 85 37.68 -27.43 22.48
CA CYS G 85 38.94 -26.70 22.31
C CYS G 85 38.74 -25.23 22.65
N ARG G 86 39.70 -24.69 23.41
CA ARG G 86 39.77 -23.27 23.66
C ARG G 86 41.03 -22.68 22.98
N PRO G 87 40.98 -21.39 22.64
CA PRO G 87 42.22 -20.67 22.31
C PRO G 87 43.13 -20.59 23.54
N ALA G 88 44.42 -20.91 23.36
CA ALA G 88 45.40 -20.86 24.45
C ALA G 88 45.49 -19.45 25.12
N GLY G 89 45.54 -19.44 26.45
CA GLY G 89 45.61 -18.18 27.21
C GLY G 89 44.39 -17.28 27.03
N SER G 90 43.21 -17.90 27.07
CA SER G 90 41.94 -17.23 26.82
C SER G 90 40.77 -18.15 27.22
N SER G 91 39.67 -17.54 27.68
CA SER G 91 38.49 -18.26 28.17
C SER G 91 37.20 -17.63 27.60
N PRO G 92 36.82 -17.99 26.35
CA PRO G 92 35.72 -17.31 25.67
C PRO G 92 34.35 -17.64 26.25
N ASP G 93 33.41 -16.77 25.97
CA ASP G 93 32.05 -16.89 26.43
C ASP G 93 31.17 -17.55 25.38
N THR G 94 31.66 -17.61 24.13
CA THR G 94 30.92 -18.25 23.05
C THR G 94 31.59 -19.56 22.61
N VAL G 95 30.76 -20.57 22.36
CA VAL G 95 31.20 -21.86 21.80
C VAL G 95 30.43 -22.18 20.50
N VAL G 96 31.17 -22.49 19.44
CA VAL G 96 30.60 -22.94 18.16
C VAL G 96 30.57 -24.48 18.14
N THR G 97 29.39 -25.06 18.21
CA THR G 97 29.21 -26.52 18.17
C THR G 97 29.02 -27.02 16.73
N MET G 98 29.92 -27.91 16.30
CA MET G 98 29.99 -28.33 14.90
C MET G 98 29.51 -29.75 14.67
N VAL G 99 28.47 -29.87 13.84
CA VAL G 99 27.78 -31.13 13.58
C VAL G 99 28.04 -31.57 12.15
N HIS G 100 28.72 -32.70 12.01
CA HIS G 100 29.07 -33.21 10.70
C HIS G 100 27.87 -33.78 9.92
N GLY G 101 28.14 -34.15 8.67
CA GLY G 101 27.14 -34.62 7.74
C GLY G 101 27.41 -36.05 7.29
N ALA G 102 26.55 -36.53 6.41
CA ALA G 102 26.48 -37.94 6.02
C ALA G 102 27.76 -38.53 5.38
N THR G 103 28.20 -39.64 5.96
CA THR G 103 29.46 -40.37 5.64
C THR G 103 30.76 -39.63 5.98
N TYR G 104 30.66 -38.52 6.72
CA TYR G 104 31.80 -37.85 7.33
C TYR G 104 31.78 -38.12 8.83
N ASN G 105 32.81 -37.67 9.54
CA ASN G 105 32.77 -37.61 10.99
C ASN G 105 33.34 -36.25 11.43
N HIS G 106 33.72 -36.15 12.71
CA HIS G 106 34.26 -34.91 13.28
C HIS G 106 35.41 -34.31 12.45
N ASN G 107 36.15 -35.16 11.73
CA ASN G 107 37.29 -34.72 10.92
C ASN G 107 36.96 -33.64 9.89
N TYR G 108 35.76 -33.67 9.31
CA TYR G 108 35.33 -32.64 8.36
C TYR G 108 35.49 -31.20 8.90
N TRP G 109 35.10 -31.01 10.15
CA TRP G 109 35.19 -29.71 10.80
C TRP G 109 36.59 -29.44 11.29
N ASP G 110 37.28 -30.50 11.74
CA ASP G 110 38.68 -30.44 12.22
C ASP G 110 39.62 -31.37 11.43
N PHE G 111 39.87 -30.95 10.20
CA PHE G 111 40.59 -31.74 9.22
C PHE G 111 42.11 -31.80 9.51
N PRO G 112 42.73 -33.00 9.48
CA PRO G 112 44.11 -33.19 9.93
C PRO G 112 45.25 -32.95 8.90
N TYR G 113 44.93 -32.78 7.62
CA TYR G 113 45.92 -32.47 6.57
C TYR G 113 45.94 -30.96 6.27
N GLN G 114 47.10 -30.34 6.45
CA GLN G 114 47.22 -28.87 6.39
C GLN G 114 46.09 -28.16 7.15
N PRO G 115 46.02 -28.40 8.50
CA PRO G 115 44.99 -27.77 9.36
C PRO G 115 44.99 -26.23 9.34
N ASP G 116 46.18 -25.65 9.20
CA ASP G 116 46.37 -24.21 9.02
C ASP G 116 45.41 -23.66 7.95
N LYS G 117 45.24 -24.42 6.86
CA LYS G 117 44.36 -24.02 5.78
C LYS G 117 42.94 -24.57 5.90
N TYR G 118 42.80 -25.87 6.17
CA TYR G 118 41.51 -26.53 6.01
C TYR G 118 40.69 -26.69 7.29
N SER G 119 41.33 -26.71 8.45
CA SER G 119 40.62 -26.94 9.71
C SER G 119 39.80 -25.75 10.08
N PHE G 120 38.49 -25.91 9.99
CA PHE G 120 37.55 -24.84 10.32
C PHE G 120 37.60 -24.56 11.82
N ARG G 121 37.72 -25.62 12.63
CA ARG G 121 37.86 -25.51 14.07
C ARG G 121 39.06 -24.65 14.46
N LYS G 122 40.20 -24.92 13.84
CA LYS G 122 41.43 -24.21 14.15
C LYS G 122 41.35 -22.72 13.75
N MET G 123 40.65 -22.45 12.66
CA MET G 123 40.38 -21.07 12.28
C MET G 123 39.60 -20.35 13.38
N LEU G 124 38.57 -21.00 13.93
CA LEU G 124 37.69 -20.39 14.96
C LEU G 124 38.36 -20.16 16.32
N ASN G 125 39.17 -21.10 16.77
CA ASN G 125 40.02 -20.90 17.95
C ASN G 125 41.00 -19.75 17.75
N GLY G 126 41.48 -19.59 16.52
CA GLY G 126 42.25 -18.42 16.12
C GLY G 126 41.48 -17.14 16.38
N ALA G 127 40.23 -17.11 15.90
CA ALA G 127 39.33 -15.95 16.07
C ALA G 127 38.79 -15.72 17.52
N GLY G 128 39.29 -16.47 18.49
CA GLY G 128 38.90 -16.29 19.88
C GLY G 128 37.60 -16.98 20.30
N TYR G 129 37.16 -17.97 19.51
CA TYR G 129 35.93 -18.76 19.78
C TYR G 129 36.24 -20.18 20.28
N ALA G 130 35.54 -20.60 21.32
CA ALA G 130 35.60 -21.98 21.73
C ALA G 130 34.83 -22.80 20.71
N THR G 131 35.17 -24.08 20.63
CA THR G 131 34.65 -24.97 19.60
C THR G 131 34.35 -26.34 20.19
N PHE G 132 33.24 -26.93 19.77
CA PHE G 132 32.93 -28.29 20.16
C PHE G 132 32.54 -29.10 18.95
N VAL G 133 33.46 -29.94 18.50
CA VAL G 133 33.22 -30.78 17.33
C VAL G 133 32.79 -32.09 17.93
N VAL G 134 31.82 -32.72 17.28
CA VAL G 134 31.24 -33.92 17.79
C VAL G 134 31.35 -35.01 16.76
N ASP G 135 31.36 -36.25 17.26
CA ASP G 135 31.05 -37.46 16.48
C ASP G 135 29.58 -37.75 16.78
N ARG G 136 28.70 -37.51 15.81
CA ARG G 136 27.32 -38.06 15.83
C ARG G 136 27.30 -39.54 16.19
N LEU G 137 26.23 -40.02 16.84
CA LEU G 137 26.09 -41.45 17.10
C LEU G 137 25.99 -42.21 15.79
N GLY G 138 26.67 -43.36 15.74
CA GLY G 138 26.86 -44.14 14.51
C GLY G 138 28.18 -43.89 13.77
N THR G 139 29.01 -42.96 14.26
CA THR G 139 30.25 -42.57 13.58
C THR G 139 31.41 -42.36 14.55
N GLY G 140 32.62 -42.66 14.08
CA GLY G 140 33.85 -42.43 14.81
C GLY G 140 33.92 -43.15 16.15
N ASN G 141 34.27 -42.37 17.18
CA ASN G 141 34.46 -42.84 18.55
C ASN G 141 33.19 -42.81 19.40
N SER G 142 32.07 -42.39 18.82
CA SER G 142 30.78 -42.50 19.49
C SER G 142 30.24 -43.95 19.52
N THR G 143 29.14 -44.13 20.26
CA THR G 143 28.34 -45.36 20.25
C THR G 143 27.75 -45.60 18.88
N VAL G 144 27.87 -46.84 18.40
CA VAL G 144 27.27 -47.28 17.13
C VAL G 144 26.13 -48.23 17.47
N PRO G 145 24.90 -47.68 17.64
CA PRO G 145 23.77 -48.52 18.02
C PRO G 145 23.19 -49.25 16.82
N PRO G 146 22.06 -49.95 17.00
CA PRO G 146 21.18 -50.35 15.91
C PRO G 146 20.62 -49.17 15.12
N SER G 147 20.70 -49.28 13.80
CA SER G 147 20.30 -48.20 12.91
C SER G 147 18.85 -47.79 13.13
N SER G 148 18.01 -48.74 13.55
CA SER G 148 16.61 -48.46 13.91
C SER G 148 16.45 -47.40 15.00
N GLU G 149 17.35 -47.42 15.99
CA GLU G 149 17.34 -46.45 17.09
C GLU G 149 17.76 -45.05 16.68
N LEU G 150 18.36 -44.89 15.50
CA LEU G 150 18.80 -43.58 15.01
C LEU G 150 17.94 -42.97 13.88
N ASN G 151 17.62 -41.69 14.05
CA ASN G 151 17.02 -40.87 13.02
C ASN G 151 17.28 -39.38 13.37
N LEU G 152 16.87 -38.46 12.50
CA LEU G 152 17.21 -37.04 12.67
C LEU G 152 16.58 -36.39 13.89
N THR G 153 15.31 -36.71 14.15
CA THR G 153 14.56 -36.16 15.29
C THR G 153 15.25 -36.53 16.62
N VAL G 154 15.51 -37.83 16.77
CA VAL G 154 16.24 -38.36 17.92
C VAL G 154 17.54 -37.62 18.09
N GLU G 155 18.27 -37.50 16.98
CA GLU G 155 19.63 -36.94 16.94
C GLU G 155 19.67 -35.45 17.20
N ALA G 156 18.63 -34.75 16.77
CA ALA G 156 18.43 -33.36 17.13
C ALA G 156 18.28 -33.13 18.64
N ARG G 157 17.61 -34.06 19.32
CA ARG G 157 17.48 -34.01 20.77
C ARG G 157 18.80 -34.37 21.47
N GLN G 158 19.64 -35.14 20.80
CA GLN G 158 20.98 -35.44 21.28
C GLN G 158 21.85 -34.19 21.30
N MET G 159 21.77 -33.42 20.21
CA MET G 159 22.43 -32.11 20.12
C MET G 159 21.86 -31.08 21.10
N HIS G 160 20.55 -31.12 21.33
CA HIS G 160 19.93 -30.28 22.36
C HIS G 160 20.51 -30.52 23.74
N GLU G 161 20.80 -31.78 24.06
CA GLU G 161 21.45 -32.15 25.33
C GLU G 161 22.92 -31.75 25.38
N VAL G 162 23.61 -31.81 24.25
CA VAL G 162 24.97 -31.28 24.14
C VAL G 162 24.95 -29.75 24.37
N VAL G 163 24.03 -29.02 23.73
CA VAL G 163 23.96 -27.55 23.88
C VAL G 163 23.77 -27.17 25.34
N GLN G 164 22.76 -27.77 25.97
CA GLN G 164 22.48 -27.54 27.40
C GLN G 164 23.67 -27.82 28.30
N GLY G 165 24.37 -28.92 28.02
CA GLY G 165 25.59 -29.28 28.76
C GLY G 165 26.69 -28.22 28.69
N LEU G 166 26.91 -27.67 27.48
CA LEU G 166 27.86 -26.57 27.25
C LEU G 166 27.43 -25.28 27.94
N ARG G 167 26.13 -24.95 27.85
CA ARG G 167 25.55 -23.80 28.56
C ARG G 167 25.75 -23.90 30.06
N THR G 168 25.27 -25.00 30.65
CA THR G 168 25.36 -25.22 32.12
C THR G 168 26.81 -25.37 32.60
N GLY G 169 27.66 -25.97 31.78
CA GLY G 169 29.04 -26.29 32.16
C GLY G 169 29.28 -27.75 32.52
N ARG G 170 28.29 -28.61 32.33
CA ARG G 170 28.47 -30.07 32.48
C ARG G 170 29.45 -30.65 31.45
N ILE G 171 29.57 -29.98 30.31
CA ILE G 171 30.61 -30.24 29.33
C ILE G 171 31.60 -29.08 29.35
N GLY G 172 32.85 -29.37 29.70
CA GLY G 172 33.90 -28.36 29.66
C GLY G 172 34.15 -27.57 30.92
N GLY G 173 33.21 -27.59 31.87
CA GLY G 173 33.45 -27.08 33.23
C GLY G 173 33.08 -25.64 33.51
N THR G 174 33.53 -24.73 32.64
CA THR G 174 33.31 -23.29 32.82
C THR G 174 31.85 -22.87 32.59
N GLY G 175 31.23 -23.45 31.57
CA GLY G 175 29.90 -23.04 31.12
C GLY G 175 29.98 -21.87 30.15
N PHE G 176 29.10 -21.87 29.16
CA PHE G 176 29.06 -20.84 28.12
C PHE G 176 27.76 -20.03 28.19
N GLY G 177 27.87 -18.74 27.88
CA GLY G 177 26.72 -17.85 27.82
C GLY G 177 26.03 -17.86 26.46
N LYS G 178 26.85 -18.01 25.41
CA LYS G 178 26.36 -18.10 24.03
C LYS G 178 26.84 -19.38 23.33
N VAL G 179 25.91 -20.04 22.63
CA VAL G 179 26.19 -21.27 21.88
C VAL G 179 25.69 -21.13 20.44
N VAL G 180 26.61 -21.30 19.50
CA VAL G 180 26.32 -21.25 18.07
C VAL G 180 26.41 -22.67 17.54
N LEU G 181 25.33 -23.10 16.90
CA LEU G 181 25.21 -24.44 16.35
C LEU G 181 25.56 -24.39 14.86
N ALA G 182 26.59 -25.16 14.47
CA ALA G 182 27.10 -25.20 13.10
C ALA G 182 26.81 -26.57 12.51
N GLY G 183 26.17 -26.60 11.34
CA GLY G 183 25.82 -27.84 10.65
C GLY G 183 26.46 -27.99 9.28
N TYR G 184 26.74 -29.23 8.90
CA TYR G 184 27.18 -29.56 7.54
C TYR G 184 26.30 -30.63 6.98
N ALA G 185 25.61 -30.31 5.88
CA ALA G 185 24.87 -31.29 5.09
C ALA G 185 23.68 -31.92 5.88
N LEU G 186 23.60 -33.23 6.09
CA LEU G 186 22.56 -33.79 6.98
C LEU G 186 22.69 -33.25 8.41
N GLY G 187 23.89 -32.90 8.82
CA GLY G 187 24.11 -32.21 10.09
C GLY G 187 23.39 -30.87 10.19
N SER G 188 23.24 -30.18 9.05
CA SER G 188 22.40 -28.95 8.98
C SER G 188 20.92 -29.26 9.19
N ALA G 189 20.50 -30.47 8.86
CA ALA G 189 19.13 -30.94 9.12
C ALA G 189 18.96 -31.25 10.58
N VAL G 190 19.99 -31.83 11.18
CA VAL G 190 20.01 -32.08 12.62
C VAL G 190 20.05 -30.74 13.34
N THR G 191 20.95 -29.86 12.90
CA THR G 191 21.06 -28.47 13.37
C THR G 191 19.77 -27.62 13.33
N SER G 192 19.05 -27.65 12.20
CA SER G 192 17.83 -26.85 12.03
C SER G 192 16.66 -27.33 12.90
N ILE G 193 16.46 -28.66 12.92
CA ILE G 193 15.46 -29.33 13.78
C ILE G 193 15.74 -29.04 15.26
N GLU G 194 17.03 -29.00 15.62
CA GLU G 194 17.41 -28.63 16.97
C GLU G 194 16.93 -27.21 17.25
N ALA G 195 17.36 -26.24 16.44
CA ALA G 195 16.97 -24.82 16.59
C ALA G 195 15.47 -24.51 16.48
N SER G 196 14.74 -25.25 15.63
CA SER G 196 13.25 -25.13 15.50
C SER G 196 12.46 -25.63 16.69
N THR G 197 12.84 -26.80 17.19
CA THR G 197 12.18 -27.43 18.32
C THR G 197 12.51 -26.70 19.65
N PHE G 198 13.79 -26.54 19.97
CA PHE G 198 14.21 -26.12 21.32
C PHE G 198 14.53 -24.64 21.52
N HIS G 199 14.88 -23.93 20.45
CA HIS G 199 15.15 -22.47 20.50
C HIS G 199 16.16 -22.09 21.59
N ASP G 200 17.17 -22.95 21.77
CA ASP G 200 18.19 -22.78 22.82
C ASP G 200 19.56 -22.39 22.24
N VAL G 201 19.60 -21.93 20.99
CA VAL G 201 20.88 -21.59 20.33
C VAL G 201 20.83 -20.12 19.89
N ASP G 202 21.98 -19.44 20.01
CA ASP G 202 22.05 -18.00 19.73
C ASP G 202 22.28 -17.68 18.25
N ALA G 203 22.79 -18.65 17.48
CA ALA G 203 22.86 -18.50 16.03
C ALA G 203 23.04 -19.86 15.38
N VAL G 204 22.77 -19.89 14.08
CA VAL G 204 22.75 -21.12 13.28
C VAL G 204 23.60 -20.99 11.98
N LEU G 205 24.51 -21.94 11.75
CA LEU G 205 25.34 -21.95 10.53
C LEU G 205 25.02 -23.18 9.66
N ILE G 206 24.32 -22.93 8.57
CA ILE G 206 23.84 -23.96 7.65
C ILE G 206 24.76 -24.02 6.44
N THR G 207 25.32 -25.19 6.18
CA THR G 207 26.28 -25.37 5.09
C THR G 207 25.93 -26.65 4.36
N ALA G 208 26.07 -26.59 3.03
CA ALA G 208 25.85 -27.74 2.16
C ALA G 208 24.50 -28.43 2.34
N LEU G 209 23.43 -27.65 2.47
CA LEU G 209 22.06 -28.20 2.56
C LEU G 209 21.01 -27.15 2.17
N GLY G 210 20.41 -27.32 0.98
CA GLY G 210 19.32 -26.47 0.52
C GLY G 210 17.96 -27.11 0.68
N HIS G 211 16.92 -26.34 0.34
CA HIS G 211 15.52 -26.82 0.30
C HIS G 211 15.10 -27.38 -1.06
N TYR G 212 15.81 -27.03 -2.12
CA TYR G 212 15.71 -27.73 -3.39
C TYR G 212 16.96 -28.56 -3.58
N ASN G 213 16.89 -29.50 -4.50
CA ASN G 213 18.00 -30.44 -4.68
C ASN G 213 17.94 -31.16 -6.02
N ASN G 214 18.98 -31.94 -6.28
CA ASN G 214 19.13 -32.68 -7.53
C ASN G 214 18.91 -34.18 -7.27
N PRO G 215 17.92 -34.80 -7.94
CA PRO G 215 17.74 -36.26 -7.84
C PRO G 215 18.89 -37.07 -8.47
N ALA G 216 19.46 -36.56 -9.57
CA ALA G 216 20.61 -37.23 -10.23
C ALA G 216 21.89 -37.31 -9.37
N GLY G 217 22.12 -36.29 -8.54
CA GLY G 217 23.25 -36.30 -7.61
C GLY G 217 23.05 -37.23 -6.43
N THR G 218 21.83 -37.24 -5.91
CA THR G 218 21.44 -38.17 -4.84
C THR G 218 21.57 -39.62 -5.31
N GLN G 219 21.15 -39.87 -6.55
CA GLN G 219 21.21 -41.20 -7.16
C GLN G 219 22.65 -41.69 -7.30
N ALA G 220 23.55 -40.78 -7.63
CA ALA G 220 24.97 -41.10 -7.79
C ALA G 220 25.60 -41.65 -6.49
N ILE G 221 25.16 -41.13 -5.34
CA ILE G 221 25.61 -41.64 -4.04
C ILE G 221 25.07 -43.06 -3.83
N ILE G 222 23.80 -43.27 -4.20
CA ILE G 222 23.17 -44.58 -4.09
C ILE G 222 23.94 -45.55 -4.98
N ASP G 223 24.15 -45.20 -6.25
CA ASP G 223 24.92 -46.02 -7.22
C ASP G 223 26.34 -46.40 -6.77
N ASN G 224 26.98 -45.48 -6.04
CA ASN G 224 28.31 -45.69 -5.48
C ASN G 224 28.27 -46.00 -3.98
N GLY G 225 27.13 -46.48 -3.50
CA GLY G 225 26.98 -46.86 -2.09
C GLY G 225 27.42 -48.30 -1.86
N LEU G 226 27.87 -48.58 -0.64
CA LEU G 226 28.09 -49.96 -0.14
C LEU G 226 28.04 -50.02 1.39
N SER G 227 28.17 -51.23 1.91
CA SER G 227 28.12 -51.49 3.34
C SER G 227 29.50 -51.29 3.98
N PRO G 228 29.55 -50.70 5.19
CA PRO G 228 30.83 -50.54 5.88
C PRO G 228 31.50 -51.84 6.36
N ASN G 229 30.76 -52.95 6.38
CA ASN G 229 31.34 -54.27 6.60
C ASN G 229 32.18 -54.78 5.42
N ASP G 230 31.97 -54.21 4.22
CA ASP G 230 32.76 -54.54 3.00
C ASP G 230 33.95 -53.60 2.73
N ASP G 231 33.91 -52.42 3.35
CA ASP G 231 34.87 -51.35 3.09
C ASP G 231 36.19 -51.61 3.85
N PRO G 232 37.36 -51.43 3.19
CA PRO G 232 38.65 -51.65 3.87
C PRO G 232 38.97 -50.72 5.05
N VAL G 233 38.53 -49.47 4.97
CA VAL G 233 38.78 -48.49 6.06
C VAL G 233 37.92 -48.82 7.30
N LEU G 234 36.65 -49.21 7.08
CA LEU G 234 35.66 -49.37 8.16
C LEU G 234 35.42 -50.81 8.65
N LYS G 235 35.80 -51.78 7.83
CA LYS G 235 35.63 -53.21 8.11
C LYS G 235 35.84 -53.58 9.58
N ASP G 236 37.04 -53.29 10.08
CA ASP G 236 37.53 -53.79 11.36
C ASP G 236 36.84 -53.20 12.60
N ARG G 237 36.32 -51.96 12.46
CA ARG G 237 35.87 -51.15 13.61
C ARG G 237 34.65 -51.73 14.32
N HIS G 238 33.60 -52.02 13.55
CA HIS G 238 32.35 -52.55 14.08
C HIS G 238 31.71 -53.53 13.12
N HIS G 239 30.76 -54.30 13.65
CA HIS G 239 29.86 -55.10 12.83
C HIS G 239 28.57 -54.30 12.66
N TYR G 240 28.52 -53.52 11.59
CA TYR G 240 27.39 -52.63 11.35
C TYR G 240 26.19 -53.45 10.85
N ASP G 241 24.99 -53.06 11.27
CA ASP G 241 23.78 -53.71 10.74
C ASP G 241 23.41 -53.16 9.34
N ASP G 242 22.29 -53.63 8.79
CA ASP G 242 21.94 -53.43 7.38
C ASP G 242 21.36 -52.05 7.07
N GLY G 243 21.10 -51.27 8.13
CA GLY G 243 20.76 -49.85 8.00
C GLY G 243 21.94 -48.91 7.81
N TYR G 244 23.17 -49.40 7.98
CA TYR G 244 24.37 -48.56 7.85
C TYR G 244 24.98 -48.67 6.47
N ALA G 245 25.43 -47.53 5.96
CA ALA G 245 25.98 -47.42 4.61
C ALA G 245 27.08 -46.37 4.54
N THR G 246 28.05 -46.63 3.69
CA THR G 246 29.14 -45.72 3.41
C THR G 246 29.36 -45.68 1.89
N THR G 247 30.29 -44.84 1.45
CA THR G 247 30.58 -44.66 0.03
C THR G 247 31.73 -45.59 -0.45
N LYS G 248 31.69 -45.94 -1.73
CA LYS G 248 32.77 -46.74 -2.35
C LYS G 248 34.14 -46.05 -2.31
N PRO G 249 35.22 -46.85 -2.31
CA PRO G 249 36.56 -46.28 -2.54
C PRO G 249 36.71 -45.65 -3.94
N GLY G 250 37.22 -44.42 -3.96
CA GLY G 250 37.41 -43.65 -5.20
C GLY G 250 36.19 -42.94 -5.73
N SER G 251 35.08 -42.97 -4.99
CA SER G 251 33.82 -42.35 -5.43
C SER G 251 33.60 -40.92 -4.92
N ARG G 252 34.15 -40.61 -3.74
CA ARG G 252 33.94 -39.32 -3.05
C ARG G 252 34.32 -38.13 -3.91
N LYS G 253 35.39 -38.27 -4.67
CA LYS G 253 35.80 -37.29 -5.67
C LYS G 253 34.60 -36.89 -6.52
N HIS G 254 33.98 -37.87 -7.15
CA HIS G 254 32.86 -37.61 -8.07
C HIS G 254 31.59 -37.21 -7.33
N VAL G 255 31.13 -38.05 -6.41
CA VAL G 255 29.78 -37.87 -5.85
C VAL G 255 29.59 -36.61 -5.01
N PHE G 256 30.64 -36.20 -4.26
CA PHE G 256 30.57 -35.02 -3.38
C PHE G 256 31.25 -33.78 -3.94
N TYR G 257 32.49 -33.93 -4.41
CA TYR G 257 33.31 -32.79 -4.85
C TYR G 257 33.20 -32.46 -6.35
N ALA G 258 32.37 -33.19 -7.09
CA ALA G 258 31.98 -32.87 -8.48
C ALA G 258 33.15 -32.84 -9.47
N ASP G 259 34.17 -33.66 -9.19
CA ASP G 259 35.41 -33.66 -9.96
C ASP G 259 36.03 -32.25 -10.11
N ARG G 260 35.98 -31.46 -9.04
CA ARG G 260 36.56 -30.10 -9.01
C ARG G 260 38.01 -30.13 -8.50
N PRO G 261 38.86 -29.22 -9.02
CA PRO G 261 40.26 -29.23 -8.58
C PRO G 261 40.40 -29.18 -7.06
N MET G 262 41.21 -30.08 -6.51
CA MET G 262 41.53 -30.11 -5.09
C MET G 262 43.03 -30.34 -4.87
N ASP G 263 43.44 -30.30 -3.61
CA ASP G 263 44.75 -30.81 -3.21
C ASP G 263 44.61 -32.34 -3.19
N PRO G 264 45.58 -33.08 -3.80
CA PRO G 264 45.45 -34.55 -3.80
C PRO G 264 45.49 -35.18 -2.42
N GLY G 265 46.32 -34.65 -1.52
CA GLY G 265 46.36 -35.09 -0.12
C GLY G 265 45.05 -34.93 0.64
N VAL G 266 44.25 -33.93 0.27
CA VAL G 266 42.92 -33.72 0.86
C VAL G 266 41.98 -34.88 0.51
N LEU G 267 41.89 -35.23 -0.77
CA LEU G 267 41.06 -36.39 -1.23
C LEU G 267 41.50 -37.69 -0.59
N ALA G 268 42.82 -37.94 -0.64
CA ALA G 268 43.45 -39.09 0.00
C ALA G 268 43.13 -39.16 1.49
N THR G 269 43.28 -38.04 2.20
CA THR G 269 42.90 -37.92 3.63
C THR G 269 41.41 -38.09 3.86
N ASP G 270 40.60 -37.59 2.93
CA ASP G 270 39.13 -37.73 3.01
C ASP G 270 38.66 -39.18 2.87
N GLU G 271 39.28 -39.93 1.96
CA GLU G 271 39.05 -41.37 1.81
C GLU G 271 39.45 -42.20 3.04
N LEU G 272 40.50 -41.79 3.74
CA LEU G 272 40.94 -42.47 4.97
C LEU G 272 40.19 -42.06 6.29
N THR G 273 39.59 -40.86 6.32
CA THR G 273 38.81 -40.39 7.48
C THR G 273 37.28 -40.39 7.24
N LYS G 274 36.83 -41.12 6.21
CA LYS G 274 35.40 -41.27 5.95
C LYS G 274 34.75 -42.12 7.03
N ASP G 275 33.41 -42.17 7.02
CA ASP G 275 32.65 -42.99 7.99
C ASP G 275 31.32 -43.51 7.42
N ALA G 276 30.65 -44.35 8.20
CA ALA G 276 29.32 -44.89 7.89
C ALA G 276 28.18 -43.94 8.26
N ASN G 277 27.02 -44.17 7.63
CA ASN G 277 25.81 -43.37 7.82
C ASN G 277 24.54 -44.21 7.83
N VAL G 278 23.62 -43.85 8.72
CA VAL G 278 22.26 -44.37 8.73
C VAL G 278 21.58 -43.70 7.53
N PHE G 279 21.46 -44.47 6.44
CA PHE G 279 21.03 -43.89 5.15
C PHE G 279 19.55 -43.49 5.08
N THR G 280 18.69 -44.14 5.86
CA THR G 280 17.26 -43.80 5.88
C THR G 280 17.02 -42.32 6.27
N GLU G 281 17.90 -41.79 7.11
CA GLU G 281 17.87 -40.36 7.48
C GLU G 281 17.83 -39.40 6.27
N ALA G 282 18.56 -39.72 5.21
CA ALA G 282 18.61 -38.90 3.98
C ALA G 282 17.25 -38.73 3.26
N ALA G 283 16.41 -39.76 3.36
CA ALA G 283 15.08 -39.77 2.75
C ALA G 283 13.96 -39.32 3.72
N ASP G 284 14.33 -38.78 4.89
CA ASP G 284 13.36 -38.23 5.87
C ASP G 284 12.75 -36.93 5.30
N PRO G 285 11.41 -36.75 5.44
CA PRO G 285 10.79 -35.48 5.00
C PRO G 285 11.18 -34.19 5.79
N LEU G 286 11.68 -34.36 7.02
CA LEU G 286 12.18 -33.25 7.85
C LEU G 286 13.50 -32.61 7.42
N VAL G 287 14.22 -33.26 6.49
CA VAL G 287 15.44 -32.67 5.87
C VAL G 287 15.08 -31.35 5.18
N ILE G 288 14.05 -31.39 4.33
CA ILE G 288 13.65 -30.25 3.45
C ILE G 288 12.31 -29.59 3.84
N ASP G 289 11.79 -29.90 5.02
CA ASP G 289 10.45 -29.43 5.41
C ASP G 289 10.46 -27.92 5.72
N PRO G 290 9.72 -27.10 4.93
CA PRO G 290 9.70 -25.63 5.14
C PRO G 290 9.23 -25.21 6.52
N ALA G 291 8.42 -26.05 7.16
CA ALA G 291 7.96 -25.81 8.54
C ALA G 291 9.09 -25.76 9.57
N VAL G 292 10.17 -26.50 9.33
CA VAL G 292 11.31 -26.57 10.27
C VAL G 292 12.15 -25.28 10.20
N SER G 293 12.65 -24.96 9.01
CA SER G 293 13.51 -23.78 8.81
C SER G 293 12.84 -22.42 9.08
N ARG G 294 11.52 -22.33 8.80
CA ARG G 294 10.74 -21.10 9.04
C ARG G 294 10.50 -20.80 10.54
N ALA G 295 10.57 -21.82 11.39
CA ALA G 295 10.46 -21.65 12.85
C ALA G 295 11.73 -21.11 13.55
N ILE G 296 12.89 -21.24 12.91
CA ILE G 296 14.17 -20.78 13.51
C ILE G 296 14.14 -19.25 13.59
N ASP G 297 14.25 -18.72 14.81
CA ASP G 297 14.07 -17.29 15.12
C ASP G 297 15.39 -16.58 15.55
N VAL G 298 16.50 -17.02 14.97
CA VAL G 298 17.82 -16.49 15.31
C VAL G 298 18.66 -16.28 14.04
N PRO G 299 19.72 -15.47 14.14
CA PRO G 299 20.57 -15.22 12.99
C PRO G 299 21.02 -16.52 12.36
N VAL G 300 20.78 -16.66 11.07
CA VAL G 300 21.21 -17.84 10.34
C VAL G 300 22.20 -17.42 9.26
N MET G 301 23.25 -18.25 9.10
CA MET G 301 24.21 -18.13 8.02
C MET G 301 24.04 -19.33 7.10
N PHE G 302 23.75 -19.08 5.83
CA PHE G 302 23.55 -20.15 4.84
C PHE G 302 24.72 -20.20 3.87
N ALA G 303 25.30 -21.38 3.69
CA ALA G 303 26.47 -21.58 2.86
C ALA G 303 26.27 -22.74 1.88
N LEU G 304 26.91 -22.63 0.73
CA LEU G 304 26.71 -23.61 -0.34
C LEU G 304 27.75 -23.43 -1.42
N GLY G 305 28.24 -24.54 -1.96
CA GLY G 305 29.18 -24.50 -3.07
C GLY G 305 28.43 -24.29 -4.37
N ASP G 306 29.06 -23.65 -5.34
CA ASP G 306 28.39 -23.35 -6.61
C ASP G 306 28.29 -24.56 -7.55
N ARG G 307 29.21 -25.50 -7.41
CA ARG G 307 29.23 -26.71 -8.25
C ARG G 307 28.84 -27.93 -7.43
N ASP G 308 27.90 -27.73 -6.51
CA ASP G 308 27.46 -28.78 -5.59
C ASP G 308 26.53 -29.79 -6.29
N PRO G 309 27.03 -31.03 -6.53
CA PRO G 309 26.29 -32.00 -7.35
C PRO G 309 24.99 -32.50 -6.75
N LEU G 310 24.78 -32.31 -5.44
CA LEU G 310 23.53 -32.72 -4.77
C LEU G 310 22.42 -31.65 -4.71
N MET G 311 22.78 -30.36 -4.82
CA MET G 311 21.80 -29.27 -4.84
C MET G 311 21.70 -28.54 -6.19
N CYS G 312 22.85 -28.19 -6.76
CA CYS G 312 22.92 -27.28 -7.92
C CYS G 312 22.60 -27.93 -9.25
N GLY G 313 21.76 -27.24 -10.03
CA GLY G 313 21.32 -27.71 -11.34
C GLY G 313 20.20 -26.82 -11.83
N ASP G 314 19.98 -26.81 -13.15
CA ASP G 314 18.86 -26.09 -13.74
C ASP G 314 17.54 -26.73 -13.30
N GLY G 315 16.63 -25.92 -12.73
CA GLY G 315 15.37 -26.43 -12.17
C GLY G 315 15.43 -26.93 -10.73
N TYR G 316 16.58 -26.77 -10.08
CA TYR G 316 16.82 -27.20 -8.69
C TYR G 316 17.35 -26.00 -7.87
N GLU G 317 18.49 -26.15 -7.20
CA GLU G 317 19.11 -25.04 -6.45
C GLU G 317 19.80 -24.04 -7.39
N ASP G 318 19.43 -22.77 -7.29
CA ASP G 318 19.96 -21.71 -8.16
C ASP G 318 21.33 -21.27 -7.63
N CYS G 319 22.37 -21.81 -8.26
CA CYS G 319 23.75 -21.52 -7.88
C CYS G 319 24.46 -20.64 -8.91
N SER G 320 23.70 -19.94 -9.76
CA SER G 320 24.27 -19.05 -10.78
C SER G 320 24.98 -17.84 -10.15
N SER G 321 24.36 -17.26 -9.13
CA SER G 321 24.91 -16.14 -8.38
C SER G 321 24.44 -16.17 -6.92
N GLN G 322 25.19 -15.49 -6.04
CA GLN G 322 24.87 -15.39 -4.62
C GLN G 322 23.54 -14.67 -4.34
N ALA G 323 23.26 -13.60 -5.08
CA ALA G 323 21.96 -12.88 -4.96
C ALA G 323 20.78 -13.73 -5.40
N ALA G 324 20.96 -14.51 -6.45
CA ALA G 324 19.95 -15.46 -6.92
C ALA G 324 19.63 -16.53 -5.87
N LEU G 325 20.69 -17.13 -5.34
CA LEU G 325 20.60 -18.18 -4.30
C LEU G 325 19.87 -17.68 -3.06
N ARG G 326 20.17 -16.44 -2.66
CA ARG G 326 19.50 -15.77 -1.53
C ARG G 326 18.02 -15.54 -1.80
N ALA G 327 17.70 -15.12 -3.02
CA ALA G 327 16.29 -14.90 -3.45
C ALA G 327 15.45 -16.16 -3.30
N GLN G 328 16.05 -17.28 -3.67
CA GLN G 328 15.40 -18.60 -3.65
C GLN G 328 15.24 -19.23 -2.26
N GLU G 329 16.28 -19.11 -1.44
CA GLU G 329 16.25 -19.67 -0.07
C GLU G 329 15.47 -18.82 0.94
N ALA G 330 15.29 -17.53 0.65
CA ALA G 330 14.74 -16.57 1.63
C ALA G 330 13.31 -16.83 2.12
N PRO G 331 12.43 -17.38 1.26
CA PRO G 331 11.08 -17.72 1.77
C PRO G 331 11.09 -18.78 2.88
N PHE G 332 12.16 -19.58 2.94
CA PHE G 332 12.27 -20.65 3.94
C PHE G 332 12.82 -20.21 5.31
N TRP G 333 13.26 -18.96 5.44
CA TRP G 333 13.89 -18.45 6.67
C TRP G 333 13.26 -17.14 7.13
N THR G 334 11.92 -17.13 7.20
CA THR G 334 11.13 -15.89 7.43
C THR G 334 11.06 -15.39 8.89
N SER G 335 11.22 -16.30 9.86
CA SER G 335 11.29 -15.90 11.29
C SER G 335 12.67 -15.40 11.70
N ALA G 336 13.70 -15.67 10.90
CA ALA G 336 15.06 -15.24 11.23
C ALA G 336 15.16 -13.72 11.12
N PRO G 337 15.76 -13.05 12.13
CA PRO G 337 15.94 -11.60 12.08
C PRO G 337 17.01 -11.15 11.08
N SER G 338 18.02 -11.99 10.87
CA SER G 338 18.98 -11.83 9.77
C SER G 338 19.10 -13.15 9.00
N PHE G 339 19.18 -13.05 7.68
CA PHE G 339 19.51 -14.19 6.83
C PHE G 339 20.66 -13.78 5.89
N ASP G 340 21.81 -14.44 6.08
CA ASP G 340 23.00 -14.20 5.27
C ASP G 340 23.37 -15.43 4.46
N VAL G 341 23.91 -15.18 3.27
CA VAL G 341 24.17 -16.22 2.29
C VAL G 341 25.55 -16.07 1.74
N ILE G 342 26.28 -17.18 1.68
CA ILE G 342 27.54 -17.19 0.98
C ILE G 342 27.59 -18.32 -0.02
N LEU G 343 28.03 -17.96 -1.24
CA LEU G 343 28.15 -18.90 -2.34
C LEU G 343 29.61 -19.02 -2.75
N VAL G 344 30.17 -20.21 -2.58
CA VAL G 344 31.61 -20.46 -2.75
C VAL G 344 31.85 -20.87 -4.19
N GLU G 345 32.71 -20.14 -4.90
CA GLU G 345 32.95 -20.38 -6.32
C GLU G 345 33.87 -21.56 -6.53
N ASP G 346 33.69 -22.22 -7.67
CA ASP G 346 34.43 -23.43 -8.04
C ASP G 346 34.45 -24.52 -6.93
N ALA G 347 33.30 -24.70 -6.28
CA ALA G 347 33.20 -25.56 -5.08
C ALA G 347 32.05 -26.58 -5.15
N GLY G 348 32.36 -27.81 -4.76
CA GLY G 348 31.39 -28.88 -4.69
C GLY G 348 30.67 -28.87 -3.36
N HIS G 349 30.56 -30.07 -2.77
CA HIS G 349 29.74 -30.30 -1.58
C HIS G 349 30.58 -30.54 -0.32
N GLY G 350 31.78 -29.97 -0.26
CA GLY G 350 32.59 -30.02 0.96
C GLY G 350 33.33 -28.72 1.12
N LEU G 351 32.61 -27.70 1.59
CA LEU G 351 33.14 -26.32 1.66
C LEU G 351 34.41 -26.17 2.48
N ASN G 352 34.55 -26.95 3.54
CA ASN G 352 35.74 -26.92 4.37
C ASN G 352 37.00 -27.42 3.69
N LEU G 353 36.84 -28.23 2.65
CA LEU G 353 37.93 -28.95 2.03
C LEU G 353 38.31 -28.50 0.62
N VAL G 354 37.63 -27.49 0.08
CA VAL G 354 37.99 -26.95 -1.25
C VAL G 354 39.23 -26.01 -1.20
N PRO G 355 39.90 -25.80 -2.35
CA PRO G 355 41.09 -24.93 -2.36
C PRO G 355 40.81 -23.51 -1.88
N ASN G 356 39.72 -22.92 -2.38
CA ASN G 356 39.27 -21.61 -1.93
C ASN G 356 38.31 -21.71 -0.72
N THR G 357 38.70 -22.45 0.32
CA THR G 357 37.91 -22.55 1.54
C THR G 357 38.10 -21.33 2.45
N ARG G 358 39.20 -20.64 2.29
CA ARG G 358 39.48 -19.49 3.14
C ARG G 358 38.54 -18.30 2.92
N VAL G 359 38.00 -18.15 1.71
CA VAL G 359 36.96 -17.11 1.47
C VAL G 359 35.67 -17.43 2.24
N TYR G 360 35.35 -18.71 2.27
CA TYR G 360 34.26 -19.22 3.06
C TYR G 360 34.47 -19.02 4.58
N GLN G 361 35.63 -19.46 5.09
CA GLN G 361 36.01 -19.36 6.51
C GLN G 361 36.04 -17.95 7.08
N ASP G 362 36.54 -17.01 6.29
CA ASP G 362 36.64 -15.60 6.70
C ASP G 362 35.28 -14.94 6.84
N ALA G 363 34.39 -15.30 5.95
CA ALA G 363 33.07 -14.71 5.92
C ALA G 363 32.17 -15.23 7.03
N SER G 364 32.21 -16.55 7.24
CA SER G 364 31.64 -17.19 8.43
C SER G 364 32.15 -16.60 9.75
N ARG G 365 33.48 -16.45 9.86
CA ARG G 365 34.11 -15.81 11.02
C ARG G 365 33.60 -14.37 11.24
N ASP G 366 33.46 -13.61 10.14
CA ASP G 366 33.03 -12.23 10.21
C ASP G 366 31.54 -12.13 10.56
N TRP G 367 30.76 -13.08 10.10
CA TRP G 367 29.36 -13.20 10.51
C TRP G 367 29.18 -13.43 12.02
N LEU G 368 29.89 -14.43 12.56
CA LEU G 368 29.93 -14.71 14.01
C LEU G 368 30.24 -13.46 14.82
N ASP G 369 31.31 -12.77 14.43
CA ASP G 369 31.71 -11.51 15.09
C ASP G 369 30.59 -10.47 15.05
N ARG G 370 29.88 -10.41 13.93
CA ARG G 370 28.76 -9.50 13.80
C ARG G 370 27.55 -9.89 14.67
N VAL G 371 27.11 -11.15 14.63
CA VAL G 371 25.80 -11.55 15.24
C VAL G 371 25.84 -12.05 16.70
N VAL G 372 26.98 -12.56 17.13
CA VAL G 372 27.20 -12.99 18.53
C VAL G 372 28.43 -12.37 19.18
N GLY G 373 29.56 -12.31 18.47
CA GLY G 373 30.87 -12.01 19.08
C GLY G 373 31.33 -13.19 19.93
N HIS G 374 32.59 -13.18 20.32
CA HIS G 374 33.12 -14.26 21.15
C HIS G 374 33.00 -14.02 22.67
N GLY G 375 32.66 -12.79 23.09
CA GLY G 375 32.57 -12.41 24.51
C GLY G 375 33.93 -12.26 25.16
N LEU G 376 33.93 -12.12 26.50
CA LEU G 376 35.16 -12.09 27.33
C LEU G 376 36.45 -12.42 26.56
#